data_9EY0
#
_entry.id   9EY0
#
_cell.length_a   1.00
_cell.length_b   1.00
_cell.length_c   1.00
_cell.angle_alpha   90.00
_cell.angle_beta   90.00
_cell.angle_gamma   90.00
#
_symmetry.space_group_name_H-M   'P 1'
#
loop_
_entity.id
_entity.type
_entity.pdbx_description
1 polymer '3-hydroxyacyl-CoA dehydrogenase type-2'
2 polymer 'Zinc phosphodiesterase ELAC protein 2'
3 polymer mt-tRNA-His
4 polymer 'tRNA methyltransferase 10 homolog C'
5 non-polymer 'ZINC ION'
6 non-polymer "GUANOSINE-5'-TRIPHOSPHATE"
7 non-polymer S-ADENOSYLMETHIONINE
#
loop_
_entity_poly.entity_id
_entity_poly.type
_entity_poly.pdbx_seq_one_letter_code
_entity_poly.pdbx_strand_id
1 'polypeptide(L)'
;MAAACRSVKGLVAVITGGASGLGLATAERLVGQGASAVLLDLPNSGGEAQAKKLGNNCVFAPADVTSEKDVQTALALAKG
KFGRVDVAVNCAGIAVASKTYNLKKGQTHTLEDFQRVLDVNLMGTFNVIRLVAGEMGQNEPDQGGQRGVIINTASVAAFE
GQVGQAAYSASKGGIVGMTLPIARDLAPIGIRVMTIAPGLFGTPLLTSLPEKVCNFLASQVPFPSRLGDPAEYAHLVQAI
IENPFLNGEVIRLDGAIRMQP
;
A,B,C,D
2 'polypeptide(L)'
;SRPRKDPLRHLRTREKRGPSGCSGGPNTVYLQVVAAGSRDSGAALYVFSEFNRYLFNCGEGVQRLMQEHKLKVARLDNIF
LTRMHWSNVGGLSGMILTLKETGLPKCVLSGPPQLEKYLEAIKIFSGPLKGIELAVRPHSAPEYEDETMTVYQIPIHSEQ
RRGKHQPWQSPERPLSRLSPERSSDSESNENEPHLPHGVSQRRGVRDSSLVVAFICKLHLKRGNFLVLKAKEMGLPVGTA
AIAPIIAAVKDGKSITHEGREILAEELCTPPDPGAAFVVVECPDESFIQPICENATFQRYQGKADAPVALVVHMAPASVL
VDSRYQQWMERFGPDTQHLVLNENCASVHNLRSHKIQTQLNLIHPDIFPLLTSFRCKKEGPTLSVPMVQGECLLKYQLRP
RREWQRDAIITCNPEEFIVEALQLPNFQQSVQEYRRSAQDGPAPAEKRSQYPEIIFLGTGSAIPMKIRNVSATLVNISPD
TSLLLDCGEGTFGQLCRHYGDQVDRVLGTLAAVFVSHLHADHHTGLPSILLQRERALASLGKPLHPLLVVAPNQLKAWLQ
QYHNQCQEVLHHISMIPAKCLQEGAEISSPAVERLISSLLRTCDLEEFQTCLVRHCKHAFGCALVHTSGWKVVYSGDTMP
CEALVRMGKDATLLIHEATLEDGLEEEAVEKTHSTTSQAISVGMRMNAEFIMLNHFSQRYAKVPLFSPNFSEKVGVAFDH
MKVCFGDFPTMPKLIPPLKALFAGDIEEMEERREKRELRQVRAALLSRELAGGLEDGEPQQKRAHTEEPQAKKVRAQ
;
E
3 'polyribonucleotide' UAAAUAUAGUUUAACCAAAACAUCAGAUUGUGAAUCUGACAACAGAGGCUUACGACCCCUUAUUUACCCCA T
4 'polypeptide(L)'
;MKSSVQEECVSTISSSKDEDPLAATREFIEMWRLLGREVPEHITEEELKTLMECVSNTAKKKYLKYLYTKEKVKKARQIK
KEMKAAAREEAKNIKLLETTEEDKQKNFLFLRLWDRNMDIAMGWKGAQAMQFGQPLVFDMAYENYMKRKELQNTVSQLLE
SEGWNRRNVDPFHIYFCNLKIDGALHRELVKRYQEKWDKLLLTSTEKSHVDLFPKDSIIYLTADSPNVMTTFRHDKVYVI
GSFVDKSMQPGTSLAKAKRLNLATECLPLDKYLQWEIGNKNLTLDQMIRILLCLKNNGNWQEALQFVPKRKHTGFLEISQ
HSQEFINRLKKAKTAENLYFQSHHHHHHDYKDDDDK
;
F
#
loop_
_chem_comp.id
_chem_comp.type
_chem_comp.name
_chem_comp.formula
A RNA linking ADENOSINE-5'-MONOPHOSPHATE 'C10 H14 N5 O7 P'
C RNA linking CYTIDINE-5'-MONOPHOSPHATE 'C9 H14 N3 O8 P'
G RNA linking GUANOSINE-5'-MONOPHOSPHATE 'C10 H14 N5 O8 P'
GTP non-polymer GUANOSINE-5'-TRIPHOSPHATE 'C10 H16 N5 O14 P3'
SAM non-polymer S-ADENOSYLMETHIONINE 'C15 H22 N6 O5 S'
U RNA linking URIDINE-5'-MONOPHOSPHATE 'C9 H13 N2 O9 P'
ZN non-polymer 'ZINC ION' 'Zn 2'
#
# COMPACT_ATOMS: atom_id res chain seq x y z
N SER A 7 1.77 48.95 -33.51
CA SER A 7 3.04 48.24 -33.50
C SER A 7 3.84 48.58 -32.25
N VAL A 8 4.87 47.78 -31.98
CA VAL A 8 5.73 47.98 -30.81
C VAL A 8 7.06 48.61 -31.19
N LYS A 9 7.19 49.13 -32.40
CA LYS A 9 8.44 49.74 -32.82
C LYS A 9 8.66 51.04 -32.05
N GLY A 10 9.85 51.18 -31.46
CA GLY A 10 10.22 52.38 -30.73
C GLY A 10 9.83 52.38 -29.27
N LEU A 11 8.96 51.45 -28.84
CA LEU A 11 8.53 51.42 -27.46
C LEU A 11 9.65 50.90 -26.56
N VAL A 12 9.67 51.39 -25.33
CA VAL A 12 10.64 50.98 -24.31
C VAL A 12 9.89 50.15 -23.28
N ALA A 13 10.34 48.91 -23.07
CA ALA A 13 9.69 47.97 -22.18
C ALA A 13 10.59 47.67 -20.99
N VAL A 14 10.02 47.71 -19.79
CA VAL A 14 10.70 47.33 -18.56
C VAL A 14 10.12 46.00 -18.13
N ILE A 15 10.86 44.92 -18.36
CA ILE A 15 10.40 43.57 -18.12
C ILE A 15 11.00 43.10 -16.80
N THR A 16 10.14 42.88 -15.81
CA THR A 16 10.59 42.38 -14.51
C THR A 16 10.87 40.88 -14.60
N GLY A 17 11.99 40.46 -14.03
CA GLY A 17 12.39 39.07 -14.15
C GLY A 17 12.62 38.64 -15.57
N GLY A 18 13.26 39.49 -16.37
CA GLY A 18 13.47 39.25 -17.79
C GLY A 18 14.73 38.49 -18.13
N ALA A 19 15.45 37.95 -17.15
CA ALA A 19 16.68 37.21 -17.40
C ALA A 19 16.42 35.74 -17.68
N SER A 20 15.18 35.27 -17.60
CA SER A 20 14.86 33.88 -17.86
C SER A 20 13.35 33.71 -17.82
N GLY A 21 12.88 32.54 -18.26
CA GLY A 21 11.46 32.24 -18.20
C GLY A 21 10.66 33.12 -19.13
N LEU A 22 9.44 33.43 -18.71
CA LEU A 22 8.54 34.22 -19.55
C LEU A 22 9.11 35.61 -19.82
N GLY A 23 9.72 36.23 -18.82
CA GLY A 23 10.24 37.57 -19.00
C GLY A 23 11.26 37.66 -20.12
N LEU A 24 12.19 36.69 -20.16
CA LEU A 24 13.19 36.69 -21.23
C LEU A 24 12.55 36.50 -22.59
N ALA A 25 11.56 35.61 -22.68
CA ALA A 25 10.88 35.39 -23.95
C ALA A 25 10.19 36.67 -24.42
N THR A 26 9.55 37.40 -23.50
CA THR A 26 8.92 38.66 -23.87
C THR A 26 9.96 39.67 -24.36
N ALA A 27 11.12 39.72 -23.70
CA ALA A 27 12.16 40.63 -24.12
C ALA A 27 12.66 40.29 -25.53
N GLU A 28 12.82 39.00 -25.81
CA GLU A 28 13.33 38.59 -27.12
C GLU A 28 12.39 39.02 -28.23
N ARG A 29 11.08 38.82 -28.05
CA ARG A 29 10.12 39.17 -29.10
C ARG A 29 10.04 40.68 -29.29
N LEU A 30 9.92 41.42 -28.19
CA LEU A 30 9.81 42.87 -28.30
C LEU A 30 11.06 43.48 -28.92
N VAL A 31 12.23 43.03 -28.51
CA VAL A 31 13.48 43.53 -29.08
C VAL A 31 13.54 43.17 -30.57
N GLY A 32 13.18 41.95 -30.92
CA GLY A 32 13.17 41.54 -32.31
C GLY A 32 12.16 42.28 -33.16
N GLN A 33 11.16 42.89 -32.53
CA GLN A 33 10.14 43.65 -33.23
C GLN A 33 10.46 45.14 -33.27
N GLY A 34 11.65 45.55 -32.81
CA GLY A 34 12.07 46.94 -32.85
C GLY A 34 11.97 47.67 -31.53
N ALA A 35 11.36 47.07 -30.51
CA ALA A 35 11.24 47.73 -29.22
C ALA A 35 12.55 47.63 -28.44
N SER A 36 12.61 48.37 -27.35
CA SER A 36 13.75 48.37 -26.44
C SER A 36 13.32 47.77 -25.11
N ALA A 37 14.15 46.87 -24.57
CA ALA A 37 13.83 46.15 -23.35
C ALA A 37 14.81 46.50 -22.25
N VAL A 38 14.33 46.47 -21.01
CA VAL A 38 15.14 46.71 -19.83
C VAL A 38 14.91 45.54 -18.89
N LEU A 39 15.85 44.60 -18.85
CA LEU A 39 15.74 43.47 -17.95
C LEU A 39 15.87 43.93 -16.50
N LEU A 40 14.95 43.49 -15.65
CA LEU A 40 14.91 43.86 -14.24
C LEU A 40 14.82 42.58 -13.43
N ASP A 41 15.96 42.01 -13.07
CA ASP A 41 16.04 40.76 -12.32
C ASP A 41 17.13 40.89 -11.27
N LEU A 42 17.32 39.81 -10.51
CA LEU A 42 18.30 39.81 -9.44
C LEU A 42 19.71 39.82 -10.02
N PRO A 43 20.70 40.29 -9.23
CA PRO A 43 22.08 40.30 -9.74
C PRO A 43 22.60 38.91 -10.10
N ASN A 44 22.17 37.88 -9.41
CA ASN A 44 22.65 36.52 -9.65
C ASN A 44 21.83 35.78 -10.71
N SER A 45 20.82 36.42 -11.30
CA SER A 45 20.00 35.77 -12.32
C SER A 45 20.74 35.59 -13.64
N GLY A 46 21.92 36.19 -13.80
CA GLY A 46 22.63 36.08 -15.06
C GLY A 46 22.02 36.87 -16.19
N GLY A 47 21.28 37.94 -15.87
CA GLY A 47 20.65 38.74 -16.89
C GLY A 47 21.63 39.57 -17.71
N GLU A 48 22.83 39.83 -17.17
CA GLU A 48 23.81 40.60 -17.92
C GLU A 48 24.19 39.90 -19.22
N ALA A 49 24.40 38.58 -19.17
CA ALA A 49 24.71 37.85 -20.39
C ALA A 49 23.56 37.90 -21.38
N GLN A 50 22.33 37.76 -20.90
CA GLN A 50 21.17 37.82 -21.78
C GLN A 50 21.05 39.20 -22.42
N ALA A 51 21.28 40.26 -21.65
CA ALA A 51 21.19 41.61 -22.20
C ALA A 51 22.20 41.81 -23.32
N LYS A 52 23.43 41.34 -23.13
CA LYS A 52 24.43 41.46 -24.18
C LYS A 52 24.01 40.69 -25.43
N LYS A 53 23.47 39.49 -25.25
CA LYS A 53 23.07 38.67 -26.39
C LYS A 53 21.97 39.35 -27.20
N LEU A 54 21.00 39.96 -26.52
CA LEU A 54 19.86 40.56 -27.21
C LEU A 54 20.25 41.80 -28.01
N GLY A 55 21.44 42.34 -27.83
CA GLY A 55 21.92 43.46 -28.61
C GLY A 55 21.94 44.75 -27.80
N ASN A 56 22.23 45.83 -28.51
CA ASN A 56 22.34 47.14 -27.88
C ASN A 56 20.99 47.73 -27.49
N ASN A 57 19.89 47.16 -27.97
CA ASN A 57 18.56 47.64 -27.61
C ASN A 57 18.09 47.09 -26.27
N CYS A 58 18.86 46.22 -25.63
CA CYS A 58 18.50 45.63 -24.35
C CYS A 58 19.59 45.92 -23.33
N VAL A 59 19.17 46.24 -22.10
CA VAL A 59 20.09 46.49 -20.99
C VAL A 59 19.60 45.71 -19.78
N PHE A 60 20.52 45.46 -18.86
CA PHE A 60 20.24 44.71 -17.64
C PHE A 60 20.21 45.66 -16.46
N ALA A 61 19.14 45.59 -15.67
CA ALA A 61 18.96 46.43 -14.48
C ALA A 61 18.95 45.55 -13.25
N PRO A 62 20.05 45.44 -12.51
CA PRO A 62 20.05 44.59 -11.30
C PRO A 62 19.29 45.24 -10.17
N ALA A 63 18.15 44.66 -9.81
CA ALA A 63 17.32 45.19 -8.75
C ALA A 63 16.38 44.10 -8.24
N ASP A 64 15.95 44.26 -6.99
CA ASP A 64 15.01 43.35 -6.36
C ASP A 64 13.64 44.00 -6.33
N VAL A 65 12.61 43.25 -6.76
CA VAL A 65 11.28 43.82 -6.89
C VAL A 65 10.75 44.25 -5.54
N THR A 66 11.03 43.47 -4.49
CA THR A 66 10.48 43.76 -3.17
C THR A 66 11.04 45.02 -2.55
N SER A 67 12.12 45.57 -3.09
CA SER A 67 12.77 46.76 -2.53
C SER A 67 12.38 47.99 -3.34
N GLU A 68 11.85 49.01 -2.64
CA GLU A 68 11.50 50.25 -3.31
C GLU A 68 12.73 50.93 -3.89
N LYS A 69 13.83 50.98 -3.12
CA LYS A 69 15.03 51.64 -3.60
C LYS A 69 15.60 50.94 -4.83
N ASP A 70 15.63 49.61 -4.81
CA ASP A 70 16.21 48.87 -5.93
C ASP A 70 15.45 49.11 -7.21
N VAL A 71 14.11 49.10 -7.15
CA VAL A 71 13.30 49.32 -8.34
C VAL A 71 13.51 50.74 -8.86
N GLN A 72 13.59 51.72 -7.94
CA GLN A 72 13.81 53.10 -8.37
C GLN A 72 15.13 53.24 -9.13
N THR A 73 16.18 52.57 -8.64
CA THR A 73 17.45 52.61 -9.35
C THR A 73 17.32 51.99 -10.74
N ALA A 74 16.61 50.86 -10.85
CA ALA A 74 16.40 50.23 -12.14
C ALA A 74 15.61 51.14 -13.07
N LEU A 75 14.55 51.77 -12.56
CA LEU A 75 13.78 52.70 -13.38
C LEU A 75 14.63 53.88 -13.82
N ALA A 76 15.46 54.40 -12.91
CA ALA A 76 16.35 55.49 -13.27
C ALA A 76 17.32 55.07 -14.36
N LEU A 77 17.82 53.83 -14.29
CA LEU A 77 18.69 53.32 -15.34
C LEU A 77 17.97 53.28 -16.68
N ALA A 78 16.70 52.85 -16.67
CA ALA A 78 15.94 52.80 -17.92
C ALA A 78 15.77 54.19 -18.51
N LYS A 79 15.49 55.19 -17.67
CA LYS A 79 15.33 56.56 -18.17
C LYS A 79 16.62 57.07 -18.81
N GLY A 80 17.77 56.81 -18.17
CA GLY A 80 19.02 57.29 -18.71
C GLY A 80 19.35 56.68 -20.07
N LYS A 81 19.13 55.38 -20.21
CA LYS A 81 19.52 54.70 -21.45
C LYS A 81 18.55 55.03 -22.58
N PHE A 82 17.25 55.04 -22.31
CA PHE A 82 16.24 55.19 -23.35
C PHE A 82 15.42 56.46 -23.25
N GLY A 83 15.28 57.05 -22.06
CA GLY A 83 14.60 58.32 -21.88
C GLY A 83 13.15 58.22 -21.45
N ARG A 84 12.52 57.06 -21.63
CA ARG A 84 11.12 56.92 -21.27
C ARG A 84 10.80 55.45 -21.07
N VAL A 85 9.66 55.20 -20.41
CA VAL A 85 9.14 53.86 -20.17
C VAL A 85 7.73 53.80 -20.75
N ASP A 86 7.48 52.83 -21.61
CA ASP A 86 6.20 52.69 -22.30
C ASP A 86 5.43 51.44 -21.89
N VAL A 87 6.12 50.33 -21.63
CA VAL A 87 5.48 49.08 -21.28
C VAL A 87 6.19 48.49 -20.06
N ALA A 88 5.40 47.95 -19.13
CA ALA A 88 5.93 47.28 -17.96
C ALA A 88 5.33 45.88 -17.89
N VAL A 89 6.18 44.87 -17.84
CA VAL A 89 5.75 43.48 -17.78
C VAL A 89 6.25 42.89 -16.47
N ASN A 90 5.34 42.36 -15.66
CA ASN A 90 5.68 41.74 -14.39
C ASN A 90 5.68 40.23 -14.58
N CYS A 91 6.87 39.64 -14.54
CA CYS A 91 7.03 38.20 -14.73
C CYS A 91 7.78 37.52 -13.59
N ALA A 92 8.50 38.26 -12.76
CA ALA A 92 9.23 37.65 -11.66
C ALA A 92 8.26 37.04 -10.65
N GLY A 93 8.54 35.82 -10.22
CA GLY A 93 7.68 35.15 -9.26
C GLY A 93 8.36 33.93 -8.70
N ILE A 94 7.92 33.52 -7.51
CA ILE A 94 8.43 32.34 -6.83
C ILE A 94 7.25 31.52 -6.33
N ALA A 95 7.51 30.24 -6.06
CA ALA A 95 6.46 29.33 -5.61
C ALA A 95 7.05 28.35 -4.62
N VAL A 96 6.18 27.83 -3.76
CA VAL A 96 6.53 26.81 -2.78
C VAL A 96 5.43 25.76 -2.77
N ALA A 97 5.82 24.49 -2.74
CA ALA A 97 4.90 23.36 -2.74
C ALA A 97 4.83 22.82 -1.30
N SER A 98 3.91 23.37 -0.53
CA SER A 98 3.73 22.97 0.87
C SER A 98 2.25 23.03 1.21
N LYS A 99 1.75 21.98 1.86
CA LYS A 99 0.36 21.94 2.26
C LYS A 99 0.10 22.91 3.41
N THR A 100 -1.15 23.35 3.51
CA THR A 100 -1.55 24.21 4.63
C THR A 100 -1.35 23.49 5.96
N TYR A 101 -1.74 22.22 6.02
CA TYR A 101 -1.55 21.42 7.23
C TYR A 101 -1.61 19.96 6.85
N ASN A 102 -0.65 19.17 7.34
CA ASN A 102 -0.57 17.74 7.09
C ASN A 102 -0.87 17.02 8.40
N LEU A 103 -2.08 16.47 8.50
CA LEU A 103 -2.46 15.78 9.73
C LEU A 103 -1.61 14.53 9.96
N LYS A 104 -1.33 13.77 8.89
CA LYS A 104 -0.57 12.54 9.05
C LYS A 104 0.84 12.82 9.56
N LYS A 105 1.53 13.78 8.95
CA LYS A 105 2.88 14.14 9.34
C LYS A 105 2.92 15.22 10.42
N GLY A 106 1.78 15.80 10.77
CA GLY A 106 1.78 16.87 11.76
C GLY A 106 2.58 18.08 11.33
N GLN A 107 2.57 18.39 10.04
CA GLN A 107 3.33 19.51 9.49
C GLN A 107 2.38 20.65 9.16
N THR A 108 2.71 21.84 9.63
CA THR A 108 1.94 23.05 9.37
C THR A 108 2.74 23.97 8.46
N HIS A 109 2.05 24.62 7.53
CA HIS A 109 2.71 25.51 6.59
C HIS A 109 3.47 26.60 7.34
N THR A 110 4.72 26.81 6.95
CA THR A 110 5.53 27.83 7.60
C THR A 110 5.05 29.22 7.21
N LEU A 111 4.90 30.09 8.20
CA LEU A 111 4.45 31.45 7.93
C LEU A 111 5.44 32.22 7.08
N GLU A 112 6.74 32.01 7.30
CA GLU A 112 7.75 32.67 6.49
C GLU A 112 7.62 32.26 5.03
N ASP A 113 7.37 30.98 4.76
CA ASP A 113 7.17 30.52 3.40
C ASP A 113 6.01 31.25 2.74
N PHE A 114 4.89 31.37 3.46
CA PHE A 114 3.76 32.13 2.93
C PHE A 114 4.13 33.59 2.74
N GLN A 115 4.82 34.19 3.71
CA GLN A 115 5.21 35.58 3.59
C GLN A 115 6.16 35.79 2.42
N ARG A 116 7.15 34.91 2.26
CA ARG A 116 8.15 35.10 1.22
C ARG A 116 7.52 35.13 -0.16
N VAL A 117 6.59 34.21 -0.44
CA VAL A 117 5.93 34.21 -1.74
C VAL A 117 5.12 35.49 -1.93
N LEU A 118 4.50 35.98 -0.86
CA LEU A 118 3.69 37.18 -0.97
C LEU A 118 4.53 38.39 -1.36
N ASP A 119 5.71 38.54 -0.75
CA ASP A 119 6.52 39.72 -1.02
C ASP A 119 6.93 39.80 -2.49
N VAL A 120 7.35 38.66 -3.06
CA VAL A 120 7.86 38.67 -4.43
C VAL A 120 6.70 38.68 -5.43
N ASN A 121 5.77 37.73 -5.30
CA ASN A 121 4.73 37.59 -6.29
C ASN A 121 3.73 38.74 -6.24
N LEU A 122 3.27 39.10 -5.05
CA LEU A 122 2.21 40.09 -4.89
C LEU A 122 2.76 41.48 -4.56
N MET A 123 3.50 41.60 -3.46
CA MET A 123 4.04 42.90 -3.09
C MET A 123 5.02 43.41 -4.13
N GLY A 124 5.87 42.52 -4.65
CA GLY A 124 6.80 42.93 -5.69
C GLY A 124 6.09 43.45 -6.92
N THR A 125 5.00 42.80 -7.32
CA THR A 125 4.24 43.26 -8.48
C THR A 125 3.67 44.65 -8.23
N PHE A 126 3.12 44.89 -7.04
CA PHE A 126 2.58 46.20 -6.71
C PHE A 126 3.68 47.25 -6.65
N ASN A 127 4.85 46.88 -6.13
CA ASN A 127 5.95 47.83 -6.03
C ASN A 127 6.37 48.34 -7.40
N VAL A 128 6.44 47.44 -8.39
CA VAL A 128 6.78 47.87 -9.74
C VAL A 128 5.64 48.67 -10.35
N ILE A 129 4.39 48.26 -10.09
CA ILE A 129 3.25 48.93 -10.69
C ILE A 129 3.18 50.38 -10.24
N ARG A 130 3.33 50.62 -8.94
CA ARG A 130 3.21 51.97 -8.41
C ARG A 130 4.39 52.85 -8.82
N LEU A 131 5.60 52.28 -8.85
CA LEU A 131 6.77 53.07 -9.21
C LEU A 131 6.86 53.29 -10.72
N VAL A 132 6.60 52.24 -11.51
CA VAL A 132 6.65 52.39 -12.96
C VAL A 132 5.53 53.30 -13.44
N ALA A 133 4.37 53.27 -12.79
CA ALA A 133 3.29 54.17 -13.17
C ALA A 133 3.71 55.62 -13.07
N GLY A 134 4.53 55.95 -12.08
CA GLY A 134 5.05 57.31 -11.98
C GLY A 134 5.90 57.69 -13.18
N GLU A 135 6.75 56.77 -13.64
CA GLU A 135 7.54 57.03 -14.84
C GLU A 135 6.64 57.20 -16.06
N MET A 136 5.61 56.35 -16.18
CA MET A 136 4.68 56.47 -17.29
C MET A 136 3.89 57.76 -17.26
N GLY A 137 3.71 58.36 -16.08
CA GLY A 137 3.00 59.62 -16.00
C GLY A 137 3.70 60.74 -16.75
N GLN A 138 5.04 60.73 -16.75
CA GLN A 138 5.79 61.77 -17.46
C GLN A 138 5.56 61.69 -18.95
N ASN A 139 5.20 60.52 -19.48
CA ASN A 139 4.99 60.36 -20.91
C ASN A 139 3.84 61.23 -21.38
N GLU A 140 3.95 61.73 -22.60
CA GLU A 140 2.88 62.53 -23.17
C GLU A 140 1.86 61.62 -23.85
N PRO A 141 0.56 61.86 -23.66
CA PRO A 141 -0.43 60.98 -24.28
C PRO A 141 -0.29 60.95 -25.79
N ASP A 142 -0.48 59.76 -26.38
CA ASP A 142 -0.40 59.59 -27.81
C ASP A 142 -1.75 59.97 -28.44
N GLN A 143 -1.92 59.68 -29.72
CA GLN A 143 -3.19 59.99 -30.38
C GLN A 143 -4.36 59.34 -29.67
N GLY A 144 -4.16 58.16 -29.08
CA GLY A 144 -5.18 57.48 -28.33
C GLY A 144 -5.30 57.89 -26.88
N GLY A 145 -4.45 58.81 -26.41
CA GLY A 145 -4.49 59.24 -25.03
C GLY A 145 -3.85 58.28 -24.05
N GLN A 146 -3.05 57.33 -24.51
CA GLN A 146 -2.43 56.33 -23.65
C GLN A 146 -1.02 56.75 -23.28
N ARG A 147 -0.68 56.57 -22.00
CA ARG A 147 0.66 56.88 -21.51
C ARG A 147 1.54 55.65 -21.36
N GLY A 148 0.96 54.48 -21.13
CA GLY A 148 1.73 53.27 -20.99
C GLY A 148 0.82 52.08 -20.81
N VAL A 149 1.42 50.89 -20.84
CA VAL A 149 0.72 49.63 -20.67
C VAL A 149 1.44 48.81 -19.60
N ILE A 150 0.68 48.29 -18.65
CA ILE A 150 1.21 47.46 -17.58
C ILE A 150 0.58 46.08 -17.71
N ILE A 151 1.42 45.05 -17.80
CA ILE A 151 0.97 43.67 -17.94
C ILE A 151 1.47 42.88 -16.74
N ASN A 152 0.55 42.26 -16.02
CA ASN A 152 0.88 41.43 -14.87
C ASN A 152 0.78 39.95 -15.23
N THR A 153 1.52 39.14 -14.50
CA THR A 153 1.59 37.69 -14.74
C THR A 153 0.97 36.97 -13.54
N ALA A 154 -0.32 36.70 -13.63
CA ALA A 154 -1.02 35.87 -12.66
C ALA A 154 -0.82 34.40 -13.04
N SER A 155 -1.60 33.51 -12.45
CA SER A 155 -1.54 32.10 -12.80
C SER A 155 -2.93 31.50 -12.67
N VAL A 156 -3.11 30.34 -13.33
CA VAL A 156 -4.36 29.62 -13.21
C VAL A 156 -4.64 29.22 -11.77
N ALA A 157 -3.59 29.13 -10.95
CA ALA A 157 -3.78 28.86 -9.52
C ALA A 157 -4.65 29.91 -8.85
N ALA A 158 -4.67 31.14 -9.39
CA ALA A 158 -5.53 32.18 -8.82
C ALA A 158 -6.99 31.83 -8.95
N PHE A 159 -7.37 31.01 -9.92
CA PHE A 159 -8.74 30.56 -10.10
C PHE A 159 -8.98 29.19 -9.49
N GLU A 160 -8.16 28.20 -9.84
CA GLU A 160 -8.22 26.87 -9.23
C GLU A 160 -6.78 26.42 -9.00
N GLY A 161 -6.38 26.34 -7.73
CA GLY A 161 -5.05 25.91 -7.39
C GLY A 161 -5.00 24.46 -6.93
N GLN A 162 -3.80 23.88 -7.01
CA GLN A 162 -3.60 22.49 -6.67
C GLN A 162 -3.38 22.35 -5.17
N VAL A 163 -3.12 21.12 -4.72
CA VAL A 163 -2.82 20.88 -3.32
C VAL A 163 -1.41 21.37 -3.02
N GLY A 164 -1.27 22.14 -1.95
CA GLY A 164 0.02 22.72 -1.59
C GLY A 164 0.34 24.02 -2.29
N GLN A 165 -0.61 24.59 -3.03
CA GLN A 165 -0.40 25.84 -3.76
C GLN A 165 -1.08 27.02 -3.09
N ALA A 166 -1.38 26.90 -1.79
CA ALA A 166 -2.08 27.99 -1.09
C ALA A 166 -1.26 29.27 -1.11
N ALA A 167 0.04 29.17 -0.82
CA ALA A 167 0.87 30.36 -0.80
C ALA A 167 0.97 31.00 -2.18
N TYR A 168 1.24 30.19 -3.21
CA TYR A 168 1.31 30.71 -4.57
C TYR A 168 -0.03 31.22 -5.03
N SER A 169 -1.11 30.49 -4.72
CA SER A 169 -2.44 30.90 -5.15
C SER A 169 -2.84 32.23 -4.52
N ALA A 170 -2.53 32.41 -3.23
CA ALA A 170 -2.92 33.65 -2.56
C ALA A 170 -2.28 34.86 -3.21
N SER A 171 -1.00 34.78 -3.55
CA SER A 171 -0.32 35.91 -4.18
C SER A 171 -0.90 36.18 -5.57
N LYS A 172 -1.06 35.13 -6.38
CA LYS A 172 -1.64 35.31 -7.70
C LYS A 172 -3.10 35.72 -7.63
N GLY A 173 -3.82 35.27 -6.60
CA GLY A 173 -5.18 35.74 -6.41
C GLY A 173 -5.24 37.23 -6.16
N GLY A 174 -4.27 37.76 -5.42
CA GLY A 174 -4.23 39.20 -5.18
C GLY A 174 -4.04 39.99 -6.47
N ILE A 175 -3.18 39.51 -7.36
CA ILE A 175 -2.97 40.20 -8.63
C ILE A 175 -4.27 40.26 -9.43
N VAL A 176 -5.00 39.14 -9.49
CA VAL A 176 -6.25 39.11 -10.22
C VAL A 176 -7.25 40.07 -9.57
N GLY A 177 -7.33 40.06 -8.24
CA GLY A 177 -8.28 40.93 -7.56
C GLY A 177 -7.96 42.40 -7.75
N MET A 178 -6.67 42.75 -7.73
CA MET A 178 -6.24 44.14 -7.81
C MET A 178 -6.00 44.61 -9.24
N THR A 179 -6.28 43.76 -10.24
CA THR A 179 -6.10 44.17 -11.62
C THR A 179 -7.05 45.30 -11.99
N LEU A 180 -8.36 45.10 -11.75
CA LEU A 180 -9.34 46.13 -12.12
C LEU A 180 -9.18 47.38 -11.28
N PRO A 181 -9.06 47.31 -9.95
CA PRO A 181 -8.91 48.55 -9.17
C PRO A 181 -7.73 49.41 -9.62
N ILE A 182 -6.60 48.79 -9.96
CA ILE A 182 -5.47 49.56 -10.46
C ILE A 182 -5.79 50.12 -11.84
N ALA A 183 -6.49 49.34 -12.67
CA ALA A 183 -6.89 49.85 -13.98
C ALA A 183 -7.79 51.08 -13.83
N ARG A 184 -8.74 51.02 -12.89
CA ARG A 184 -9.57 52.19 -12.61
C ARG A 184 -8.73 53.33 -12.01
N ASP A 185 -7.76 52.98 -11.16
CA ASP A 185 -6.94 54.01 -10.53
C ASP A 185 -6.14 54.79 -11.57
N LEU A 186 -5.53 54.10 -12.52
CA LEU A 186 -4.69 54.72 -13.53
C LEU A 186 -5.45 55.04 -14.82
N ALA A 187 -6.74 54.78 -14.88
CA ALA A 187 -7.51 55.11 -16.07
C ALA A 187 -7.46 56.61 -16.38
N PRO A 188 -7.62 57.52 -15.42
CA PRO A 188 -7.56 58.95 -15.78
C PRO A 188 -6.26 59.36 -16.46
N ILE A 189 -5.13 58.77 -16.05
CA ILE A 189 -3.84 59.13 -16.62
C ILE A 189 -3.54 58.24 -17.83
N GLY A 190 -4.54 57.48 -18.28
CA GLY A 190 -4.40 56.72 -19.51
C GLY A 190 -3.35 55.64 -19.49
N ILE A 191 -3.30 54.85 -18.42
CA ILE A 191 -2.41 53.69 -18.33
C ILE A 191 -3.26 52.44 -18.26
N ARG A 192 -3.01 51.50 -19.16
CA ARG A 192 -3.79 50.26 -19.24
C ARG A 192 -3.11 49.17 -18.41
N VAL A 193 -3.91 48.49 -17.59
CA VAL A 193 -3.42 47.41 -16.74
C VAL A 193 -4.13 46.13 -17.17
N MET A 194 -3.35 45.11 -17.52
CA MET A 194 -3.88 43.82 -17.94
C MET A 194 -3.13 42.72 -17.20
N THR A 195 -3.80 41.57 -17.04
CA THR A 195 -3.24 40.43 -16.34
C THR A 195 -3.30 39.21 -17.25
N ILE A 196 -2.21 38.48 -17.34
CA ILE A 196 -2.13 37.22 -18.08
C ILE A 196 -2.00 36.09 -17.07
N ALA A 197 -2.85 35.08 -17.21
CA ALA A 197 -2.85 33.95 -16.29
C ALA A 197 -2.38 32.70 -17.01
N PRO A 198 -1.08 32.60 -17.32
CA PRO A 198 -0.59 31.41 -18.02
C PRO A 198 -0.77 30.14 -17.20
N GLY A 199 -0.99 29.03 -17.90
CA GLY A 199 -1.13 27.75 -17.25
C GLY A 199 0.20 27.04 -17.06
N LEU A 200 0.34 25.86 -17.64
CA LEU A 200 1.57 25.09 -17.57
C LEU A 200 2.49 25.51 -18.70
N PHE A 201 3.58 26.19 -18.37
CA PHE A 201 4.53 26.70 -19.34
C PHE A 201 5.93 26.13 -19.07
N GLY A 202 6.73 26.07 -20.13
CA GLY A 202 8.08 25.56 -20.02
C GLY A 202 9.00 26.56 -19.35
N THR A 203 8.78 26.79 -18.07
CA THR A 203 9.53 27.76 -17.28
C THR A 203 10.20 27.07 -16.11
N PRO A 204 11.24 27.68 -15.52
CA PRO A 204 11.92 27.03 -14.39
C PRO A 204 11.02 26.78 -13.20
N LEU A 205 9.94 27.55 -13.04
CA LEU A 205 9.03 27.33 -11.92
C LEU A 205 8.41 25.94 -12.00
N LEU A 206 7.98 25.52 -13.19
CA LEU A 206 7.37 24.20 -13.37
C LEU A 206 8.38 23.10 -13.67
N THR A 207 9.60 23.47 -14.09
CA THR A 207 10.62 22.46 -14.36
C THR A 207 11.10 21.79 -13.08
N SER A 208 10.99 22.47 -11.93
CA SER A 208 11.43 21.89 -10.67
C SER A 208 10.63 20.64 -10.31
N LEU A 209 9.44 20.48 -10.86
CA LEU A 209 8.64 19.31 -10.58
C LEU A 209 9.29 18.07 -11.19
N PRO A 210 8.95 16.88 -10.70
CA PRO A 210 9.50 15.66 -11.29
C PRO A 210 9.17 15.57 -12.77
N GLU A 211 10.11 15.03 -13.54
CA GLU A 211 9.91 14.95 -14.99
C GLU A 211 8.64 14.19 -15.34
N LYS A 212 8.32 13.15 -14.57
CA LYS A 212 7.11 12.38 -14.86
C LYS A 212 5.85 13.17 -14.50
N VAL A 213 5.92 14.02 -13.48
CA VAL A 213 4.80 14.91 -13.18
C VAL A 213 4.57 15.87 -14.35
N CYS A 214 5.66 16.45 -14.87
CA CYS A 214 5.52 17.42 -15.95
C CYS A 214 4.89 16.77 -17.18
N ASN A 215 5.29 15.55 -17.49
CA ASN A 215 4.73 14.87 -18.66
C ASN A 215 3.22 14.67 -18.51
N PHE A 216 2.78 14.23 -17.34
CA PHE A 216 1.35 14.01 -17.12
C PHE A 216 0.58 15.34 -17.18
N LEU A 217 1.09 16.37 -16.52
CA LEU A 217 0.41 17.65 -16.52
C LEU A 217 0.34 18.22 -17.92
N ALA A 218 1.41 18.08 -18.71
CA ALA A 218 1.38 18.55 -20.09
C ALA A 218 0.34 17.81 -20.90
N SER A 219 0.23 16.49 -20.70
CA SER A 219 -0.73 15.69 -21.47
C SER A 219 -2.18 16.01 -21.11
N GLN A 220 -2.42 16.64 -19.97
CA GLN A 220 -3.78 16.92 -19.52
C GLN A 220 -4.35 18.19 -20.15
N VAL A 221 -3.56 18.94 -20.90
CA VAL A 221 -4.05 20.13 -21.59
C VAL A 221 -4.91 19.65 -22.76
N PRO A 222 -6.19 20.05 -22.84
CA PRO A 222 -7.04 19.61 -23.96
C PRO A 222 -6.39 19.82 -25.31
N PHE A 223 -6.00 21.07 -25.61
CA PHE A 223 -5.32 21.35 -26.86
C PHE A 223 -4.66 22.72 -26.82
N PRO A 224 -3.37 22.83 -27.16
CA PRO A 224 -2.44 21.76 -27.54
C PRO A 224 -2.02 20.95 -26.32
N SER A 225 -1.77 19.64 -26.48
CA SER A 225 -1.42 18.77 -25.35
C SER A 225 0.09 18.85 -25.11
N ARG A 226 0.53 20.03 -24.70
CA ARG A 226 1.94 20.26 -24.41
C ARG A 226 2.07 21.46 -23.49
N LEU A 227 3.26 21.59 -22.89
CA LEU A 227 3.53 22.73 -22.03
C LEU A 227 3.55 24.01 -22.85
N GLY A 228 3.01 25.09 -22.26
CA GLY A 228 2.98 26.37 -22.94
C GLY A 228 4.35 26.88 -23.31
N ASP A 229 4.53 27.24 -24.57
CA ASP A 229 5.80 27.79 -25.02
C ASP A 229 5.94 29.23 -24.54
N PRO A 230 7.07 29.60 -23.92
CA PRO A 230 7.22 31.00 -23.50
C PRO A 230 7.08 31.99 -24.65
N ALA A 231 7.42 31.58 -25.87
CA ALA A 231 7.23 32.46 -27.01
C ALA A 231 5.75 32.79 -27.20
N GLU A 232 4.87 31.83 -26.93
CA GLU A 232 3.43 32.09 -27.03
C GLU A 232 3.00 33.15 -26.02
N TYR A 233 3.55 33.10 -24.81
CA TYR A 233 3.25 34.14 -23.83
C TYR A 233 3.70 35.51 -24.32
N ALA A 234 4.87 35.57 -24.96
CA ALA A 234 5.35 36.84 -25.51
C ALA A 234 4.41 37.34 -26.60
N HIS A 235 3.91 36.44 -27.44
CA HIS A 235 2.99 36.84 -28.51
C HIS A 235 1.73 37.47 -27.92
N LEU A 236 1.18 36.88 -26.86
CA LEU A 236 0.01 37.45 -26.22
C LEU A 236 0.32 38.81 -25.61
N VAL A 237 1.53 38.97 -25.06
CA VAL A 237 1.93 40.25 -24.49
C VAL A 237 1.93 41.32 -25.57
N GLN A 238 2.46 41.00 -26.75
CA GLN A 238 2.47 41.96 -27.85
C GLN A 238 1.05 42.31 -28.28
N ALA A 239 0.16 41.32 -28.32
CA ALA A 239 -1.22 41.59 -28.71
C ALA A 239 -1.89 42.54 -27.73
N ILE A 240 -1.66 42.36 -26.43
CA ILE A 240 -2.23 43.26 -25.43
C ILE A 240 -1.68 44.66 -25.63
N ILE A 241 -0.39 44.78 -25.92
CA ILE A 241 0.21 46.10 -26.12
C ILE A 241 -0.41 46.78 -27.34
N GLU A 242 -0.59 46.04 -28.43
CA GLU A 242 -1.11 46.63 -29.66
C GLU A 242 -2.59 46.98 -29.53
N ASN A 243 -3.35 46.18 -28.80
CA ASN A 243 -4.79 46.41 -28.69
C ASN A 243 -5.06 47.53 -27.68
N PRO A 244 -5.64 48.66 -28.09
CA PRO A 244 -5.90 49.74 -27.12
C PRO A 244 -7.10 49.50 -26.22
N PHE A 245 -8.01 48.60 -26.57
CA PHE A 245 -9.24 48.39 -25.82
C PHE A 245 -9.14 47.28 -24.79
N LEU A 246 -7.97 46.66 -24.63
CA LEU A 246 -7.77 45.62 -23.63
C LEU A 246 -7.30 46.30 -22.34
N ASN A 247 -8.13 46.27 -21.30
CA ASN A 247 -7.80 46.91 -20.04
C ASN A 247 -8.61 46.26 -18.93
N GLY A 248 -7.96 46.06 -17.78
CA GLY A 248 -8.65 45.51 -16.62
C GLY A 248 -9.29 44.17 -16.86
N GLU A 249 -8.60 43.28 -17.56
CA GLU A 249 -9.11 41.94 -17.85
C GLU A 249 -8.02 40.91 -17.59
N VAL A 250 -8.44 39.74 -17.13
CA VAL A 250 -7.54 38.62 -16.90
C VAL A 250 -7.72 37.63 -18.03
N ILE A 251 -6.65 37.37 -18.78
CA ILE A 251 -6.68 36.46 -19.91
C ILE A 251 -5.97 35.17 -19.50
N ARG A 252 -6.67 34.05 -19.64
CA ARG A 252 -6.12 32.74 -19.28
C ARG A 252 -5.46 32.14 -20.52
N LEU A 253 -4.14 32.01 -20.50
CA LEU A 253 -3.38 31.37 -21.56
C LEU A 253 -2.89 30.02 -21.03
N ASP A 254 -3.75 29.01 -21.13
CA ASP A 254 -3.46 27.71 -20.56
C ASP A 254 -3.96 26.53 -21.40
N GLY A 255 -4.49 26.78 -22.59
CA GLY A 255 -5.01 25.69 -23.40
C GLY A 255 -6.24 25.02 -22.84
N ALA A 256 -7.12 25.78 -22.17
CA ALA A 256 -8.40 25.28 -21.69
C ALA A 256 -8.24 24.15 -20.67
N ILE A 257 -7.18 24.20 -19.86
CA ILE A 257 -6.92 23.19 -18.85
C ILE A 257 -7.43 23.68 -17.50
N ARG A 258 -8.20 22.85 -16.82
CA ARG A 258 -8.63 23.10 -15.45
C ARG A 258 -7.92 22.11 -14.54
N MET A 259 -7.23 22.62 -13.53
CA MET A 259 -6.32 21.82 -12.73
C MET A 259 -7.07 21.15 -11.59
N GLN A 260 -7.15 19.84 -11.61
CA GLN A 260 -7.74 19.06 -10.54
C GLN A 260 -6.77 18.96 -9.37
N PRO A 261 -7.26 18.64 -8.16
CA PRO A 261 -6.35 18.55 -7.01
C PRO A 261 -5.49 17.28 -7.04
N SER B 7 -27.09 21.13 13.87
CA SER B 7 -27.27 22.35 14.63
C SER B 7 -25.94 22.83 15.20
N VAL B 8 -25.91 24.09 15.64
CA VAL B 8 -24.70 24.70 16.19
C VAL B 8 -24.72 24.61 17.71
N LYS B 9 -25.60 23.76 18.25
CA LYS B 9 -25.70 23.63 19.70
C LYS B 9 -24.51 22.85 20.22
N GLY B 10 -23.76 23.45 21.15
CA GLY B 10 -22.60 22.83 21.74
C GLY B 10 -21.32 23.02 20.96
N LEU B 11 -21.37 23.61 19.77
CA LEU B 11 -20.16 23.82 18.99
C LEU B 11 -19.31 24.94 19.59
N VAL B 12 -18.01 24.83 19.39
CA VAL B 12 -17.05 25.83 19.84
C VAL B 12 -16.52 26.57 18.62
N ALA B 13 -16.63 27.90 18.62
CA ALA B 13 -16.23 28.73 17.50
C ALA B 13 -15.17 29.73 17.94
N VAL B 14 -14.13 29.88 17.13
CA VAL B 14 -13.11 30.88 17.33
C VAL B 14 -13.32 31.95 16.27
N ILE B 15 -13.73 33.14 16.70
CA ILE B 15 -14.05 34.24 15.80
C ILE B 15 -12.97 35.29 15.94
N THR B 16 -12.13 35.44 14.92
CA THR B 16 -11.11 36.47 14.93
C THR B 16 -11.76 37.84 14.68
N GLY B 17 -11.27 38.85 15.40
CA GLY B 17 -11.88 40.16 15.31
C GLY B 17 -13.32 40.15 15.81
N GLY B 18 -13.60 39.38 16.85
CA GLY B 18 -14.94 39.24 17.38
C GLY B 18 -15.33 40.27 18.41
N ALA B 19 -14.47 41.26 18.67
CA ALA B 19 -14.79 42.29 19.64
C ALA B 19 -15.79 43.31 19.12
N SER B 20 -15.95 43.41 17.81
CA SER B 20 -16.89 44.36 17.22
C SER B 20 -17.07 44.02 15.74
N GLY B 21 -18.00 44.72 15.11
CA GLY B 21 -18.21 44.53 13.69
C GLY B 21 -18.86 43.20 13.38
N LEU B 22 -18.51 42.64 12.23
CA LEU B 22 -19.10 41.37 11.81
C LEU B 22 -18.77 40.25 12.77
N GLY B 23 -17.53 40.23 13.27
CA GLY B 23 -17.14 39.17 14.20
C GLY B 23 -18.02 39.13 15.44
N LEU B 24 -18.32 40.29 16.01
CA LEU B 24 -19.18 40.33 17.19
C LEU B 24 -20.57 39.84 16.86
N ALA B 25 -21.11 40.22 15.70
CA ALA B 25 -22.44 39.78 15.32
C ALA B 25 -22.50 38.27 15.19
N THR B 26 -21.47 37.66 14.60
CA THR B 26 -21.44 36.20 14.50
C THR B 26 -21.39 35.56 15.89
N ALA B 27 -20.60 36.13 16.79
CA ALA B 27 -20.52 35.59 18.15
C ALA B 27 -21.87 35.68 18.86
N GLU B 28 -22.57 36.81 18.69
CA GLU B 28 -23.86 36.98 19.36
C GLU B 28 -24.86 35.92 18.91
N ARG B 29 -24.94 35.67 17.60
CA ARG B 29 -25.90 34.70 17.10
C ARG B 29 -25.51 33.29 17.51
N LEU B 30 -24.24 32.92 17.35
CA LEU B 30 -23.80 31.57 17.68
C LEU B 30 -23.98 31.30 19.16
N VAL B 31 -23.61 32.24 20.02
CA VAL B 31 -23.75 32.04 21.46
C VAL B 31 -25.23 31.93 21.82
N GLY B 32 -26.07 32.79 21.25
CA GLY B 32 -27.49 32.72 21.51
C GLY B 32 -28.14 31.43 21.02
N GLN B 33 -27.48 30.72 20.11
CA GLN B 33 -28.00 29.47 19.57
C GLN B 33 -27.44 28.24 20.28
N GLY B 34 -26.73 28.43 21.39
CA GLY B 34 -26.18 27.34 22.17
C GLY B 34 -24.70 27.10 21.99
N ALA B 35 -24.08 27.71 20.98
CA ALA B 35 -22.66 27.52 20.74
C ALA B 35 -21.84 28.34 21.74
N SER B 36 -20.55 28.05 21.78
CA SER B 36 -19.59 28.77 22.61
C SER B 36 -18.58 29.46 21.71
N ALA B 37 -18.34 30.74 21.95
CA ALA B 37 -17.48 31.55 21.11
C ALA B 37 -16.24 32.00 21.88
N VAL B 38 -15.14 32.16 21.15
CA VAL B 38 -13.88 32.64 21.69
C VAL B 38 -13.50 33.88 20.90
N LEU B 39 -13.70 35.06 21.49
CA LEU B 39 -13.38 36.30 20.80
C LEU B 39 -11.86 36.48 20.74
N LEU B 40 -11.32 36.57 19.53
CA LEU B 40 -9.89 36.70 19.29
C LEU B 40 -9.67 38.03 18.58
N ASP B 41 -9.34 39.07 19.37
CA ASP B 41 -9.12 40.41 18.84
C ASP B 41 -7.93 41.03 19.56
N LEU B 42 -7.63 42.27 19.20
CA LEU B 42 -6.50 42.96 19.82
C LEU B 42 -6.82 43.30 21.26
N PRO B 43 -5.79 43.46 22.10
CA PRO B 43 -6.07 43.81 23.51
C PRO B 43 -6.86 45.10 23.68
N ASN B 44 -6.63 46.08 22.82
CA ASN B 44 -7.29 47.38 22.94
C ASN B 44 -8.68 47.40 22.34
N SER B 45 -9.12 46.32 21.68
CA SER B 45 -10.43 46.30 21.05
C SER B 45 -11.57 46.30 22.05
N GLY B 46 -11.29 46.07 23.34
CA GLY B 46 -12.34 46.02 24.33
C GLY B 46 -13.19 44.78 24.26
N GLY B 47 -12.65 43.69 23.71
CA GLY B 47 -13.40 42.45 23.61
C GLY B 47 -13.69 41.76 24.93
N GLU B 48 -12.93 42.09 25.98
CA GLU B 48 -13.19 41.49 27.28
C GLU B 48 -14.59 41.83 27.77
N ALA B 49 -15.00 43.09 27.58
CA ALA B 49 -16.36 43.48 27.97
C ALA B 49 -17.40 42.74 27.16
N GLN B 50 -17.17 42.59 25.85
CA GLN B 50 -18.13 41.88 25.00
C GLN B 50 -18.28 40.43 25.43
N ALA B 51 -17.16 39.77 25.77
CA ALA B 51 -17.24 38.39 26.24
C ALA B 51 -18.07 38.29 27.52
N LYS B 52 -17.89 39.24 28.44
CA LYS B 52 -18.70 39.24 29.65
C LYS B 52 -20.19 39.44 29.31
N LYS B 53 -20.49 40.30 28.35
CA LYS B 53 -21.88 40.53 27.97
C LYS B 53 -22.52 39.27 27.41
N LEU B 54 -21.78 38.52 26.59
CA LEU B 54 -22.32 37.33 25.95
C LEU B 54 -22.55 36.18 26.93
N GLY B 55 -22.05 36.29 28.15
CA GLY B 55 -22.28 35.28 29.17
C GLY B 55 -21.06 34.38 29.36
N ASN B 56 -21.25 33.40 30.25
CA ASN B 56 -20.18 32.46 30.57
C ASN B 56 -19.81 31.57 29.39
N ASN B 57 -20.63 31.52 28.35
CA ASN B 57 -20.33 30.72 27.17
C ASN B 57 -19.39 31.42 26.20
N CYS B 58 -19.03 32.67 26.46
CA CYS B 58 -18.15 33.45 25.60
C CYS B 58 -16.94 33.91 26.41
N VAL B 59 -15.75 33.81 25.80
CA VAL B 59 -14.51 34.24 26.43
C VAL B 59 -13.75 35.10 25.44
N PHE B 60 -12.85 35.92 25.99
CA PHE B 60 -12.04 36.84 25.20
C PHE B 60 -10.58 36.41 25.26
N ALA B 61 -9.98 36.23 24.08
CA ALA B 61 -8.58 35.83 23.97
C ALA B 61 -7.80 36.91 23.23
N PRO B 62 -7.11 37.81 23.92
CA PRO B 62 -6.38 38.87 23.22
C PRO B 62 -5.20 38.31 22.44
N ALA B 63 -5.18 38.59 21.13
CA ALA B 63 -4.11 38.10 20.27
C ALA B 63 -4.09 38.92 18.99
N ASP B 64 -2.92 38.96 18.36
CA ASP B 64 -2.73 39.60 17.07
C ASP B 64 -2.60 38.52 16.01
N VAL B 65 -3.48 38.56 15.01
CA VAL B 65 -3.50 37.51 13.99
C VAL B 65 -2.20 37.49 13.20
N THR B 66 -1.55 38.64 13.06
CA THR B 66 -0.33 38.71 12.26
C THR B 66 0.84 37.96 12.89
N SER B 67 0.77 37.66 14.19
CA SER B 67 1.85 37.01 14.92
C SER B 67 1.44 35.58 15.27
N GLU B 68 2.32 34.63 14.97
CA GLU B 68 2.03 33.23 15.28
C GLU B 68 1.92 33.01 16.79
N LYS B 69 2.79 33.65 17.56
CA LYS B 69 2.82 33.40 19.00
C LYS B 69 1.50 33.77 19.66
N ASP B 70 0.94 34.93 19.30
CA ASP B 70 -0.30 35.37 19.94
C ASP B 70 -1.44 34.42 19.62
N VAL B 71 -1.55 33.99 18.37
CA VAL B 71 -2.66 33.11 17.97
C VAL B 71 -2.56 31.78 18.70
N GLN B 72 -1.35 31.23 18.82
CA GLN B 72 -1.17 29.96 19.50
C GLN B 72 -1.62 30.03 20.95
N THR B 73 -1.26 31.11 21.64
CA THR B 73 -1.71 31.29 23.02
C THR B 73 -3.22 31.42 23.09
N ALA B 74 -3.81 32.17 22.16
CA ALA B 74 -5.27 32.31 22.15
C ALA B 74 -5.95 30.97 21.92
N LEU B 75 -5.43 30.17 20.98
CA LEU B 75 -6.01 28.86 20.73
C LEU B 75 -5.83 27.94 21.92
N ALA B 76 -4.70 28.05 22.63
CA ALA B 76 -4.51 27.27 23.84
C ALA B 76 -5.55 27.64 24.89
N LEU B 77 -5.88 28.92 25.00
CA LEU B 77 -6.94 29.34 25.92
C LEU B 77 -8.27 28.70 25.55
N ALA B 78 -8.59 28.67 24.25
CA ALA B 78 -9.83 28.04 23.82
C ALA B 78 -9.85 26.56 24.16
N LYS B 79 -8.72 25.88 23.96
CA LYS B 79 -8.65 24.46 24.28
C LYS B 79 -8.87 24.23 25.79
N GLY B 80 -8.23 25.04 26.62
CA GLY B 80 -8.40 24.87 28.06
C GLY B 80 -9.81 25.17 28.52
N LYS B 81 -10.41 26.24 27.98
CA LYS B 81 -11.73 26.65 28.46
C LYS B 81 -12.83 25.71 27.96
N PHE B 82 -12.77 25.31 26.69
CA PHE B 82 -13.84 24.53 26.07
C PHE B 82 -13.43 23.14 25.64
N GLY B 83 -12.14 22.88 25.43
CA GLY B 83 -11.66 21.54 25.12
C GLY B 83 -11.52 21.25 23.65
N ARG B 84 -12.16 22.01 22.77
CA ARG B 84 -12.09 21.74 21.34
C ARG B 84 -12.46 23.01 20.57
N VAL B 85 -12.10 23.01 19.30
CA VAL B 85 -12.48 24.08 18.37
C VAL B 85 -13.18 23.45 17.18
N ASP B 86 -14.39 23.92 16.89
CA ASP B 86 -15.21 23.38 15.81
C ASP B 86 -15.38 24.32 14.64
N VAL B 87 -15.42 25.63 14.88
CA VAL B 87 -15.64 26.63 13.84
C VAL B 87 -14.59 27.71 13.95
N ALA B 88 -14.07 28.16 12.81
CA ALA B 88 -13.11 29.25 12.76
C ALA B 88 -13.62 30.30 11.77
N VAL B 89 -14.02 31.45 12.29
CA VAL B 89 -14.53 32.55 11.48
C VAL B 89 -13.48 33.65 11.47
N ASN B 90 -12.96 33.96 10.29
CA ASN B 90 -11.91 34.97 10.12
C ASN B 90 -12.58 36.28 9.72
N CYS B 91 -12.85 37.12 10.72
CA CYS B 91 -13.44 38.43 10.50
C CYS B 91 -12.48 39.58 10.78
N ALA B 92 -11.28 39.28 11.29
CA ALA B 92 -10.31 40.33 11.56
C ALA B 92 -9.77 40.91 10.26
N GLY B 93 -9.72 42.23 10.17
CA GLY B 93 -9.22 42.88 8.98
C GLY B 93 -9.36 44.39 9.03
N ILE B 94 -8.51 45.09 8.29
CA ILE B 94 -8.55 46.55 8.20
C ILE B 94 -8.44 46.94 6.74
N ALA B 95 -8.82 48.19 6.46
CA ALA B 95 -8.86 48.70 5.09
C ALA B 95 -8.10 50.01 5.01
N VAL B 96 -7.60 50.30 3.81
CA VAL B 96 -6.87 51.53 3.52
C VAL B 96 -7.37 52.10 2.21
N ALA B 97 -7.45 53.43 2.17
CA ALA B 97 -7.92 54.17 0.99
C ALA B 97 -6.77 55.04 0.50
N SER B 98 -6.22 54.70 -0.67
CA SER B 98 -5.13 55.47 -1.26
C SER B 98 -4.98 55.05 -2.71
N LYS B 99 -4.90 56.03 -3.60
CA LYS B 99 -4.73 55.75 -5.02
C LYS B 99 -3.35 55.17 -5.29
N THR B 100 -3.27 54.34 -6.33
CA THR B 100 -1.98 53.77 -6.72
C THR B 100 -0.99 54.86 -7.10
N TYR B 101 -1.44 55.85 -7.86
CA TYR B 101 -0.60 56.97 -8.24
C TYR B 101 -1.49 58.16 -8.59
N ASN B 102 -1.14 59.34 -8.10
CA ASN B 102 -1.88 60.57 -8.35
C ASN B 102 -0.98 61.50 -9.16
N LEU B 103 -1.21 61.56 -10.47
CA LEU B 103 -0.38 62.41 -11.32
C LEU B 103 -0.59 63.86 -10.94
N LYS B 104 -1.83 64.26 -10.66
CA LYS B 104 -2.10 65.66 -10.33
C LYS B 104 -1.30 66.09 -9.12
N LYS B 105 -1.34 65.30 -8.05
CA LYS B 105 -0.59 65.60 -6.83
C LYS B 105 0.81 65.00 -6.80
N GLY B 106 1.18 64.20 -7.78
CA GLY B 106 2.48 63.54 -7.75
C GLY B 106 2.65 62.66 -6.54
N GLN B 107 1.60 61.97 -6.13
CA GLN B 107 1.60 61.13 -4.94
C GLN B 107 1.60 59.67 -5.36
N THR B 108 2.52 58.88 -4.79
CA THR B 108 2.65 57.47 -5.07
C THR B 108 2.23 56.67 -3.84
N HIS B 109 1.42 55.64 -4.07
CA HIS B 109 1.02 54.76 -2.97
C HIS B 109 2.25 54.19 -2.28
N THR B 110 2.43 54.59 -1.02
CA THR B 110 3.59 54.11 -0.27
C THR B 110 3.44 52.62 0.03
N LEU B 111 4.58 51.92 0.00
CA LEU B 111 4.56 50.47 0.20
C LEU B 111 4.16 50.07 1.61
N GLU B 112 4.18 51.01 2.56
CA GLU B 112 3.88 50.65 3.94
C GLU B 112 2.45 50.18 4.10
N ASP B 113 1.48 50.94 3.57
CA ASP B 113 0.09 50.55 3.74
C ASP B 113 -0.21 49.24 3.04
N PHE B 114 0.28 49.07 1.80
CA PHE B 114 0.02 47.82 1.08
C PHE B 114 0.51 46.62 1.87
N GLN B 115 1.71 46.73 2.45
CA GLN B 115 2.19 45.66 3.33
C GLN B 115 1.30 45.53 4.56
N ARG B 116 0.90 46.66 5.14
CA ARG B 116 0.13 46.60 6.39
C ARG B 116 -1.20 45.88 6.20
N VAL B 117 -1.92 46.19 5.12
CA VAL B 117 -3.19 45.52 4.87
C VAL B 117 -2.97 44.04 4.57
N LEU B 118 -1.90 43.72 3.84
CA LEU B 118 -1.64 42.32 3.49
C LEU B 118 -1.38 41.49 4.73
N ASP B 119 -0.62 42.02 5.69
CA ASP B 119 -0.32 41.26 6.90
C ASP B 119 -1.58 40.95 7.70
N VAL B 120 -2.48 41.92 7.82
CA VAL B 120 -3.67 41.72 8.64
C VAL B 120 -4.72 40.93 7.88
N ASN B 121 -5.11 41.42 6.69
CA ASN B 121 -6.20 40.80 5.95
C ASN B 121 -5.79 39.46 5.37
N LEU B 122 -4.61 39.39 4.76
CA LEU B 122 -4.17 38.21 4.01
C LEU B 122 -3.29 37.29 4.85
N MET B 123 -2.17 37.80 5.35
CA MET B 123 -1.29 36.96 6.16
C MET B 123 -1.97 36.54 7.45
N GLY B 124 -2.68 37.45 8.09
CA GLY B 124 -3.38 37.11 9.32
C GLY B 124 -4.41 36.01 9.12
N THR B 125 -5.16 36.08 8.01
CA THR B 125 -6.14 35.05 7.72
C THR B 125 -5.48 33.69 7.54
N PHE B 126 -4.37 33.64 6.79
CA PHE B 126 -3.68 32.38 6.60
C PHE B 126 -3.02 31.89 7.89
N ASN B 127 -2.53 32.81 8.72
CA ASN B 127 -1.91 32.42 9.98
C ASN B 127 -2.92 31.69 10.87
N VAL B 128 -4.15 32.20 10.95
CA VAL B 128 -5.17 31.55 11.74
C VAL B 128 -5.61 30.25 11.09
N ILE B 129 -5.71 30.24 9.76
CA ILE B 129 -6.18 29.05 9.05
C ILE B 129 -5.25 27.87 9.34
N ARG B 130 -3.94 28.08 9.19
CA ARG B 130 -2.98 27.00 9.38
C ARG B 130 -2.89 26.58 10.84
N LEU B 131 -2.93 27.54 11.78
CA LEU B 131 -2.79 27.20 13.19
C LEU B 131 -4.04 26.51 13.72
N VAL B 132 -5.23 27.05 13.40
CA VAL B 132 -6.45 26.45 13.89
C VAL B 132 -6.68 25.08 13.26
N ALA B 133 -6.29 24.91 11.99
CA ALA B 133 -6.45 23.61 11.35
C ALA B 133 -5.78 22.51 12.16
N GLY B 134 -4.69 22.82 12.85
CA GLY B 134 -4.11 21.85 13.76
C GLY B 134 -5.04 21.51 14.91
N GLU B 135 -5.71 22.53 15.46
CA GLU B 135 -6.67 22.28 16.54
C GLU B 135 -7.83 21.44 16.06
N MET B 136 -8.37 21.74 14.88
CA MET B 136 -9.44 20.91 14.33
C MET B 136 -8.95 19.51 13.97
N GLY B 137 -7.65 19.36 13.68
CA GLY B 137 -7.13 18.05 13.35
C GLY B 137 -7.27 17.07 14.49
N GLN B 138 -7.16 17.54 15.73
CA GLN B 138 -7.31 16.67 16.89
C GLN B 138 -8.75 16.23 17.11
N ASN B 139 -9.73 16.95 16.57
CA ASN B 139 -11.11 16.58 16.75
C ASN B 139 -11.42 15.28 16.03
N GLU B 140 -12.20 14.42 16.68
CA GLU B 140 -12.63 13.19 16.04
C GLU B 140 -13.68 13.48 14.97
N PRO B 141 -13.60 12.84 13.81
CA PRO B 141 -14.63 13.08 12.78
C PRO B 141 -16.01 12.73 13.30
N ASP B 142 -16.99 13.55 12.92
CA ASP B 142 -18.37 13.35 13.34
C ASP B 142 -19.03 12.33 12.41
N GLN B 143 -20.35 12.13 12.55
CA GLN B 143 -21.03 11.14 11.73
C GLN B 143 -20.85 11.44 10.24
N GLY B 144 -20.71 12.72 9.89
CA GLY B 144 -20.46 13.12 8.53
C GLY B 144 -19.01 13.17 8.13
N GLY B 145 -18.09 12.81 9.02
CA GLY B 145 -16.67 12.85 8.72
C GLY B 145 -16.04 14.21 8.80
N GLN B 146 -16.78 15.22 9.28
CA GLN B 146 -16.27 16.59 9.36
C GLN B 146 -15.58 16.83 10.69
N ARG B 147 -14.42 17.47 10.63
CA ARG B 147 -13.66 17.84 11.83
C ARG B 147 -13.85 19.29 12.23
N GLY B 148 -14.10 20.18 11.27
CA GLY B 148 -14.30 21.58 11.58
C GLY B 148 -14.67 22.34 10.33
N VAL B 149 -15.05 23.60 10.53
CA VAL B 149 -15.43 24.49 9.45
C VAL B 149 -14.65 25.79 9.60
N ILE B 150 -14.04 26.25 8.52
CA ILE B 150 -13.30 27.50 8.48
C ILE B 150 -14.02 28.44 7.52
N ILE B 151 -14.40 29.62 8.02
CA ILE B 151 -15.10 30.62 7.24
C ILE B 151 -14.22 31.86 7.17
N ASN B 152 -13.92 32.31 5.95
CA ASN B 152 -13.09 33.47 5.71
C ASN B 152 -13.95 34.63 5.23
N THR B 153 -13.53 35.84 5.58
CA THR B 153 -14.27 37.06 5.26
C THR B 153 -13.51 37.82 4.17
N ALA B 154 -13.89 37.60 2.92
CA ALA B 154 -13.37 38.38 1.81
C ALA B 154 -14.21 39.65 1.67
N SER B 155 -14.07 40.35 0.55
CA SER B 155 -14.88 41.54 0.28
C SER B 155 -15.28 41.55 -1.18
N VAL B 156 -16.36 42.27 -1.47
CA VAL B 156 -16.79 42.43 -2.85
C VAL B 156 -15.73 43.12 -3.68
N ALA B 157 -14.87 43.92 -3.04
CA ALA B 157 -13.77 44.55 -3.75
C ALA B 157 -12.82 43.54 -4.37
N ALA B 158 -12.84 42.30 -3.90
CA ALA B 158 -12.00 41.26 -4.50
C ALA B 158 -12.40 40.94 -5.92
N PHE B 159 -13.60 41.37 -6.35
CA PHE B 159 -14.06 41.16 -7.72
C PHE B 159 -14.08 42.47 -8.50
N GLU B 160 -14.78 43.49 -8.00
CA GLU B 160 -14.80 44.81 -8.62
C GLU B 160 -14.53 45.86 -7.54
N GLY B 161 -13.24 46.11 -7.29
CA GLY B 161 -12.87 47.12 -6.32
C GLY B 161 -13.01 48.53 -6.86
N GLN B 162 -13.07 49.48 -5.94
CA GLN B 162 -13.22 50.88 -6.29
C GLN B 162 -11.86 51.56 -6.37
N VAL B 163 -11.87 52.85 -6.71
CA VAL B 163 -10.62 53.61 -6.79
C VAL B 163 -10.07 53.79 -5.39
N GLY B 164 -8.77 53.53 -5.23
CA GLY B 164 -8.12 53.62 -3.94
C GLY B 164 -8.18 52.35 -3.12
N GLN B 165 -8.84 51.30 -3.63
CA GLN B 165 -8.95 50.02 -2.92
C GLN B 165 -8.01 48.97 -3.49
N ALA B 166 -6.94 49.38 -4.17
CA ALA B 166 -6.02 48.42 -4.75
C ALA B 166 -5.39 47.53 -3.68
N ALA B 167 -4.94 48.13 -2.58
CA ALA B 167 -4.37 47.33 -1.49
C ALA B 167 -5.42 46.45 -0.85
N TYR B 168 -6.61 46.99 -0.60
CA TYR B 168 -7.69 46.20 -0.01
C TYR B 168 -8.12 45.08 -0.94
N SER B 169 -8.25 45.37 -2.24
CA SER B 169 -8.65 44.35 -3.20
C SER B 169 -7.61 43.24 -3.28
N ALA B 170 -6.33 43.59 -3.27
CA ALA B 170 -5.29 42.58 -3.38
C ALA B 170 -5.34 41.61 -2.21
N SER B 171 -5.50 42.12 -0.99
CA SER B 171 -5.57 41.24 0.17
C SER B 171 -6.82 40.36 0.12
N LYS B 172 -7.96 40.94 -0.21
CA LYS B 172 -9.19 40.16 -0.31
C LYS B 172 -9.17 39.26 -1.55
N GLY B 173 -8.56 39.72 -2.63
CA GLY B 173 -8.42 38.87 -3.80
C GLY B 173 -7.61 37.63 -3.50
N GLY B 174 -6.60 37.75 -2.65
CA GLY B 174 -5.82 36.59 -2.26
C GLY B 174 -6.64 35.55 -1.53
N ILE B 175 -7.51 36.01 -0.62
CA ILE B 175 -8.35 35.08 0.13
C ILE B 175 -9.23 34.28 -0.81
N VAL B 176 -9.81 34.94 -1.81
CA VAL B 176 -10.59 34.24 -2.82
C VAL B 176 -9.73 33.22 -3.55
N GLY B 177 -8.48 33.59 -3.85
CA GLY B 177 -7.60 32.69 -4.57
C GLY B 177 -7.26 31.44 -3.79
N MET B 178 -6.97 31.58 -2.50
CA MET B 178 -6.54 30.45 -1.68
C MET B 178 -7.71 29.72 -1.01
N THR B 179 -8.95 30.14 -1.28
CA THR B 179 -10.09 29.46 -0.67
C THR B 179 -10.17 28.01 -1.12
N LEU B 180 -9.98 27.77 -2.43
CA LEU B 180 -10.10 26.42 -2.97
C LEU B 180 -8.84 25.60 -2.71
N PRO B 181 -7.64 26.14 -2.95
CA PRO B 181 -6.43 25.36 -2.64
C PRO B 181 -6.37 24.88 -1.20
N ILE B 182 -6.79 25.71 -0.24
CA ILE B 182 -6.83 25.27 1.15
C ILE B 182 -7.95 24.25 1.35
N ALA B 183 -9.09 24.45 0.71
CA ALA B 183 -10.18 23.48 0.81
C ALA B 183 -9.74 22.12 0.30
N ARG B 184 -9.02 22.10 -0.83
CA ARG B 184 -8.47 20.84 -1.31
C ARG B 184 -7.39 20.30 -0.38
N ASP B 185 -6.61 21.20 0.23
CA ASP B 185 -5.56 20.76 1.15
C ASP B 185 -6.16 20.04 2.36
N LEU B 186 -7.22 20.59 2.93
CA LEU B 186 -7.83 20.07 4.15
C LEU B 186 -8.96 19.10 3.90
N ALA B 187 -9.29 18.82 2.63
CA ALA B 187 -10.37 17.87 2.35
C ALA B 187 -10.10 16.50 2.94
N PRO B 188 -8.90 15.91 2.81
CA PRO B 188 -8.66 14.62 3.49
C PRO B 188 -8.86 14.69 4.99
N ILE B 189 -8.48 15.80 5.61
CA ILE B 189 -8.65 15.93 7.06
C ILE B 189 -10.13 15.97 7.42
N GLY B 190 -10.94 16.65 6.60
CA GLY B 190 -12.36 16.75 6.85
C GLY B 190 -12.76 18.12 7.36
N ILE B 191 -12.05 19.15 6.92
CA ILE B 191 -12.31 20.54 7.31
C ILE B 191 -12.84 21.28 6.09
N ARG B 192 -14.01 21.89 6.24
CA ARG B 192 -14.62 22.67 5.17
C ARG B 192 -14.13 24.11 5.24
N VAL B 193 -13.67 24.63 4.10
CA VAL B 193 -13.20 26.00 4.00
C VAL B 193 -14.16 26.75 3.09
N MET B 194 -14.75 27.82 3.62
CA MET B 194 -15.73 28.61 2.90
C MET B 194 -15.38 30.08 3.06
N THR B 195 -15.75 30.88 2.06
CA THR B 195 -15.47 32.31 2.04
C THR B 195 -16.76 33.08 1.81
N ILE B 196 -16.93 34.16 2.57
CA ILE B 196 -18.06 35.06 2.44
C ILE B 196 -17.54 36.40 1.96
N ALA B 197 -18.15 36.92 0.90
CA ALA B 197 -17.74 38.21 0.34
C ALA B 197 -18.82 39.24 0.60
N PRO B 198 -18.92 39.78 1.81
CA PRO B 198 -19.94 40.78 2.10
C PRO B 198 -19.68 42.07 1.32
N GLY B 199 -20.76 42.79 1.04
CA GLY B 199 -20.67 44.06 0.37
C GLY B 199 -20.50 45.20 1.36
N LEU B 200 -21.42 46.15 1.35
CA LEU B 200 -21.41 47.27 2.29
C LEU B 200 -22.31 46.91 3.46
N PHE B 201 -21.72 46.79 4.64
CA PHE B 201 -22.43 46.42 5.85
C PHE B 201 -22.34 47.55 6.88
N GLY B 202 -23.31 47.58 7.80
CA GLY B 202 -23.37 48.63 8.79
C GLY B 202 -22.36 48.44 9.92
N THR B 203 -21.11 48.18 9.57
CA THR B 203 -20.05 48.06 10.56
C THR B 203 -19.66 49.43 11.10
N PRO B 204 -19.04 49.49 12.27
CA PRO B 204 -18.66 50.81 12.82
C PRO B 204 -17.77 51.60 11.88
N LEU B 205 -16.87 50.94 11.15
CA LEU B 205 -16.00 51.67 10.24
C LEU B 205 -16.80 52.33 9.12
N LEU B 206 -17.81 51.64 8.59
CA LEU B 206 -18.59 52.21 7.50
C LEU B 206 -19.54 53.29 8.00
N THR B 207 -20.15 53.07 9.17
CA THR B 207 -21.07 54.06 9.72
C THR B 207 -20.38 55.33 10.17
N SER B 208 -19.05 55.28 10.35
CA SER B 208 -18.32 56.48 10.76
C SER B 208 -18.25 57.53 9.65
N LEU B 209 -18.47 57.12 8.40
CA LEU B 209 -18.40 58.06 7.30
C LEU B 209 -19.58 59.04 7.36
N PRO B 210 -19.44 60.21 6.75
CA PRO B 210 -20.53 61.19 6.78
C PRO B 210 -21.78 60.66 6.09
N GLU B 211 -22.93 61.13 6.55
CA GLU B 211 -24.20 60.69 5.97
C GLU B 211 -24.30 61.00 4.48
N LYS B 212 -23.53 61.98 4.00
CA LYS B 212 -23.57 62.30 2.58
C LYS B 212 -23.15 61.12 1.72
N VAL B 213 -22.10 60.42 2.13
CA VAL B 213 -21.63 59.25 1.39
C VAL B 213 -22.31 57.97 1.88
N CYS B 214 -22.54 57.86 3.18
CA CYS B 214 -23.17 56.65 3.71
C CYS B 214 -24.57 56.45 3.13
N ASN B 215 -25.36 57.52 3.07
CA ASN B 215 -26.71 57.41 2.51
C ASN B 215 -26.67 57.03 1.04
N PHE B 216 -25.74 57.62 0.27
CA PHE B 216 -25.66 57.31 -1.15
C PHE B 216 -25.31 55.86 -1.37
N LEU B 217 -24.37 55.32 -0.61
CA LEU B 217 -24.01 53.92 -0.75
C LEU B 217 -25.18 53.01 -0.42
N ALA B 218 -25.94 53.35 0.63
CA ALA B 218 -27.10 52.55 0.99
C ALA B 218 -28.10 52.49 -0.15
N SER B 219 -28.24 53.58 -0.91
CA SER B 219 -29.19 53.61 -2.01
C SER B 219 -28.70 52.90 -3.26
N GLN B 220 -27.41 52.56 -3.33
CA GLN B 220 -26.86 51.91 -4.51
C GLN B 220 -27.12 50.41 -4.52
N VAL B 221 -27.54 49.83 -3.41
CA VAL B 221 -27.86 48.40 -3.36
C VAL B 221 -29.20 48.19 -4.04
N PRO B 222 -29.29 47.37 -5.09
CA PRO B 222 -30.60 47.15 -5.75
C PRO B 222 -31.68 46.75 -4.76
N PHE B 223 -31.45 45.69 -4.01
CA PHE B 223 -32.41 45.28 -2.98
C PHE B 223 -31.75 44.32 -1.99
N PRO B 224 -31.84 44.58 -0.68
CA PRO B 224 -32.45 45.75 -0.02
C PRO B 224 -31.62 47.01 -0.23
N SER B 225 -32.25 48.16 -0.41
CA SER B 225 -31.53 49.42 -0.64
C SER B 225 -31.12 50.02 0.70
N ARG B 226 -30.27 49.29 1.41
CA ARG B 226 -29.75 49.73 2.70
C ARG B 226 -28.48 48.95 3.01
N LEU B 227 -27.71 49.47 3.96
CA LEU B 227 -26.47 48.82 4.35
C LEU B 227 -26.76 47.45 4.97
N GLY B 228 -25.92 46.48 4.65
CA GLY B 228 -26.09 45.14 5.16
C GLY B 228 -26.06 45.08 6.68
N ASP B 229 -27.04 44.40 7.27
CA ASP B 229 -27.08 44.23 8.71
C ASP B 229 -26.07 43.18 9.14
N PRO B 230 -25.18 43.48 10.08
CA PRO B 230 -24.22 42.46 10.53
C PRO B 230 -24.89 41.19 11.04
N ALA B 231 -26.11 41.31 11.58
CA ALA B 231 -26.83 40.11 12.01
C ALA B 231 -27.10 39.18 10.83
N GLU B 232 -27.39 39.75 9.67
CA GLU B 232 -27.59 38.92 8.48
C GLU B 232 -26.32 38.19 8.09
N TYR B 233 -25.16 38.82 8.27
CA TYR B 233 -23.90 38.12 8.02
C TYR B 233 -23.76 36.91 8.93
N ALA B 234 -24.14 37.05 10.20
CA ALA B 234 -24.10 35.91 11.11
C ALA B 234 -25.04 34.80 10.66
N HIS B 235 -26.21 35.18 10.13
CA HIS B 235 -27.16 34.17 9.66
C HIS B 235 -26.56 33.32 8.54
N LEU B 236 -25.87 33.97 7.59
CA LEU B 236 -25.20 33.22 6.54
C LEU B 236 -24.09 32.34 7.10
N VAL B 237 -23.38 32.83 8.11
CA VAL B 237 -22.33 32.03 8.74
C VAL B 237 -22.91 30.76 9.33
N GLN B 238 -24.05 30.86 10.02
CA GLN B 238 -24.68 29.69 10.60
C GLN B 238 -25.12 28.70 9.52
N ALA B 239 -25.63 29.21 8.40
CA ALA B 239 -26.06 28.33 7.32
C ALA B 239 -24.87 27.54 6.76
N ILE B 240 -23.72 28.19 6.60
CA ILE B 240 -22.54 27.49 6.11
C ILE B 240 -22.12 26.41 7.11
N ILE B 241 -22.17 26.73 8.41
CA ILE B 241 -21.77 25.76 9.43
C ILE B 241 -22.70 24.54 9.38
N GLU B 242 -24.00 24.77 9.27
CA GLU B 242 -24.96 23.68 9.32
C GLU B 242 -24.98 22.86 8.03
N ASN B 243 -24.76 23.50 6.88
CA ASN B 243 -24.80 22.79 5.61
C ASN B 243 -23.51 22.00 5.43
N PRO B 244 -23.59 20.66 5.33
CA PRO B 244 -22.34 19.88 5.16
C PRO B 244 -21.75 19.93 3.76
N PHE B 245 -22.50 20.40 2.76
CA PHE B 245 -22.05 20.34 1.37
C PHE B 245 -21.50 21.67 0.87
N LEU B 246 -21.41 22.69 1.71
CA LEU B 246 -20.86 23.98 1.32
C LEU B 246 -19.36 23.96 1.57
N ASN B 247 -18.57 23.98 0.49
CA ASN B 247 -17.13 23.91 0.61
C ASN B 247 -16.49 24.53 -0.63
N GLY B 248 -15.40 25.26 -0.43
CA GLY B 248 -14.64 25.79 -1.55
C GLY B 248 -15.44 26.70 -2.46
N GLU B 249 -16.20 27.63 -1.88
CA GLU B 249 -17.00 28.56 -2.65
C GLU B 249 -16.94 29.94 -1.99
N VAL B 250 -17.12 30.98 -2.80
CA VAL B 250 -17.16 32.35 -2.33
C VAL B 250 -18.60 32.83 -2.46
N ILE B 251 -19.22 33.13 -1.33
CA ILE B 251 -20.61 33.57 -1.29
C ILE B 251 -20.62 35.09 -1.19
N ARG B 252 -21.24 35.74 -2.16
CA ARG B 252 -21.35 37.20 -2.18
C ARG B 252 -22.63 37.62 -1.47
N LEU B 253 -22.49 38.25 -0.31
CA LEU B 253 -23.62 38.76 0.47
C LEU B 253 -23.58 40.28 0.37
N ASP B 254 -24.17 40.80 -0.70
CA ASP B 254 -24.13 42.23 -0.98
C ASP B 254 -25.41 42.79 -1.57
N GLY B 255 -26.46 42.00 -1.70
CA GLY B 255 -27.69 42.48 -2.31
C GLY B 255 -27.57 42.80 -3.79
N ALA B 256 -26.77 42.03 -4.53
CA ALA B 256 -26.67 42.16 -5.99
C ALA B 256 -26.14 43.53 -6.41
N ILE B 257 -25.24 44.12 -5.64
CA ILE B 257 -24.70 45.44 -5.94
C ILE B 257 -23.29 45.29 -6.48
N ARG B 258 -23.02 45.91 -7.62
CA ARG B 258 -21.71 45.90 -8.24
C ARG B 258 -21.12 47.31 -8.17
N MET B 259 -19.87 47.42 -7.73
CA MET B 259 -19.27 48.71 -7.44
C MET B 259 -18.90 49.44 -8.72
N GLN B 260 -19.13 50.76 -8.72
CA GLN B 260 -18.61 51.63 -9.75
C GLN B 260 -17.18 52.04 -9.42
N PRO B 261 -16.43 52.58 -10.40
CA PRO B 261 -15.06 53.04 -10.11
C PRO B 261 -15.01 54.01 -8.93
N SER C 7 -38.11 33.65 9.21
CA SER C 7 -38.62 32.29 9.20
C SER C 7 -39.46 32.04 7.95
N VAL C 8 -39.71 30.77 7.65
CA VAL C 8 -40.49 30.38 6.48
C VAL C 8 -41.92 30.00 6.84
N LYS C 9 -42.34 30.23 8.08
CA LYS C 9 -43.68 29.87 8.50
C LYS C 9 -44.70 30.77 7.80
N GLY C 10 -45.68 30.15 7.15
CA GLY C 10 -46.76 30.86 6.51
C GLY C 10 -46.52 31.21 5.05
N LEU C 11 -45.28 31.16 4.58
CA LEU C 11 -45.01 31.51 3.19
C LEU C 11 -45.57 30.44 2.25
N VAL C 12 -46.00 30.89 1.08
CA VAL C 12 -46.48 30.01 0.02
C VAL C 12 -45.38 29.90 -1.03
N ALA C 13 -44.96 28.67 -1.31
CA ALA C 13 -43.85 28.40 -2.22
C ALA C 13 -44.36 27.66 -3.44
N VAL C 14 -43.95 28.11 -4.63
CA VAL C 14 -44.25 27.45 -5.88
C VAL C 14 -42.97 26.77 -6.34
N ILE C 15 -42.90 25.45 -6.17
CA ILE C 15 -41.70 24.68 -6.48
C ILE C 15 -41.90 24.04 -7.85
N THR C 16 -41.18 24.57 -8.85
CA THR C 16 -41.25 24.02 -10.19
C THR C 16 -40.47 22.71 -10.25
N GLY C 17 -41.06 21.70 -10.87
CA GLY C 17 -40.44 20.39 -10.89
C GLY C 17 -40.30 19.79 -9.51
N GLY C 18 -41.31 19.95 -8.66
CA GLY C 18 -41.28 19.51 -7.28
C GLY C 18 -41.77 18.10 -7.03
N ALA C 19 -42.04 17.32 -8.08
CA ALA C 19 -42.52 15.96 -7.91
C ALA C 19 -41.40 14.96 -7.64
N SER C 20 -40.15 15.34 -7.83
CA SER C 20 -39.03 14.43 -7.62
C SER C 20 -37.74 15.24 -7.62
N GLY C 21 -36.66 14.58 -7.22
CA GLY C 21 -35.35 15.23 -7.27
C GLY C 21 -35.24 16.35 -6.26
N LEU C 22 -34.47 17.37 -6.64
CA LEU C 22 -34.23 18.50 -5.73
C LEU C 22 -35.53 19.21 -5.39
N GLY C 23 -36.42 19.38 -6.37
CA GLY C 23 -37.67 20.08 -6.11
C GLY C 23 -38.50 19.42 -5.03
N LEU C 24 -38.60 18.09 -5.07
CA LEU C 24 -39.36 17.38 -4.05
C LEU C 24 -38.76 17.58 -2.67
N ALA C 25 -37.43 17.48 -2.57
CA ALA C 25 -36.77 17.64 -1.28
C ALA C 25 -37.03 19.02 -0.70
N THR C 26 -37.05 20.05 -1.56
CA THR C 26 -37.37 21.39 -1.09
C THR C 26 -38.77 21.45 -0.51
N ALA C 27 -39.73 20.78 -1.17
CA ALA C 27 -41.11 20.82 -0.70
C ALA C 27 -41.24 20.22 0.69
N GLU C 28 -40.55 19.11 0.96
CA GLU C 28 -40.67 18.45 2.26
C GLU C 28 -40.20 19.37 3.38
N ARG C 29 -39.07 20.04 3.19
CA ARG C 29 -38.54 20.90 4.25
C ARG C 29 -39.44 22.10 4.48
N LEU C 30 -39.83 22.80 3.41
CA LEU C 30 -40.67 23.98 3.58
C LEU C 30 -42.02 23.62 4.18
N VAL C 31 -42.64 22.54 3.69
CA VAL C 31 -43.90 22.10 4.26
C VAL C 31 -43.72 21.67 5.71
N GLY C 32 -42.63 20.95 5.99
CA GLY C 32 -42.35 20.53 7.36
C GLY C 32 -42.01 21.67 8.28
N GLN C 33 -41.62 22.82 7.74
CA GLN C 33 -41.30 24.00 8.53
C GLN C 33 -42.49 24.94 8.68
N GLY C 34 -43.67 24.56 8.18
CA GLY C 34 -44.87 25.36 8.30
C GLY C 34 -45.27 26.09 7.03
N ALA C 35 -44.42 26.10 6.01
CA ALA C 35 -44.75 26.78 4.77
C ALA C 35 -45.72 25.96 3.94
N SER C 36 -46.23 26.58 2.88
CA SER C 36 -47.14 25.92 1.94
C SER C 36 -46.44 25.78 0.59
N ALA C 37 -46.56 24.61 -0.01
CA ALA C 37 -45.88 24.29 -1.26
C ALA C 37 -46.90 24.01 -2.35
N VAL C 38 -46.53 24.34 -3.59
CA VAL C 38 -47.34 24.09 -4.78
C VAL C 38 -46.44 23.39 -5.78
N LEU C 39 -46.62 22.07 -5.92
CA LEU C 39 -45.83 21.32 -6.88
C LEU C 39 -46.27 21.65 -8.30
N LEU C 40 -45.29 21.93 -9.16
CA LEU C 40 -45.54 22.28 -10.56
C LEU C 40 -44.66 21.36 -11.42
N ASP C 41 -45.22 20.20 -11.81
CA ASP C 41 -44.49 19.20 -12.59
C ASP C 41 -45.39 18.73 -13.72
N LEU C 42 -44.83 17.87 -14.57
CA LEU C 42 -45.57 17.35 -15.71
C LEU C 42 -46.67 16.40 -15.24
N PRO C 43 -47.76 16.28 -16.00
CA PRO C 43 -48.84 15.36 -15.58
C PRO C 43 -48.37 13.93 -15.42
N ASN C 44 -47.47 13.46 -16.29
CA ASN C 44 -47.03 12.07 -16.24
C ASN C 44 -46.29 11.74 -14.95
N SER C 45 -45.71 12.73 -14.28
CA SER C 45 -45.00 12.49 -13.04
C SER C 45 -45.98 12.17 -11.91
N GLY C 46 -45.45 11.58 -10.85
CA GLY C 46 -46.27 11.22 -9.70
C GLY C 46 -46.45 12.38 -8.74
N GLY C 47 -46.70 13.58 -9.27
CA GLY C 47 -46.86 14.73 -8.41
C GLY C 47 -48.10 14.65 -7.53
N GLU C 48 -49.18 14.07 -8.07
CA GLU C 48 -50.41 13.98 -7.29
C GLU C 48 -50.20 13.15 -6.03
N ALA C 49 -49.50 12.02 -6.14
CA ALA C 49 -49.24 11.19 -4.97
C ALA C 49 -48.38 11.94 -3.95
N GLN C 50 -47.34 12.63 -4.42
CA GLN C 50 -46.46 13.35 -3.51
C GLN C 50 -47.21 14.45 -2.77
N ALA C 51 -48.06 15.20 -3.48
CA ALA C 51 -48.79 16.29 -2.85
C ALA C 51 -49.68 15.77 -1.72
N LYS C 52 -50.37 14.64 -1.96
CA LYS C 52 -51.20 14.06 -0.91
C LYS C 52 -50.37 13.65 0.30
N LYS C 53 -49.20 13.06 0.06
CA LYS C 53 -48.36 12.60 1.16
C LYS C 53 -47.86 13.78 1.99
N LEU C 54 -47.53 14.88 1.34
CA LEU C 54 -47.00 16.04 2.05
C LEU C 54 -48.03 16.70 2.95
N GLY C 55 -49.31 16.38 2.81
CA GLY C 55 -50.35 16.89 3.67
C GLY C 55 -51.21 17.92 2.96
N ASN C 56 -52.11 18.53 3.73
CA ASN C 56 -53.03 19.51 3.19
C ASN C 56 -52.33 20.81 2.81
N ASN C 57 -51.09 21.01 3.25
CA ASN C 57 -50.35 22.23 2.94
C ASN C 57 -49.65 22.14 1.60
N CYS C 58 -49.74 21.01 0.90
CA CYS C 58 -49.12 20.83 -0.39
C CYS C 58 -50.17 20.45 -1.43
N VAL C 59 -50.10 21.07 -2.60
CA VAL C 59 -51.00 20.79 -3.70
C VAL C 59 -50.17 20.60 -4.96
N PHE C 60 -50.71 19.82 -5.90
CA PHE C 60 -50.06 19.52 -7.16
C PHE C 60 -50.75 20.27 -8.29
N ALA C 61 -49.97 21.00 -9.07
CA ALA C 61 -50.47 21.75 -10.22
C ALA C 61 -49.81 21.21 -11.49
N PRO C 62 -50.47 20.33 -12.24
CA PRO C 62 -49.85 19.77 -13.45
C PRO C 62 -49.70 20.85 -14.52
N ALA C 63 -48.45 21.12 -14.91
CA ALA C 63 -48.19 22.13 -15.92
C ALA C 63 -46.84 21.86 -16.56
N ASP C 64 -46.68 22.38 -17.78
CA ASP C 64 -45.41 22.33 -18.51
C ASP C 64 -44.78 23.71 -18.47
N VAL C 65 -43.52 23.78 -18.02
CA VAL C 65 -42.86 25.07 -17.86
C VAL C 65 -42.68 25.76 -19.20
N THR C 66 -42.41 24.98 -20.26
CA THR C 66 -42.13 25.57 -21.56
C THR C 66 -43.36 26.23 -22.17
N SER C 67 -44.55 25.94 -21.66
CA SER C 67 -45.79 26.50 -22.18
C SER C 67 -46.30 27.58 -21.22
N GLU C 68 -46.62 28.75 -21.77
CA GLU C 68 -47.13 29.83 -20.94
C GLU C 68 -48.47 29.47 -20.31
N LYS C 69 -49.36 28.86 -21.08
CA LYS C 69 -50.71 28.64 -20.59
C LYS C 69 -50.65 27.69 -19.39
N ASP C 70 -49.86 26.63 -19.50
CA ASP C 70 -49.78 25.65 -18.43
C ASP C 70 -49.35 26.32 -17.12
N VAL C 71 -48.28 27.12 -17.18
CA VAL C 71 -47.81 27.81 -15.98
C VAL C 71 -48.85 28.78 -15.42
N GLN C 72 -49.55 29.51 -16.29
CA GLN C 72 -50.53 30.47 -15.82
C GLN C 72 -51.63 29.79 -15.02
N THR C 73 -52.13 28.66 -15.51
CA THR C 73 -53.16 27.94 -14.77
C THR C 73 -52.63 27.43 -13.44
N ALA C 74 -51.40 26.91 -13.43
CA ALA C 74 -50.82 26.40 -12.19
C ALA C 74 -50.67 27.50 -11.16
N LEU C 75 -50.20 28.69 -11.58
CA LEU C 75 -50.07 29.80 -10.65
C LEU C 75 -51.43 30.27 -10.16
N ALA C 76 -52.43 30.30 -11.06
CA ALA C 76 -53.78 30.64 -10.64
C ALA C 76 -54.32 29.62 -9.64
N LEU C 77 -53.95 28.35 -9.79
CA LEU C 77 -54.36 27.34 -8.82
C LEU C 77 -53.78 27.66 -7.44
N ALA C 78 -52.52 28.09 -7.39
CA ALA C 78 -51.91 28.46 -6.12
C ALA C 78 -52.64 29.62 -5.48
N LYS C 79 -53.04 30.61 -6.27
CA LYS C 79 -53.76 31.77 -5.73
C LYS C 79 -55.09 31.32 -5.13
N GLY C 80 -55.82 30.44 -5.82
CA GLY C 80 -57.10 30.00 -5.29
C GLY C 80 -56.96 29.22 -4.00
N LYS C 81 -55.99 28.32 -3.93
CA LYS C 81 -55.86 27.47 -2.75
C LYS C 81 -55.27 28.23 -1.57
N PHE C 82 -54.26 29.07 -1.82
CA PHE C 82 -53.52 29.72 -0.75
C PHE C 82 -53.68 31.24 -0.73
N GLY C 83 -53.93 31.88 -1.86
CA GLY C 83 -54.19 33.30 -1.91
C GLY C 83 -53.00 34.16 -2.31
N ARG C 84 -51.78 33.64 -2.21
CA ARG C 84 -50.61 34.42 -2.56
C ARG C 84 -49.44 33.49 -2.84
N VAL C 85 -48.44 34.03 -3.52
CA VAL C 85 -47.19 33.32 -3.80
C VAL C 85 -46.04 34.16 -3.24
N ASP C 86 -45.21 33.53 -2.41
CA ASP C 86 -44.09 34.21 -1.76
C ASP C 86 -42.73 33.71 -2.20
N VAL C 87 -42.60 32.44 -2.56
CA VAL C 87 -41.33 31.83 -2.93
C VAL C 87 -41.52 31.04 -4.21
N ALA C 88 -40.51 31.09 -5.09
CA ALA C 88 -40.50 30.31 -6.31
C ALA C 88 -39.16 29.61 -6.43
N VAL C 89 -39.19 28.31 -6.69
CA VAL C 89 -37.99 27.49 -6.84
C VAL C 89 -38.05 26.83 -8.20
N ASN C 90 -37.07 27.13 -9.05
CA ASN C 90 -36.99 26.57 -10.40
C ASN C 90 -36.04 25.38 -10.37
N CYS C 91 -36.59 24.18 -10.23
CA CYS C 91 -35.82 22.95 -10.21
C CYS C 91 -36.05 22.05 -11.41
N ALA C 92 -37.06 22.33 -12.23
CA ALA C 92 -37.34 21.50 -13.39
C ALA C 92 -36.25 21.65 -14.44
N GLY C 93 -35.90 20.54 -15.07
CA GLY C 93 -34.90 20.57 -16.12
C GLY C 93 -34.68 19.18 -16.66
N ILE C 94 -33.95 19.12 -17.78
CA ILE C 94 -33.61 17.86 -18.43
C ILE C 94 -32.11 17.84 -18.69
N ALA C 95 -31.56 16.65 -18.79
CA ALA C 95 -30.13 16.45 -19.03
C ALA C 95 -29.95 15.66 -20.31
N VAL C 96 -29.13 16.19 -21.22
CA VAL C 96 -28.80 15.55 -22.48
C VAL C 96 -27.29 15.59 -22.66
N ALA C 97 -26.70 14.43 -22.93
CA ALA C 97 -25.27 14.30 -23.16
C ALA C 97 -25.04 13.91 -24.62
N SER C 98 -24.27 14.74 -25.33
CA SER C 98 -23.98 14.47 -26.74
C SER C 98 -22.81 15.31 -27.20
N LYS C 99 -21.81 14.66 -27.82
CA LYS C 99 -20.64 15.37 -28.28
C LYS C 99 -21.00 16.33 -29.41
N THR C 100 -20.30 17.47 -29.44
CA THR C 100 -20.56 18.46 -30.49
C THR C 100 -20.28 17.89 -31.87
N TYR C 101 -19.19 17.15 -32.01
CA TYR C 101 -18.86 16.49 -33.27
C TYR C 101 -17.85 15.39 -33.00
N ASN C 102 -18.12 14.19 -33.52
CA ASN C 102 -17.25 13.04 -33.37
C ASN C 102 -16.61 12.75 -34.72
N LEU C 103 -15.30 12.94 -34.83
CA LEU C 103 -14.62 12.75 -36.10
C LEU C 103 -14.61 11.29 -36.50
N LYS C 104 -14.23 10.40 -35.57
CA LYS C 104 -14.17 8.98 -35.90
C LYS C 104 -15.54 8.43 -36.27
N LYS C 105 -16.56 8.77 -35.47
CA LYS C 105 -17.91 8.30 -35.75
C LYS C 105 -18.59 9.08 -36.86
N GLY C 106 -18.13 10.30 -37.14
CA GLY C 106 -18.76 11.11 -38.16
C GLY C 106 -20.13 11.63 -37.79
N GLN C 107 -20.42 11.75 -36.50
CA GLN C 107 -21.72 12.19 -36.02
C GLN C 107 -21.66 13.63 -35.56
N THR C 108 -22.67 14.41 -35.93
CA THR C 108 -22.78 15.81 -35.54
C THR C 108 -23.92 15.98 -34.55
N HIS C 109 -23.73 16.87 -33.58
CA HIS C 109 -24.75 17.11 -32.58
C HIS C 109 -26.06 17.51 -33.24
N THR C 110 -27.16 16.89 -32.81
CA THR C 110 -28.46 17.18 -33.38
C THR C 110 -28.98 18.51 -32.87
N LEU C 111 -29.45 19.36 -33.79
CA LEU C 111 -29.96 20.66 -33.38
C LEU C 111 -31.21 20.53 -32.53
N GLU C 112 -32.03 19.51 -32.78
CA GLU C 112 -33.23 19.31 -31.97
C GLU C 112 -32.86 19.02 -30.52
N ASP C 113 -31.80 18.23 -30.30
CA ASP C 113 -31.36 17.94 -28.94
C ASP C 113 -30.96 19.23 -28.22
N PHE C 114 -30.20 20.09 -28.89
CA PHE C 114 -29.81 21.36 -28.29
C PHE C 114 -31.03 22.25 -28.04
N GLN C 115 -31.95 22.30 -29.01
CA GLN C 115 -33.10 23.18 -28.87
C GLN C 115 -33.99 22.76 -27.71
N ARG C 116 -34.25 21.46 -27.55
CA ARG C 116 -35.17 21.01 -26.52
C ARG C 116 -34.58 21.22 -25.12
N VAL C 117 -33.26 21.07 -24.96
CA VAL C 117 -32.64 21.34 -23.68
C VAL C 117 -32.81 22.81 -23.31
N LEU C 118 -32.60 23.71 -24.27
CA LEU C 118 -32.76 25.13 -24.02
C LEU C 118 -34.20 25.47 -23.63
N ASP C 119 -35.17 24.82 -24.28
CA ASP C 119 -36.57 25.14 -24.05
C ASP C 119 -36.97 24.87 -22.60
N VAL C 120 -36.53 23.76 -22.03
CA VAL C 120 -36.93 23.39 -20.69
C VAL C 120 -36.06 24.06 -19.64
N ASN C 121 -34.74 23.87 -19.75
CA ASN C 121 -33.84 24.36 -18.71
C ASN C 121 -33.78 25.88 -18.70
N LEU C 122 -33.59 26.51 -19.87
CA LEU C 122 -33.40 27.95 -19.93
C LEU C 122 -34.71 28.69 -20.19
N MET C 123 -35.35 28.40 -21.32
CA MET C 123 -36.60 29.08 -21.65
C MET C 123 -37.69 28.78 -20.63
N GLY C 124 -37.77 27.52 -20.19
CA GLY C 124 -38.78 27.16 -19.20
C GLY C 124 -38.58 27.92 -17.89
N THR C 125 -37.33 28.06 -17.45
CA THR C 125 -37.06 28.79 -16.22
C THR C 125 -37.48 30.25 -16.34
N PHE C 126 -37.15 30.88 -17.47
CA PHE C 126 -37.54 32.28 -17.66
C PHE C 126 -39.05 32.43 -17.73
N ASN C 127 -39.75 31.44 -18.30
CA ASN C 127 -41.20 31.52 -18.38
C ASN C 127 -41.83 31.59 -17.00
N VAL C 128 -41.31 30.80 -16.06
CA VAL C 128 -41.83 30.84 -14.69
C VAL C 128 -41.45 32.15 -14.01
N ILE C 129 -40.21 32.61 -14.21
CA ILE C 129 -39.74 33.79 -13.50
C ILE C 129 -40.58 35.01 -13.87
N ARG C 130 -40.83 35.21 -15.16
CA ARG C 130 -41.58 36.38 -15.61
C ARG C 130 -43.05 36.29 -15.24
N LEU C 131 -43.59 35.09 -15.03
CA LEU C 131 -44.98 34.91 -14.65
C LEU C 131 -45.21 34.97 -13.14
N VAL C 132 -44.31 34.40 -12.36
CA VAL C 132 -44.43 34.47 -10.91
C VAL C 132 -44.24 35.90 -10.43
N ALA C 133 -43.30 36.64 -11.04
CA ALA C 133 -43.09 38.02 -10.63
C ALA C 133 -44.38 38.83 -10.72
N GLY C 134 -45.26 38.47 -11.66
CA GLY C 134 -46.55 39.13 -11.74
C GLY C 134 -47.38 38.91 -10.48
N GLU C 135 -47.39 37.68 -9.97
CA GLU C 135 -48.15 37.41 -8.76
C GLU C 135 -47.43 37.94 -7.52
N MET C 136 -46.10 37.80 -7.46
CA MET C 136 -45.36 38.43 -6.37
C MET C 136 -45.51 39.94 -6.37
N GLY C 137 -45.76 40.55 -7.54
CA GLY C 137 -46.00 41.98 -7.58
C GLY C 137 -47.27 42.42 -6.88
N GLN C 138 -48.23 41.51 -6.74
CA GLN C 138 -49.47 41.82 -6.03
C GLN C 138 -49.32 41.75 -4.53
N ASN C 139 -48.25 41.15 -4.02
CA ASN C 139 -48.06 41.04 -2.58
C ASN C 139 -47.69 42.40 -1.98
N GLU C 140 -48.16 42.63 -0.77
CA GLU C 140 -47.81 43.85 -0.06
C GLU C 140 -46.40 43.73 0.50
N PRO C 141 -45.54 44.72 0.32
CA PRO C 141 -44.18 44.62 0.87
C PRO C 141 -44.20 44.43 2.38
N ASP C 142 -43.30 43.58 2.87
CA ASP C 142 -43.21 43.29 4.29
C ASP C 142 -42.37 44.40 4.95
N GLN C 143 -42.00 44.20 6.23
CA GLN C 143 -41.25 45.23 6.93
C GLN C 143 -39.93 45.53 6.22
N GLY C 144 -39.35 44.55 5.55
CA GLY C 144 -38.14 44.74 4.79
C GLY C 144 -38.35 45.18 3.36
N GLY C 145 -39.59 45.44 2.95
CA GLY C 145 -39.86 45.86 1.59
C GLY C 145 -39.72 44.76 0.56
N GLN C 146 -39.84 43.50 0.97
CA GLN C 146 -39.68 42.36 0.07
C GLN C 146 -41.04 41.79 -0.30
N ARG C 147 -41.24 41.54 -1.59
CA ARG C 147 -42.48 40.96 -2.08
C ARG C 147 -42.38 39.45 -2.32
N GLY C 148 -41.18 38.94 -2.58
CA GLY C 148 -41.02 37.51 -2.80
C GLY C 148 -39.57 37.17 -3.06
N VAL C 149 -39.31 35.88 -3.18
CA VAL C 149 -37.97 35.36 -3.43
C VAL C 149 -38.06 34.33 -4.55
N ILE C 150 -37.15 34.43 -5.51
CA ILE C 150 -37.07 33.50 -6.63
C ILE C 150 -35.70 32.85 -6.59
N ILE C 151 -35.68 31.51 -6.60
CA ILE C 151 -34.45 30.73 -6.54
C ILE C 151 -34.40 29.85 -7.78
N ASN C 152 -33.30 29.94 -8.52
CA ASN C 152 -33.09 29.14 -9.72
C ASN C 152 -32.08 28.03 -9.44
N THR C 153 -32.11 27.01 -10.29
CA THR C 153 -31.25 25.84 -10.14
C THR C 153 -30.32 25.76 -11.35
N ALA C 154 -29.15 26.39 -11.21
CA ALA C 154 -28.09 26.26 -12.20
C ALA C 154 -27.32 24.97 -11.91
N SER C 155 -26.15 24.80 -12.54
CA SER C 155 -25.33 23.63 -12.31
C SER C 155 -23.88 23.99 -12.48
N VAL C 156 -23.00 23.16 -11.92
CA VAL C 156 -21.57 23.36 -12.08
C VAL C 156 -21.17 23.30 -13.54
N ALA C 157 -21.97 22.63 -14.38
CA ALA C 157 -21.71 22.61 -15.81
C ALA C 157 -21.72 24.01 -16.40
N ALA C 158 -22.42 24.95 -15.77
CA ALA C 158 -22.40 26.33 -16.25
C ALA C 158 -21.02 26.96 -16.14
N PHE C 159 -20.15 26.42 -15.28
CA PHE C 159 -18.79 26.92 -15.12
C PHE C 159 -17.72 26.10 -15.83
N GLU C 160 -17.66 24.80 -15.58
CA GLU C 160 -16.75 23.88 -16.27
C GLU C 160 -17.60 22.63 -16.58
N GLY C 161 -18.16 22.61 -17.78
CA GLY C 161 -18.96 21.48 -18.20
C GLY C 161 -18.05 20.41 -18.78
N GLN C 162 -18.51 19.16 -18.71
CA GLN C 162 -17.74 18.03 -19.18
C GLN C 162 -17.92 17.85 -20.69
N VAL C 163 -17.31 16.79 -21.22
CA VAL C 163 -17.41 16.50 -22.64
C VAL C 163 -18.83 16.01 -22.95
N GLY C 164 -19.43 16.60 -23.98
CA GLY C 164 -20.79 16.26 -24.36
C GLY C 164 -21.87 17.03 -23.61
N GLN C 165 -21.48 17.97 -22.75
CA GLN C 165 -22.42 18.78 -21.97
C GLN C 165 -22.61 20.17 -22.56
N ALA C 166 -22.34 20.33 -23.85
CA ALA C 166 -22.47 21.65 -24.47
C ALA C 166 -23.90 22.16 -24.38
N ALA C 167 -24.87 21.29 -24.67
CA ALA C 167 -26.27 21.70 -24.57
C ALA C 167 -26.67 22.01 -23.13
N TYR C 168 -26.28 21.13 -22.20
CA TYR C 168 -26.61 21.36 -20.79
C TYR C 168 -25.90 22.60 -20.26
N SER C 169 -24.62 22.76 -20.59
CA SER C 169 -23.87 23.92 -20.11
C SER C 169 -24.44 25.22 -20.64
N ALA C 170 -24.82 25.23 -21.92
CA ALA C 170 -25.36 26.46 -22.51
C ALA C 170 -26.64 26.89 -21.81
N SER C 171 -27.53 25.95 -21.52
CA SER C 171 -28.78 26.28 -20.84
C SER C 171 -28.52 26.76 -19.42
N LYS C 172 -27.70 26.01 -18.67
CA LYS C 172 -27.37 26.43 -17.32
C LYS C 172 -26.56 27.70 -17.30
N GLY C 173 -25.65 27.88 -18.27
CA GLY C 173 -24.90 29.12 -18.35
C GLY C 173 -25.79 30.32 -18.52
N GLY C 174 -26.88 30.17 -19.29
CA GLY C 174 -27.82 31.27 -19.44
C GLY C 174 -28.47 31.66 -18.13
N ILE C 175 -28.79 30.66 -17.30
CA ILE C 175 -29.37 30.95 -15.98
C ILE C 175 -28.37 31.73 -15.14
N VAL C 176 -27.10 31.32 -15.14
CA VAL C 176 -26.09 32.06 -14.40
C VAL C 176 -25.88 33.43 -15.00
N GLY C 177 -25.96 33.54 -16.33
CA GLY C 177 -25.76 34.84 -16.96
C GLY C 177 -26.88 35.82 -16.65
N MET C 178 -28.12 35.34 -16.64
CA MET C 178 -29.29 36.21 -16.50
C MET C 178 -29.77 36.34 -15.06
N THR C 179 -29.11 35.69 -14.10
CA THR C 179 -29.57 35.77 -12.71
C THR C 179 -29.48 37.20 -12.19
N LEU C 180 -28.40 37.92 -12.53
CA LEU C 180 -28.20 39.27 -12.03
C LEU C 180 -29.07 40.27 -12.77
N PRO C 181 -29.17 40.21 -14.10
CA PRO C 181 -30.09 41.12 -14.79
C PRO C 181 -31.52 41.05 -14.29
N ILE C 182 -32.03 39.85 -13.98
CA ILE C 182 -33.39 39.74 -13.46
C ILE C 182 -33.47 40.36 -12.08
N ALA C 183 -32.47 40.12 -11.24
CA ALA C 183 -32.46 40.74 -9.91
C ALA C 183 -32.49 42.26 -10.02
N ARG C 184 -31.76 42.83 -10.96
CA ARG C 184 -31.81 44.27 -11.20
C ARG C 184 -33.18 44.70 -11.72
N ASP C 185 -33.79 43.88 -12.58
CA ASP C 185 -35.11 44.22 -13.11
C ASP C 185 -36.15 44.26 -12.01
N LEU C 186 -36.13 43.29 -11.09
CA LEU C 186 -37.15 43.17 -10.06
C LEU C 186 -36.74 43.83 -8.75
N ALA C 187 -35.57 44.45 -8.68
CA ALA C 187 -35.17 45.12 -7.45
C ALA C 187 -36.16 46.21 -7.05
N PRO C 188 -36.62 47.09 -7.95
CA PRO C 188 -37.63 48.07 -7.53
C PRO C 188 -38.90 47.43 -6.99
N ILE C 189 -39.30 46.30 -7.57
CA ILE C 189 -40.51 45.62 -7.10
C ILE C 189 -40.29 45.07 -5.69
N GLY C 190 -39.09 44.60 -5.40
CA GLY C 190 -38.78 43.99 -4.14
C GLY C 190 -38.69 42.48 -4.16
N ILE C 191 -38.31 41.89 -5.29
CA ILE C 191 -38.21 40.44 -5.44
C ILE C 191 -36.73 40.07 -5.56
N ARG C 192 -36.27 39.18 -4.70
CA ARG C 192 -34.89 38.73 -4.70
C ARG C 192 -34.74 37.52 -5.61
N VAL C 193 -33.74 37.56 -6.48
CA VAL C 193 -33.47 36.48 -7.43
C VAL C 193 -32.11 35.89 -7.07
N MET C 194 -32.10 34.59 -6.77
CA MET C 194 -30.89 33.87 -6.41
C MET C 194 -30.80 32.60 -7.24
N THR C 195 -29.57 32.11 -7.40
CA THR C 195 -29.30 30.92 -8.17
C THR C 195 -28.42 29.97 -7.38
N ILE C 196 -28.73 28.68 -7.46
CA ILE C 196 -27.95 27.62 -6.84
C ILE C 196 -27.39 26.73 -7.93
N ALA C 197 -26.14 26.30 -7.77
CA ALA C 197 -25.43 25.50 -8.76
C ALA C 197 -24.94 24.22 -8.08
N PRO C 198 -25.82 23.25 -7.86
CA PRO C 198 -25.40 22.01 -7.20
C PRO C 198 -24.44 21.21 -8.06
N GLY C 199 -23.60 20.42 -7.40
CA GLY C 199 -22.69 19.55 -8.10
C GLY C 199 -23.32 18.20 -8.38
N LEU C 200 -22.70 17.13 -7.89
CA LEU C 200 -23.24 15.79 -8.04
C LEU C 200 -24.16 15.50 -6.85
N PHE C 201 -25.45 15.37 -7.11
CA PHE C 201 -26.44 15.13 -6.08
C PHE C 201 -27.11 13.78 -6.31
N GLY C 202 -27.54 13.15 -5.21
CA GLY C 202 -28.16 11.85 -5.28
C GLY C 202 -29.59 11.88 -5.76
N THR C 203 -29.84 12.57 -6.87
CA THR C 203 -31.16 12.60 -7.45
C THR C 203 -31.46 11.26 -8.14
N PRO C 204 -32.73 10.98 -8.43
CA PRO C 204 -33.06 9.72 -9.11
C PRO C 204 -32.31 9.53 -10.41
N LEU C 205 -32.06 10.62 -11.16
CA LEU C 205 -31.30 10.50 -12.39
C LEU C 205 -29.88 10.00 -12.11
N LEU C 206 -29.23 10.55 -11.07
CA LEU C 206 -27.87 10.15 -10.75
C LEU C 206 -27.83 8.77 -10.13
N THR C 207 -28.76 8.46 -9.22
CA THR C 207 -28.73 7.18 -8.53
C THR C 207 -29.04 6.01 -9.46
N SER C 208 -29.65 6.27 -10.61
CA SER C 208 -29.96 5.19 -11.54
C SER C 208 -28.73 4.57 -12.18
N LEU C 209 -27.57 5.24 -12.08
CA LEU C 209 -26.35 4.71 -12.67
C LEU C 209 -25.84 3.53 -11.85
N PRO C 210 -24.99 2.69 -12.46
CA PRO C 210 -24.43 1.56 -11.71
C PRO C 210 -23.65 2.02 -10.49
N GLU C 211 -23.70 1.20 -9.44
CA GLU C 211 -23.01 1.56 -8.20
C GLU C 211 -21.50 1.71 -8.42
N LYS C 212 -20.97 1.06 -9.45
CA LYS C 212 -19.56 1.26 -9.78
C LYS C 212 -19.31 2.69 -10.25
N VAL C 213 -20.22 3.23 -11.08
CA VAL C 213 -20.10 4.61 -11.52
C VAL C 213 -20.37 5.56 -10.35
N CYS C 214 -21.37 5.25 -9.53
CA CYS C 214 -21.72 6.13 -8.42
C CYS C 214 -20.57 6.26 -7.43
N ASN C 215 -19.87 5.15 -7.16
CA ASN C 215 -18.74 5.21 -6.25
C ASN C 215 -17.65 6.14 -6.78
N PHE C 216 -17.37 6.06 -8.08
CA PHE C 216 -16.37 6.96 -8.67
C PHE C 216 -16.79 8.42 -8.55
N LEU C 217 -18.06 8.70 -8.83
CA LEU C 217 -18.54 10.07 -8.74
C LEU C 217 -18.49 10.57 -7.29
N ALA C 218 -18.79 9.70 -6.33
CA ALA C 218 -18.72 10.09 -4.93
C ALA C 218 -17.29 10.48 -4.54
N SER C 219 -16.31 9.71 -5.01
CA SER C 219 -14.92 10.00 -4.67
C SER C 219 -14.41 11.26 -5.36
N GLN C 220 -15.07 11.72 -6.42
CA GLN C 220 -14.61 12.91 -7.13
C GLN C 220 -14.78 14.17 -6.28
N VAL C 221 -15.74 14.18 -5.37
CA VAL C 221 -15.97 15.33 -4.50
C VAL C 221 -14.87 15.38 -3.45
N PRO C 222 -14.10 16.48 -3.34
CA PRO C 222 -13.05 16.54 -2.31
C PRO C 222 -13.57 16.26 -0.91
N PHE C 223 -14.55 17.05 -0.47
CA PHE C 223 -15.17 16.83 0.82
C PHE C 223 -16.53 17.52 0.88
N PRO C 224 -17.60 16.81 1.26
CA PRO C 224 -17.66 15.39 1.64
C PRO C 224 -17.58 14.49 0.41
N SER C 225 -16.94 13.33 0.52
CA SER C 225 -16.75 12.42 -0.62
C SER C 225 -18.00 11.55 -0.76
N ARG C 226 -19.11 12.20 -1.11
CA ARG C 226 -20.37 11.51 -1.32
C ARG C 226 -21.25 12.38 -2.21
N LEU C 227 -22.25 11.74 -2.82
CA LEU C 227 -23.19 12.46 -3.65
C LEU C 227 -24.03 13.39 -2.77
N GLY C 228 -24.28 14.60 -3.28
CA GLY C 228 -25.03 15.58 -2.52
C GLY C 228 -26.41 15.10 -2.13
N ASP C 229 -26.73 15.23 -0.85
CA ASP C 229 -28.05 14.84 -0.38
C ASP C 229 -29.09 15.86 -0.84
N PRO C 230 -30.21 15.43 -1.41
CA PRO C 230 -31.22 16.42 -1.82
C PRO C 230 -31.71 17.29 -0.67
N ALA C 231 -31.73 16.76 0.55
CA ALA C 231 -32.12 17.57 1.69
C ALA C 231 -31.16 18.73 1.91
N GLU C 232 -29.87 18.54 1.61
CA GLU C 232 -28.90 19.61 1.74
C GLU C 232 -29.24 20.77 0.82
N TYR C 233 -29.68 20.47 -0.41
CA TYR C 233 -30.10 21.53 -1.32
C TYR C 233 -31.28 22.30 -0.74
N ALA C 234 -32.22 21.61 -0.11
CA ALA C 234 -33.36 22.29 0.50
C ALA C 234 -32.90 23.22 1.62
N HIS C 235 -31.88 22.82 2.38
CA HIS C 235 -31.40 23.65 3.47
C HIS C 235 -30.89 24.99 2.96
N LEU C 236 -30.13 24.98 1.87
CA LEU C 236 -29.66 26.24 1.29
C LEU C 236 -30.83 27.08 0.78
N VAL C 237 -31.86 26.43 0.23
CA VAL C 237 -33.02 27.16 -0.24
C VAL C 237 -33.68 27.91 0.91
N GLN C 238 -33.82 27.24 2.06
CA GLN C 238 -34.37 27.91 3.24
C GLN C 238 -33.46 29.05 3.69
N ALA C 239 -32.15 28.85 3.66
CA ALA C 239 -31.22 29.89 4.08
C ALA C 239 -31.33 31.12 3.19
N ILE C 240 -31.45 30.91 1.87
CA ILE C 240 -31.61 32.04 0.95
C ILE C 240 -32.89 32.79 1.25
N ILE C 241 -33.98 32.06 1.51
CA ILE C 241 -35.25 32.70 1.82
C ILE C 241 -35.14 33.51 3.10
N GLU C 242 -34.49 32.95 4.12
CA GLU C 242 -34.41 33.60 5.42
C GLU C 242 -33.39 34.73 5.46
N ASN C 243 -32.50 34.83 4.47
CA ASN C 243 -31.48 35.87 4.45
C ASN C 243 -31.94 37.00 3.54
N PRO C 244 -32.30 38.18 4.06
CA PRO C 244 -32.77 39.25 3.18
C PRO C 244 -31.69 39.84 2.28
N PHE C 245 -30.42 39.65 2.60
CA PHE C 245 -29.34 40.31 1.88
C PHE C 245 -28.72 39.42 0.79
N LEU C 246 -29.26 38.23 0.55
CA LEU C 246 -28.79 37.37 -0.52
C LEU C 246 -29.60 37.67 -1.77
N ASN C 247 -28.95 38.22 -2.79
CA ASN C 247 -29.64 38.61 -4.01
C ASN C 247 -28.64 38.66 -5.15
N GLY C 248 -29.06 38.16 -6.32
CA GLY C 248 -28.24 38.24 -7.51
C GLY C 248 -26.88 37.59 -7.36
N GLU C 249 -26.83 36.41 -6.73
CA GLU C 249 -25.57 35.70 -6.54
C GLU C 249 -25.78 34.23 -6.87
N VAL C 250 -24.71 33.60 -7.35
CA VAL C 250 -24.71 32.18 -7.71
C VAL C 250 -23.92 31.44 -6.64
N ILE C 251 -24.54 30.43 -6.04
CA ILE C 251 -23.93 29.65 -4.97
C ILE C 251 -23.76 28.23 -5.49
N ARG C 252 -22.53 27.71 -5.41
CA ARG C 252 -22.22 26.35 -5.85
C ARG C 252 -22.28 25.41 -4.65
N LEU C 253 -23.33 24.58 -4.60
CA LEU C 253 -23.44 23.55 -3.58
C LEU C 253 -22.91 22.25 -4.17
N ASP C 254 -21.58 22.16 -4.26
CA ASP C 254 -20.95 21.02 -4.92
C ASP C 254 -19.77 20.43 -4.17
N GLY C 255 -19.52 20.86 -2.93
CA GLY C 255 -18.43 20.29 -2.16
C GLY C 255 -17.05 20.60 -2.71
N ALA C 256 -16.86 21.79 -3.27
CA ALA C 256 -15.55 22.23 -3.75
C ALA C 256 -15.03 21.35 -4.88
N ILE C 257 -15.93 20.75 -5.66
CA ILE C 257 -15.54 19.89 -6.77
C ILE C 257 -15.45 20.72 -8.04
N ARG C 258 -14.45 20.42 -8.87
CA ARG C 258 -14.27 21.02 -10.18
C ARG C 258 -14.30 19.90 -11.21
N MET C 259 -15.36 19.87 -12.01
CA MET C 259 -15.57 18.78 -12.95
C MET C 259 -14.42 18.72 -13.96
N GLN C 260 -13.87 17.53 -14.15
CA GLN C 260 -12.83 17.29 -15.14
C GLN C 260 -13.45 16.90 -16.48
N PRO C 261 -12.69 17.01 -17.57
CA PRO C 261 -13.25 16.62 -18.88
C PRO C 261 -13.35 15.11 -19.04
N SER D 7 0.84 32.98 -38.74
CA SER D 7 0.23 34.01 -39.59
C SER D 7 -1.11 33.53 -40.13
N VAL D 8 -1.92 34.48 -40.62
CA VAL D 8 -3.25 34.17 -41.15
C VAL D 8 -3.25 34.14 -42.67
N LYS D 9 -2.09 34.29 -43.31
CA LYS D 9 -2.02 34.26 -44.77
C LYS D 9 -2.40 32.88 -45.26
N GLY D 10 -3.34 32.83 -46.22
CA GLY D 10 -3.80 31.59 -46.80
C GLY D 10 -4.96 30.94 -46.06
N LEU D 11 -5.23 31.36 -44.83
CA LEU D 11 -6.32 30.77 -44.07
C LEU D 11 -7.67 31.22 -44.63
N VAL D 12 -8.65 30.32 -44.55
CA VAL D 12 -10.01 30.58 -45.00
C VAL D 12 -10.88 30.74 -43.76
N ALA D 13 -11.57 31.88 -43.66
CA ALA D 13 -12.38 32.21 -42.49
C ALA D 13 -13.84 32.34 -42.91
N VAL D 14 -14.71 31.68 -42.16
CA VAL D 14 -16.16 31.79 -42.34
C VAL D 14 -16.65 32.71 -41.23
N ILE D 15 -16.86 33.98 -41.57
CA ILE D 15 -17.22 35.01 -40.59
C ILE D 15 -18.74 35.12 -40.61
N THR D 16 -19.39 34.55 -39.59
CA THR D 16 -20.83 34.70 -39.45
C THR D 16 -21.18 36.15 -39.10
N GLY D 17 -22.24 36.66 -39.71
CA GLY D 17 -22.61 38.05 -39.50
C GLY D 17 -21.55 39.01 -40.00
N GLY D 18 -20.94 38.71 -41.14
CA GLY D 18 -19.87 39.51 -41.69
C GLY D 18 -20.31 40.64 -42.61
N ALA D 19 -21.61 40.83 -42.80
CA ALA D 19 -22.09 41.89 -43.67
C ALA D 19 -21.93 43.27 -43.05
N SER D 20 -22.00 43.38 -41.72
CA SER D 20 -21.87 44.66 -41.05
C SER D 20 -21.49 44.42 -39.59
N GLY D 21 -21.02 45.48 -38.96
CA GLY D 21 -20.67 45.42 -37.55
C GLY D 21 -19.33 44.76 -37.28
N LEU D 22 -19.25 44.00 -36.19
CA LEU D 22 -17.99 43.37 -35.82
C LEU D 22 -17.54 42.36 -36.87
N GLY D 23 -18.48 41.60 -37.42
CA GLY D 23 -18.10 40.60 -38.41
C GLY D 23 -17.44 41.20 -39.64
N LEU D 24 -17.99 42.30 -40.14
CA LEU D 24 -17.39 42.96 -41.31
C LEU D 24 -15.98 43.45 -40.98
N ALA D 25 -15.79 44.05 -39.81
CA ALA D 25 -14.47 44.55 -39.43
C ALA D 25 -13.46 43.41 -39.39
N THR D 26 -13.86 42.24 -38.89
CA THR D 26 -12.98 41.08 -38.90
C THR D 26 -12.63 40.69 -40.33
N ALA D 27 -13.62 40.72 -41.23
CA ALA D 27 -13.36 40.36 -42.62
C ALA D 27 -12.39 41.32 -43.27
N GLU D 28 -12.52 42.62 -42.98
CA GLU D 28 -11.63 43.61 -43.60
C GLU D 28 -10.18 43.34 -43.24
N ARG D 29 -9.91 43.06 -41.97
CA ARG D 29 -8.53 42.84 -41.54
C ARG D 29 -7.98 41.52 -42.08
N LEU D 30 -8.77 40.44 -41.96
CA LEU D 30 -8.28 39.14 -42.41
C LEU D 30 -8.01 39.14 -43.90
N VAL D 31 -8.92 39.72 -44.69
CA VAL D 31 -8.70 39.79 -46.14
C VAL D 31 -7.47 40.64 -46.45
N GLY D 32 -7.33 41.77 -45.76
CA GLY D 32 -6.17 42.62 -45.98
C GLY D 32 -4.86 41.98 -45.55
N GLN D 33 -4.91 40.96 -44.70
CA GLN D 33 -3.73 40.26 -44.23
C GLN D 33 -3.39 39.04 -45.09
N GLY D 34 -4.13 38.82 -46.17
CA GLY D 34 -3.89 37.70 -47.07
C GLY D 34 -4.83 36.53 -46.89
N ALA D 35 -5.68 36.55 -45.88
CA ALA D 35 -6.62 35.47 -45.65
C ALA D 35 -7.82 35.60 -46.59
N SER D 36 -8.63 34.55 -46.64
CA SER D 36 -9.85 34.51 -47.44
C SER D 36 -11.05 34.46 -46.50
N ALA D 37 -12.06 35.28 -46.80
CA ALA D 37 -13.24 35.43 -45.97
C ALA D 37 -14.48 34.96 -46.71
N VAL D 38 -15.45 34.47 -45.96
CA VAL D 38 -16.74 34.02 -46.49
C VAL D 38 -17.82 34.66 -45.62
N LEU D 39 -18.36 35.78 -46.08
CA LEU D 39 -19.43 36.44 -45.34
C LEU D 39 -20.66 35.54 -45.29
N LEU D 40 -21.25 35.42 -44.10
CA LEU D 40 -22.42 34.57 -43.87
C LEU D 40 -23.45 35.38 -43.09
N ASP D 41 -24.39 35.98 -43.82
CA ASP D 41 -25.44 36.79 -43.22
C ASP D 41 -26.74 36.59 -44.01
N LEU D 42 -27.76 37.34 -43.64
CA LEU D 42 -29.06 37.21 -44.27
C LEU D 42 -29.00 37.72 -45.71
N PRO D 43 -29.89 37.23 -46.58
CA PRO D 43 -29.88 37.70 -47.98
C PRO D 43 -30.07 39.20 -48.11
N ASN D 44 -30.86 39.82 -47.24
CA ASN D 44 -31.15 41.24 -47.31
C ASN D 44 -30.13 42.10 -46.56
N SER D 45 -29.12 41.47 -45.95
CA SER D 45 -28.12 42.23 -45.21
C SER D 45 -27.22 43.07 -46.11
N GLY D 46 -27.24 42.83 -47.43
CA GLY D 46 -26.37 43.57 -48.31
C GLY D 46 -24.92 43.15 -48.24
N GLY D 47 -24.65 41.92 -47.80
CA GLY D 47 -23.27 41.46 -47.70
C GLY D 47 -22.55 41.22 -49.00
N GLU D 48 -23.28 41.01 -50.09
CA GLU D 48 -22.63 40.83 -51.39
C GLU D 48 -21.91 42.09 -51.84
N ALA D 49 -22.48 43.26 -51.52
CA ALA D 49 -21.80 44.51 -51.86
C ALA D 49 -20.50 44.59 -51.07
N GLN D 50 -20.53 44.23 -49.79
CA GLN D 50 -19.31 44.24 -48.99
C GLN D 50 -18.30 43.22 -49.52
N ALA D 51 -18.77 42.04 -49.91
CA ALA D 51 -17.86 41.03 -50.45
C ALA D 51 -17.18 41.53 -51.71
N LYS D 52 -17.91 42.23 -52.57
CA LYS D 52 -17.30 42.78 -53.78
C LYS D 52 -16.21 43.78 -53.43
N LYS D 53 -16.43 44.60 -52.40
CA LYS D 53 -15.43 45.58 -52.01
C LYS D 53 -14.12 44.91 -51.59
N LEU D 54 -14.23 43.84 -50.81
CA LEU D 54 -13.03 43.15 -50.32
C LEU D 54 -12.30 42.39 -51.41
N GLY D 55 -12.91 42.20 -52.57
CA GLY D 55 -12.23 41.62 -53.72
C GLY D 55 -12.53 40.15 -53.90
N ASN D 56 -11.67 39.52 -54.71
CA ASN D 56 -11.85 38.11 -55.03
C ASN D 56 -11.73 37.23 -53.80
N ASN D 57 -10.82 37.56 -52.88
CA ASN D 57 -10.58 36.71 -51.72
C ASN D 57 -11.82 36.58 -50.83
N CYS D 58 -12.78 37.48 -50.97
CA CYS D 58 -14.00 37.47 -50.16
C CYS D 58 -15.20 37.08 -50.99
N VAL D 59 -16.05 36.22 -50.43
CA VAL D 59 -17.29 35.80 -51.07
C VAL D 59 -18.42 35.94 -50.06
N PHE D 60 -19.63 36.08 -50.58
CA PHE D 60 -20.83 36.26 -49.77
C PHE D 60 -21.70 35.01 -49.87
N ALA D 61 -22.04 34.44 -48.72
CA ALA D 61 -22.88 33.24 -48.65
C ALA D 61 -24.16 33.58 -47.88
N PRO D 62 -25.27 33.87 -48.56
CA PRO D 62 -26.50 34.21 -47.83
C PRO D 62 -27.09 32.98 -47.14
N ALA D 63 -27.22 33.07 -45.82
CA ALA D 63 -27.76 31.96 -45.05
C ALA D 63 -28.28 32.48 -43.72
N ASP D 64 -29.12 31.67 -43.08
CA ASP D 64 -29.67 31.96 -41.77
C ASP D 64 -29.02 31.02 -40.76
N VAL D 65 -28.44 31.58 -39.70
CA VAL D 65 -27.72 30.77 -38.72
C VAL D 65 -28.68 29.84 -37.99
N THR D 66 -29.90 30.29 -37.73
CA THR D 66 -30.86 29.49 -36.94
C THR D 66 -31.35 28.26 -37.69
N SER D 67 -31.08 28.14 -38.99
CA SER D 67 -31.57 27.03 -39.80
C SER D 67 -30.39 26.19 -40.27
N GLU D 68 -30.53 24.87 -40.12
CA GLU D 68 -29.45 23.97 -40.51
C GLU D 68 -29.21 23.99 -42.01
N LYS D 69 -30.28 24.03 -42.80
CA LYS D 69 -30.13 23.89 -44.25
C LYS D 69 -29.28 25.02 -44.84
N ASP D 70 -29.59 26.26 -44.48
CA ASP D 70 -28.89 27.39 -45.08
C ASP D 70 -27.41 27.41 -44.68
N VAL D 71 -27.11 27.09 -43.42
CA VAL D 71 -25.72 27.07 -42.98
C VAL D 71 -24.94 26.02 -43.75
N GLN D 72 -25.54 24.86 -43.99
CA GLN D 72 -24.88 23.81 -44.76
C GLN D 72 -24.55 24.28 -46.17
N THR D 73 -25.49 24.96 -46.82
CA THR D 73 -25.24 25.48 -48.16
C THR D 73 -24.14 26.53 -48.13
N ALA D 74 -24.13 27.40 -47.12
CA ALA D 74 -23.08 28.39 -47.01
C ALA D 74 -21.72 27.74 -46.83
N LEU D 75 -21.64 26.71 -45.98
CA LEU D 75 -20.39 25.99 -45.81
C LEU D 75 -19.98 25.30 -47.12
N ALA D 76 -20.94 24.75 -47.85
CA ALA D 76 -20.63 24.14 -49.13
C ALA D 76 -20.07 25.16 -50.12
N LEU D 77 -20.62 26.38 -50.11
CA LEU D 77 -20.11 27.42 -50.98
C LEU D 77 -18.65 27.75 -50.64
N ALA D 78 -18.33 27.83 -49.34
CA ALA D 78 -16.95 28.07 -48.94
C ALA D 78 -16.04 26.94 -49.39
N LYS D 79 -16.50 25.70 -49.24
CA LYS D 79 -15.70 24.55 -49.66
C LYS D 79 -15.44 24.59 -51.16
N GLY D 80 -16.47 24.88 -51.95
CA GLY D 80 -16.28 24.93 -53.39
C GLY D 80 -15.38 26.07 -53.83
N LYS D 81 -15.54 27.24 -53.21
CA LYS D 81 -14.79 28.42 -53.64
C LYS D 81 -13.32 28.32 -53.24
N PHE D 82 -13.06 27.90 -51.99
CA PHE D 82 -11.71 27.91 -51.46
C PHE D 82 -11.14 26.52 -51.17
N GLY D 83 -11.99 25.51 -50.96
CA GLY D 83 -11.56 24.15 -50.75
C GLY D 83 -11.45 23.73 -49.30
N ARG D 84 -11.40 24.69 -48.37
CA ARG D 84 -11.27 24.33 -46.96
C ARG D 84 -11.75 25.49 -46.10
N VAL D 85 -12.02 25.19 -44.84
CA VAL D 85 -12.39 26.18 -43.83
C VAL D 85 -11.42 26.05 -42.67
N ASP D 86 -10.78 27.17 -42.30
CA ASP D 86 -9.77 27.18 -41.25
C ASP D 86 -10.19 27.95 -40.02
N VAL D 87 -11.05 28.96 -40.16
CA VAL D 87 -11.46 29.81 -39.04
C VAL D 87 -12.96 30.03 -39.12
N ALA D 88 -13.63 29.98 -37.97
CA ALA D 88 -15.05 30.28 -37.87
C ALA D 88 -15.23 31.37 -36.83
N VAL D 89 -15.82 32.49 -37.24
CA VAL D 89 -16.06 33.63 -36.35
C VAL D 89 -17.55 33.84 -36.27
N ASN D 90 -18.09 33.82 -35.06
CA ASN D 90 -19.52 33.99 -34.82
C ASN D 90 -19.76 35.41 -34.31
N CYS D 91 -20.41 36.23 -35.14
CA CYS D 91 -20.73 37.60 -34.77
C CYS D 91 -22.20 37.93 -34.96
N ALA D 92 -22.97 37.08 -35.60
CA ALA D 92 -24.39 37.34 -35.80
C ALA D 92 -25.12 37.31 -34.46
N GLY D 93 -26.06 38.24 -34.29
CA GLY D 93 -26.83 38.29 -33.07
C GLY D 93 -27.77 39.47 -33.08
N ILE D 94 -28.77 39.41 -32.21
CA ILE D 94 -29.76 40.45 -32.05
C ILE D 94 -29.93 40.75 -30.57
N ALA D 95 -30.48 41.92 -30.29
CA ALA D 95 -30.69 42.39 -28.91
C ALA D 95 -32.11 42.85 -28.73
N VAL D 96 -32.65 42.61 -27.53
CA VAL D 96 -34.00 43.03 -27.16
C VAL D 96 -33.91 43.74 -25.81
N ALA D 97 -34.50 44.92 -25.73
CA ALA D 97 -34.51 45.73 -24.51
C ALA D 97 -35.92 45.72 -23.95
N SER D 98 -36.18 44.75 -23.07
CA SER D 98 -37.48 44.62 -22.42
C SER D 98 -37.27 44.11 -21.00
N LYS D 99 -37.90 44.78 -20.05
CA LYS D 99 -37.77 44.38 -18.65
C LYS D 99 -38.52 43.07 -18.40
N THR D 100 -38.06 42.34 -17.38
CA THR D 100 -38.69 41.06 -17.05
C THR D 100 -40.16 41.27 -16.67
N TYR D 101 -40.42 42.30 -15.86
CA TYR D 101 -41.81 42.62 -15.49
C TYR D 101 -41.84 44.02 -14.89
N ASN D 102 -42.64 44.91 -15.48
CA ASN D 102 -42.77 46.27 -14.89
C ASN D 102 -44.08 46.31 -14.11
N LEU D 103 -43.98 46.43 -12.79
CA LEU D 103 -45.20 46.43 -11.93
C LEU D 103 -45.96 47.73 -12.18
N LYS D 104 -45.22 48.82 -12.40
CA LYS D 104 -45.91 50.11 -12.56
C LYS D 104 -46.80 50.10 -13.79
N LYS D 105 -46.30 49.59 -14.91
CA LYS D 105 -47.08 49.50 -16.14
C LYS D 105 -47.84 48.19 -16.28
N GLY D 106 -47.59 47.23 -15.40
CA GLY D 106 -48.22 45.92 -15.54
C GLY D 106 -47.82 45.22 -16.82
N GLN D 107 -46.57 45.38 -17.23
CA GLN D 107 -46.05 44.80 -18.47
C GLN D 107 -45.17 43.61 -18.15
N THR D 108 -45.44 42.48 -18.81
CA THR D 108 -44.69 41.24 -18.61
C THR D 108 -43.87 40.94 -19.86
N HIS D 109 -42.61 40.56 -19.67
CA HIS D 109 -41.76 40.21 -20.79
C HIS D 109 -42.39 39.10 -21.60
N THR D 110 -42.40 39.27 -22.92
CA THR D 110 -43.00 38.28 -23.81
C THR D 110 -42.03 37.13 -24.05
N LEU D 111 -42.57 35.91 -24.00
CA LEU D 111 -41.75 34.72 -24.24
C LEU D 111 -41.27 34.63 -25.68
N GLU D 112 -41.93 35.33 -26.61
CA GLU D 112 -41.52 35.28 -28.01
C GLU D 112 -40.22 36.05 -28.19
N ASP D 113 -40.10 37.22 -27.55
CA ASP D 113 -38.86 37.98 -27.64
C ASP D 113 -37.69 37.18 -27.07
N PHE D 114 -37.89 36.56 -25.90
CA PHE D 114 -36.85 35.74 -25.31
C PHE D 114 -36.42 34.57 -26.19
N GLN D 115 -37.39 33.88 -26.81
CA GLN D 115 -37.06 32.78 -27.69
C GLN D 115 -36.30 33.26 -28.93
N ARG D 116 -36.71 34.39 -29.50
CA ARG D 116 -36.04 34.89 -30.69
C ARG D 116 -34.59 35.24 -30.42
N VAL D 117 -34.32 35.88 -29.28
CA VAL D 117 -32.94 36.22 -28.93
C VAL D 117 -32.12 34.96 -28.74
N LEU D 118 -32.68 33.96 -28.06
CA LEU D 118 -31.95 32.70 -27.87
C LEU D 118 -31.71 32.00 -29.21
N ASP D 119 -32.68 32.06 -30.12
CA ASP D 119 -32.56 31.32 -31.37
C ASP D 119 -31.37 31.81 -32.19
N VAL D 120 -31.18 33.12 -32.26
CA VAL D 120 -30.12 33.68 -33.10
C VAL D 120 -28.79 33.76 -32.35
N ASN D 121 -28.80 34.33 -31.14
CA ASN D 121 -27.55 34.54 -30.42
C ASN D 121 -26.96 33.24 -29.93
N LEU D 122 -27.78 32.38 -29.32
CA LEU D 122 -27.29 31.16 -28.68
C LEU D 122 -27.45 29.93 -29.57
N MET D 123 -28.69 29.63 -29.98
CA MET D 123 -28.91 28.45 -30.82
C MET D 123 -28.23 28.60 -32.16
N GLY D 124 -28.29 29.79 -32.75
CA GLY D 124 -27.61 30.01 -34.02
C GLY D 124 -26.10 29.82 -33.91
N THR D 125 -25.52 30.29 -32.81
CA THR D 125 -24.08 30.14 -32.62
C THR D 125 -23.69 28.66 -32.55
N PHE D 126 -24.45 27.86 -31.82
CA PHE D 126 -24.15 26.43 -31.72
C PHE D 126 -24.36 25.74 -33.07
N ASN D 127 -25.37 26.16 -33.83
CA ASN D 127 -25.62 25.54 -35.12
C ASN D 127 -24.42 25.71 -36.05
N VAL D 128 -23.83 26.90 -36.09
CA VAL D 128 -22.64 27.11 -36.90
C VAL D 128 -21.48 26.29 -36.38
N ILE D 129 -21.31 26.24 -35.06
CA ILE D 129 -20.16 25.53 -34.48
C ILE D 129 -20.20 24.07 -34.86
N ARG D 130 -21.35 23.41 -34.65
CA ARG D 130 -21.43 21.99 -34.92
C ARG D 130 -21.29 21.69 -36.42
N LEU D 131 -21.89 22.52 -37.27
CA LEU D 131 -21.79 22.30 -38.72
C LEU D 131 -20.40 22.65 -39.24
N VAL D 132 -19.86 23.80 -38.82
CA VAL D 132 -18.54 24.21 -39.30
C VAL D 132 -17.46 23.29 -38.75
N ALA D 133 -17.69 22.67 -37.59
CA ALA D 133 -16.70 21.76 -37.02
C ALA D 133 -16.46 20.58 -37.95
N GLY D 134 -17.52 20.06 -38.57
CA GLY D 134 -17.36 18.97 -39.51
C GLY D 134 -16.48 19.34 -40.68
N GLU D 135 -16.63 20.57 -41.19
CA GLU D 135 -15.78 21.02 -42.30
C GLU D 135 -14.31 21.06 -41.89
N MET D 136 -14.02 21.56 -40.69
CA MET D 136 -12.65 21.57 -40.21
C MET D 136 -12.14 20.19 -39.86
N GLY D 137 -13.04 19.25 -39.54
CA GLY D 137 -12.62 17.88 -39.28
C GLY D 137 -11.95 17.23 -40.46
N GLN D 138 -12.25 17.68 -41.69
CA GLN D 138 -11.61 17.15 -42.88
C GLN D 138 -10.24 17.75 -43.13
N ASN D 139 -9.90 18.85 -42.46
CA ASN D 139 -8.59 19.47 -42.64
C ASN D 139 -7.49 18.58 -42.07
N GLU D 140 -6.39 18.49 -42.80
CA GLU D 140 -5.24 17.75 -42.30
C GLU D 140 -4.58 18.54 -41.17
N PRO D 141 -4.20 17.90 -40.06
CA PRO D 141 -3.55 18.67 -38.99
C PRO D 141 -2.28 19.33 -39.48
N ASP D 142 -2.05 20.55 -39.01
CA ASP D 142 -0.87 21.32 -39.39
C ASP D 142 0.32 20.87 -38.52
N GLN D 143 1.44 21.59 -38.62
CA GLN D 143 2.62 21.20 -37.86
C GLN D 143 2.32 21.18 -36.36
N GLY D 144 1.44 22.04 -35.89
CA GLY D 144 1.02 22.07 -34.50
C GLY D 144 -0.13 21.15 -34.17
N GLY D 145 -0.64 20.39 -35.14
CA GLY D 145 -1.76 19.50 -34.90
C GLY D 145 -3.10 20.18 -34.84
N GLN D 146 -3.21 21.42 -35.32
CA GLN D 146 -4.45 22.18 -35.25
C GLN D 146 -5.20 22.07 -36.57
N ARG D 147 -6.50 21.78 -36.49
CA ARG D 147 -7.35 21.69 -37.67
C ARG D 147 -8.13 22.97 -37.95
N GLY D 148 -8.31 23.82 -36.94
CA GLY D 148 -9.03 25.06 -37.14
C GLY D 148 -9.22 25.78 -35.83
N VAL D 149 -9.85 26.95 -35.92
CA VAL D 149 -10.12 27.80 -34.76
C VAL D 149 -11.54 28.34 -34.86
N ILE D 150 -12.24 28.36 -33.73
CA ILE D 150 -13.59 28.89 -33.65
C ILE D 150 -13.60 30.02 -32.63
N ILE D 151 -14.10 31.19 -33.04
CA ILE D 151 -14.19 32.36 -32.17
C ILE D 151 -15.67 32.73 -32.03
N ASN D 152 -16.11 32.88 -30.80
CA ASN D 152 -17.48 33.28 -30.50
C ASN D 152 -17.51 34.74 -30.07
N THR D 153 -18.72 35.30 -30.03
CA THR D 153 -18.94 36.70 -29.67
C THR D 153 -19.98 36.74 -28.55
N ALA D 154 -19.51 36.65 -27.31
CA ALA D 154 -20.36 36.83 -26.14
C ALA D 154 -20.52 38.33 -25.90
N SER D 155 -21.03 38.70 -24.72
CA SER D 155 -21.17 40.10 -24.36
C SER D 155 -20.83 40.28 -22.89
N VAL D 156 -20.48 41.51 -22.54
CA VAL D 156 -20.27 41.86 -21.13
C VAL D 156 -21.54 41.64 -20.34
N ALA D 157 -22.70 41.68 -20.99
CA ALA D 157 -23.96 41.40 -20.30
C ALA D 157 -23.99 40.00 -19.71
N ALA D 158 -23.18 39.07 -20.25
CA ALA D 158 -23.11 37.73 -19.67
C ALA D 158 -22.60 37.75 -18.24
N PHE D 159 -21.84 38.78 -17.86
CA PHE D 159 -21.34 38.94 -16.50
C PHE D 159 -21.97 40.12 -15.79
N GLU D 160 -21.99 41.29 -16.44
CA GLU D 160 -22.57 42.51 -15.88
C GLU D 160 -23.66 42.97 -16.83
N GLY D 161 -24.87 42.44 -16.64
CA GLY D 161 -25.99 42.82 -17.47
C GLY D 161 -26.80 43.95 -16.87
N GLN D 162 -27.48 44.70 -17.74
CA GLN D 162 -28.25 45.86 -17.35
C GLN D 162 -29.74 45.52 -17.32
N VAL D 163 -30.55 46.50 -16.92
CA VAL D 163 -31.98 46.31 -16.85
C VAL D 163 -32.54 46.19 -18.26
N GLY D 164 -33.40 45.19 -18.47
CA GLY D 164 -33.96 44.92 -19.78
C GLY D 164 -33.10 44.06 -20.68
N GLN D 165 -31.94 43.60 -20.20
CA GLN D 165 -31.03 42.77 -20.97
C GLN D 165 -31.11 41.30 -20.57
N ALA D 166 -32.18 40.89 -19.89
CA ALA D 166 -32.30 39.52 -19.43
C ALA D 166 -32.23 38.53 -20.59
N ALA D 167 -32.99 38.81 -21.66
CA ALA D 167 -32.95 37.92 -22.81
C ALA D 167 -31.57 37.91 -23.45
N TYR D 168 -30.95 39.08 -23.59
CA TYR D 168 -29.62 39.15 -24.16
C TYR D 168 -28.59 38.46 -23.27
N SER D 169 -28.69 38.68 -21.96
CA SER D 169 -27.74 38.05 -21.03
C SER D 169 -27.86 36.54 -21.07
N ALA D 170 -29.09 36.02 -21.13
CA ALA D 170 -29.28 34.57 -21.11
C ALA D 170 -28.61 33.92 -22.31
N SER D 171 -28.79 34.51 -23.50
CA SER D 171 -28.17 33.94 -24.70
C SER D 171 -26.64 34.03 -24.64
N LYS D 172 -26.12 35.18 -24.24
CA LYS D 172 -24.67 35.34 -24.15
C LYS D 172 -24.10 34.57 -22.97
N GLY D 173 -24.88 34.38 -21.91
CA GLY D 173 -24.42 33.55 -20.81
C GLY D 173 -24.22 32.11 -21.23
N GLY D 174 -25.09 31.61 -22.12
CA GLY D 174 -24.93 30.25 -22.62
C GLY D 174 -23.65 30.08 -23.43
N ILE D 175 -23.30 31.09 -24.23
CA ILE D 175 -22.06 31.02 -25.00
C ILE D 175 -20.86 30.93 -24.07
N VAL D 176 -20.85 31.75 -23.01
CA VAL D 176 -19.78 31.69 -22.03
C VAL D 176 -19.79 30.34 -21.32
N GLY D 177 -20.98 29.83 -20.99
CA GLY D 177 -21.06 28.54 -20.33
C GLY D 177 -20.63 27.38 -21.22
N MET D 178 -20.95 27.45 -22.51
CA MET D 178 -20.71 26.36 -23.43
C MET D 178 -19.39 26.46 -24.17
N THR D 179 -18.61 27.53 -23.95
CA THR D 179 -17.35 27.66 -24.68
C THR D 179 -16.35 26.58 -24.27
N LEU D 180 -16.29 26.23 -22.99
CA LEU D 180 -15.33 25.26 -22.51
C LEU D 180 -15.77 23.84 -22.83
N PRO D 181 -17.05 23.48 -22.62
CA PRO D 181 -17.48 22.13 -23.03
C PRO D 181 -17.22 21.84 -24.50
N ILE D 182 -17.43 22.81 -25.38
CA ILE D 182 -17.15 22.60 -26.79
C ILE D 182 -15.65 22.52 -27.02
N ALA D 183 -14.88 23.34 -26.32
CA ALA D 183 -13.43 23.28 -26.44
C ALA D 183 -12.90 21.91 -26.05
N ARG D 184 -13.42 21.35 -24.96
CA ARG D 184 -13.08 19.98 -24.58
C ARG D 184 -13.59 18.98 -25.61
N ASP D 185 -14.79 19.24 -26.15
CA ASP D 185 -15.37 18.33 -27.13
C ASP D 185 -14.50 18.23 -28.38
N LEU D 186 -14.00 19.36 -28.87
CA LEU D 186 -13.23 19.40 -30.11
C LEU D 186 -11.73 19.32 -29.88
N ALA D 187 -11.29 19.18 -28.62
CA ALA D 187 -9.85 19.07 -28.37
C ALA D 187 -9.24 17.86 -29.06
N PRO D 188 -9.83 16.66 -29.01
CA PRO D 188 -9.24 15.53 -29.74
C PRO D 188 -9.10 15.79 -31.22
N ILE D 189 -10.07 16.49 -31.82
CA ILE D 189 -10.00 16.80 -33.25
C ILE D 189 -8.86 17.76 -33.53
N GLY D 190 -8.63 18.72 -32.64
CA GLY D 190 -7.57 19.69 -32.81
C GLY D 190 -8.10 21.05 -33.23
N ILE D 191 -9.28 21.41 -32.72
CA ILE D 191 -9.93 22.68 -33.03
C ILE D 191 -10.00 23.50 -31.75
N ARG D 192 -9.54 24.75 -31.83
CA ARG D 192 -9.57 25.65 -30.67
C ARG D 192 -10.86 26.45 -30.69
N VAL D 193 -11.51 26.52 -29.54
CA VAL D 193 -12.76 27.27 -29.37
C VAL D 193 -12.49 28.39 -28.37
N MET D 194 -12.71 29.63 -28.79
CA MET D 194 -12.48 30.80 -27.95
C MET D 194 -13.69 31.72 -28.04
N THR D 195 -13.88 32.52 -26.99
CA THR D 195 -15.00 33.44 -26.90
C THR D 195 -14.48 34.83 -26.57
N ILE D 196 -15.05 35.84 -27.23
CA ILE D 196 -14.74 37.24 -26.97
C ILE D 196 -16.00 37.90 -26.43
N ALA D 197 -15.85 38.66 -25.35
CA ALA D 197 -16.99 39.32 -24.73
C ALA D 197 -16.86 40.82 -24.89
N PRO D 198 -17.05 41.35 -26.11
CA PRO D 198 -16.97 42.80 -26.29
C PRO D 198 -18.10 43.52 -25.59
N GLY D 199 -17.82 44.77 -25.21
CA GLY D 199 -18.81 45.60 -24.55
C GLY D 199 -18.78 47.03 -25.04
N LEU D 200 -19.93 47.52 -25.49
CA LEU D 200 -20.08 48.91 -25.92
C LEU D 200 -19.11 49.24 -27.07
N PHE D 201 -19.33 48.55 -28.19
CA PHE D 201 -18.57 48.78 -29.41
C PHE D 201 -19.34 49.67 -30.36
N GLY D 202 -18.62 50.29 -31.30
CA GLY D 202 -19.22 51.22 -32.24
C GLY D 202 -19.94 50.53 -33.38
N THR D 203 -20.75 49.52 -33.06
CA THR D 203 -21.53 48.81 -34.06
C THR D 203 -22.83 49.56 -34.32
N PRO D 204 -23.52 49.25 -35.42
CA PRO D 204 -24.78 49.93 -35.71
C PRO D 204 -25.81 49.79 -34.60
N LEU D 205 -25.84 48.65 -33.91
CA LEU D 205 -26.82 48.46 -32.85
C LEU D 205 -26.66 49.49 -31.75
N LEU D 206 -25.44 49.62 -31.21
CA LEU D 206 -25.21 50.58 -30.14
C LEU D 206 -25.42 52.01 -30.63
N THR D 207 -24.95 52.33 -31.84
CA THR D 207 -25.13 53.66 -32.38
C THR D 207 -26.59 53.99 -32.64
N SER D 208 -27.45 52.97 -32.79
CA SER D 208 -28.87 53.23 -33.02
C SER D 208 -29.53 53.84 -31.80
N LEU D 209 -29.06 53.48 -30.60
CA LEU D 209 -29.63 53.99 -29.36
C LEU D 209 -29.52 55.50 -29.30
N PRO D 210 -30.18 56.15 -28.34
CA PRO D 210 -30.16 57.62 -28.30
C PRO D 210 -28.74 58.16 -28.23
N GLU D 211 -28.52 59.28 -28.92
CA GLU D 211 -27.18 59.87 -28.95
C GLU D 211 -26.83 60.31 -27.54
N LYS D 212 -27.80 60.87 -26.81
CA LYS D 212 -27.53 61.28 -25.43
C LYS D 212 -27.01 60.10 -24.60
N VAL D 213 -27.71 58.96 -24.69
CA VAL D 213 -27.23 57.76 -24.02
C VAL D 213 -25.90 57.16 -24.44
N CYS D 214 -25.66 57.05 -25.74
CA CYS D 214 -24.40 56.45 -26.21
C CYS D 214 -23.17 57.31 -25.87
N ASN D 215 -23.35 58.62 -25.88
CA ASN D 215 -22.24 59.51 -25.51
C ASN D 215 -21.95 59.26 -24.03
N PHE D 216 -22.99 59.12 -23.21
CA PHE D 216 -22.78 58.88 -21.78
C PHE D 216 -22.04 57.57 -21.55
N LEU D 217 -22.44 56.51 -22.25
CA LEU D 217 -21.76 55.22 -22.09
C LEU D 217 -20.31 55.32 -22.56
N ALA D 218 -20.06 56.03 -23.65
CA ALA D 218 -18.70 56.18 -24.14
C ALA D 218 -17.81 56.83 -23.10
N SER D 219 -18.37 57.69 -22.24
CA SER D 219 -17.61 58.33 -21.19
C SER D 219 -17.48 57.48 -19.94
N GLN D 220 -18.23 56.39 -19.83
CA GLN D 220 -18.17 55.51 -18.66
C GLN D 220 -17.05 54.49 -18.74
N VAL D 221 -16.42 54.32 -19.90
CA VAL D 221 -15.31 53.39 -20.05
C VAL D 221 -14.09 54.03 -19.38
N PRO D 222 -13.47 53.37 -18.38
CA PRO D 222 -12.30 53.99 -17.74
C PRO D 222 -11.24 54.43 -18.73
N PHE D 223 -10.78 53.52 -19.60
CA PHE D 223 -9.82 53.89 -20.63
C PHE D 223 -9.76 52.80 -21.70
N PRO D 224 -9.87 53.14 -22.99
CA PRO D 224 -10.11 54.48 -23.54
C PRO D 224 -11.55 54.91 -23.33
N SER D 225 -11.78 56.21 -23.07
CA SER D 225 -13.13 56.71 -22.80
C SER D 225 -13.85 56.96 -24.13
N ARG D 226 -14.11 55.86 -24.84
CA ARG D 226 -14.80 55.91 -26.12
C ARG D 226 -15.39 54.55 -26.42
N LEU D 227 -16.31 54.51 -27.38
CA LEU D 227 -16.90 53.26 -27.81
C LEU D 227 -15.85 52.38 -28.48
N GLY D 228 -15.94 51.08 -28.24
CA GLY D 228 -15.00 50.15 -28.83
C GLY D 228 -14.99 50.20 -30.34
N ASP D 229 -13.80 50.33 -30.92
CA ASP D 229 -13.67 50.34 -32.37
C ASP D 229 -13.79 48.92 -32.91
N PRO D 230 -14.69 48.66 -33.88
CA PRO D 230 -14.78 47.30 -34.42
C PRO D 230 -13.46 46.78 -34.98
N ALA D 231 -12.58 47.67 -35.45
CA ALA D 231 -11.27 47.24 -35.89
C ALA D 231 -10.48 46.63 -34.74
N GLU D 232 -10.62 47.17 -33.53
CA GLU D 232 -9.93 46.62 -32.38
C GLU D 232 -10.40 45.19 -32.11
N TYR D 233 -11.71 44.94 -32.26
CA TYR D 233 -12.22 43.58 -32.11
C TYR D 233 -11.59 42.65 -33.15
N ALA D 234 -11.44 43.14 -34.39
CA ALA D 234 -10.81 42.32 -35.42
C ALA D 234 -9.38 41.99 -35.07
N HIS D 235 -8.64 42.94 -34.48
CA HIS D 235 -7.26 42.69 -34.10
C HIS D 235 -7.17 41.56 -33.08
N LEU D 236 -8.07 41.57 -32.08
CA LEU D 236 -8.07 40.50 -31.09
C LEU D 236 -8.40 39.15 -31.72
N VAL D 237 -9.29 39.14 -32.72
CA VAL D 237 -9.60 37.89 -33.41
C VAL D 237 -8.35 37.34 -34.09
N GLN D 238 -7.57 38.19 -34.74
CA GLN D 238 -6.35 37.74 -35.37
C GLN D 238 -5.36 37.21 -34.33
N ALA D 239 -5.27 37.87 -33.19
CA ALA D 239 -4.35 37.43 -32.15
C ALA D 239 -4.72 36.03 -31.64
N ILE D 240 -6.02 35.78 -31.46
CA ILE D 240 -6.46 34.46 -31.02
C ILE D 240 -6.09 33.40 -32.06
N ILE D 241 -6.29 33.72 -33.34
CA ILE D 241 -5.97 32.78 -34.40
C ILE D 241 -4.47 32.46 -34.40
N GLU D 242 -3.64 33.50 -34.27
CA GLU D 242 -2.19 33.28 -34.32
C GLU D 242 -1.67 32.57 -33.09
N ASN D 243 -2.25 32.85 -31.92
CA ASN D 243 -1.76 32.25 -30.69
C ASN D 243 -2.24 30.80 -30.60
N PRO D 244 -1.33 29.82 -30.55
CA PRO D 244 -1.79 28.42 -30.47
C PRO D 244 -2.31 28.02 -29.10
N PHE D 245 -1.97 28.75 -28.04
CA PHE D 245 -2.30 28.34 -26.68
C PHE D 245 -3.57 28.99 -26.14
N LEU D 246 -4.27 29.79 -26.94
CA LEU D 246 -5.52 30.40 -26.52
C LEU D 246 -6.67 29.46 -26.87
N ASN D 247 -7.25 28.84 -25.85
CA ASN D 247 -8.33 27.88 -26.05
C ASN D 247 -9.21 27.84 -24.81
N GLY D 248 -10.52 27.73 -25.03
CA GLY D 248 -11.45 27.58 -23.92
C GLY D 248 -11.39 28.69 -22.91
N GLU D 249 -11.31 29.94 -23.37
CA GLU D 249 -11.23 31.09 -22.48
C GLU D 249 -12.11 32.19 -23.02
N VAL D 250 -12.64 33.01 -22.12
CA VAL D 250 -13.46 34.17 -22.47
C VAL D 250 -12.64 35.41 -22.19
N ILE D 251 -12.44 36.23 -23.22
CA ILE D 251 -11.65 37.45 -23.14
C ILE D 251 -12.61 38.63 -23.18
N ARG D 252 -12.57 39.46 -22.13
CA ARG D 252 -13.40 40.65 -22.06
C ARG D 252 -12.68 41.81 -22.73
N LEU D 253 -13.22 42.25 -23.87
CA LEU D 253 -12.68 43.40 -24.61
C LEU D 253 -13.69 44.54 -24.43
N ASP D 254 -13.56 45.28 -23.34
CA ASP D 254 -14.52 46.31 -23.01
C ASP D 254 -13.89 47.56 -22.38
N GLY D 255 -12.58 47.61 -22.20
CA GLY D 255 -11.98 48.77 -21.57
C GLY D 255 -12.17 48.85 -20.08
N ALA D 256 -12.40 47.72 -19.41
CA ALA D 256 -12.51 47.68 -17.95
C ALA D 256 -13.78 48.37 -17.45
N ILE D 257 -14.89 48.16 -18.14
CA ILE D 257 -16.17 48.77 -17.79
C ILE D 257 -17.06 47.69 -17.20
N ARG D 258 -17.64 47.98 -16.04
CA ARG D 258 -18.60 47.10 -15.39
C ARG D 258 -19.96 47.80 -15.40
N MET D 259 -20.88 47.31 -16.24
CA MET D 259 -22.14 48.00 -16.43
C MET D 259 -22.94 48.02 -15.12
N GLN D 260 -23.78 49.03 -14.99
CA GLN D 260 -24.54 49.28 -13.77
C GLN D 260 -26.04 49.16 -14.03
N PRO D 261 -26.86 48.98 -12.97
CA PRO D 261 -28.31 48.86 -13.14
C PRO D 261 -28.90 49.99 -13.98
N PRO E 7 -2.84 -40.21 9.66
CA PRO E 7 -2.15 -41.45 9.32
C PRO E 7 -0.76 -41.21 8.73
N LEU E 8 -0.11 -42.26 8.25
CA LEU E 8 1.23 -42.19 7.68
C LEU E 8 1.13 -42.19 6.15
N ARG E 9 2.12 -41.57 5.50
CA ARG E 9 2.09 -41.47 4.05
C ARG E 9 2.44 -42.80 3.39
N HIS E 10 3.43 -43.51 3.94
CA HIS E 10 3.96 -44.68 3.24
C HIS E 10 2.91 -45.79 3.10
N LEU E 11 2.05 -45.96 4.10
CA LEU E 11 1.03 -47.00 3.99
C LEU E 11 0.07 -46.72 2.85
N ARG E 12 -0.28 -45.45 2.64
CA ARG E 12 -1.19 -45.10 1.54
C ARG E 12 -0.55 -45.42 0.20
N THR E 13 0.74 -45.11 0.05
CA THR E 13 1.43 -45.39 -1.20
C THR E 13 1.46 -46.89 -1.47
N ARG E 14 1.72 -47.69 -0.43
CA ARG E 14 1.69 -49.15 -0.59
C ARG E 14 0.31 -49.61 -1.05
N GLU E 15 -0.74 -49.20 -0.33
CA GLU E 15 -2.08 -49.60 -0.72
C GLU E 15 -2.43 -49.16 -2.13
N LYS E 16 -1.86 -48.02 -2.58
CA LYS E 16 -2.12 -47.56 -3.93
C LYS E 16 -1.57 -48.52 -4.96
N ARG E 17 -0.38 -49.08 -4.72
CA ARG E 17 0.22 -50.01 -5.67
C ARG E 17 -0.54 -51.31 -5.78
N GLY E 18 -1.41 -51.62 -4.82
CA GLY E 18 -2.11 -52.88 -4.80
C GLY E 18 -1.14 -54.04 -4.65
N PRO E 19 -1.31 -55.11 -5.46
CA PRO E 19 -0.41 -56.26 -5.41
C PRO E 19 0.94 -56.00 -6.08
N SER E 20 1.62 -54.94 -5.65
CA SER E 20 2.91 -54.54 -6.23
C SER E 20 2.79 -54.31 -7.73
N GLY E 21 1.63 -53.84 -8.19
CA GLY E 21 1.41 -53.60 -9.60
C GLY E 21 1.92 -52.24 -10.05
N CYS E 22 1.84 -52.03 -11.36
CA CYS E 22 2.26 -50.78 -12.01
C CYS E 22 3.74 -50.49 -11.83
N SER E 23 4.52 -51.47 -11.40
CA SER E 23 5.96 -51.28 -11.20
C SER E 23 6.58 -52.63 -10.86
N GLY E 24 7.89 -52.72 -11.10
CA GLY E 24 8.63 -53.92 -10.77
C GLY E 24 9.33 -53.80 -9.44
N GLY E 25 10.65 -53.95 -9.44
CA GLY E 25 11.43 -53.80 -8.24
C GLY E 25 11.82 -52.36 -7.99
N PRO E 26 12.38 -52.07 -6.82
CA PRO E 26 12.81 -50.71 -6.52
C PRO E 26 13.93 -50.26 -7.44
N ASN E 27 13.95 -48.97 -7.76
CA ASN E 27 14.95 -48.43 -8.66
C ASN E 27 16.35 -48.54 -8.07
N THR E 28 16.53 -48.08 -6.83
CA THR E 28 17.81 -48.07 -6.16
C THR E 28 17.70 -48.78 -4.82
N VAL E 29 18.70 -49.60 -4.51
CA VAL E 29 18.77 -50.34 -3.26
C VAL E 29 20.24 -50.38 -2.84
N TYR E 30 20.55 -49.73 -1.72
CA TYR E 30 21.92 -49.69 -1.20
C TYR E 30 21.95 -50.22 0.22
N LEU E 31 23.16 -50.55 0.67
CA LEU E 31 23.41 -51.10 2.01
C LEU E 31 24.28 -50.11 2.76
N GLN E 32 23.73 -49.50 3.80
CA GLN E 32 24.42 -48.50 4.60
C GLN E 32 24.71 -49.04 5.99
N VAL E 33 25.89 -48.71 6.51
CA VAL E 33 26.30 -49.13 7.84
C VAL E 33 25.96 -48.02 8.82
N VAL E 34 25.20 -48.36 9.86
CA VAL E 34 24.83 -47.40 10.89
C VAL E 34 25.77 -47.48 12.09
N ALA E 35 26.19 -48.68 12.46
CA ALA E 35 27.16 -48.89 13.53
C ALA E 35 28.30 -49.74 12.98
N ALA E 36 29.53 -49.22 13.09
CA ALA E 36 30.69 -49.89 12.54
C ALA E 36 31.09 -51.14 13.31
N GLY E 37 30.49 -51.38 14.48
CA GLY E 37 30.85 -52.51 15.30
C GLY E 37 31.74 -52.18 16.48
N SER E 38 31.96 -50.91 16.77
CA SER E 38 32.81 -50.53 17.89
C SER E 38 32.23 -51.06 19.21
N ARG E 39 33.07 -51.05 20.24
CA ARG E 39 32.65 -51.56 21.54
C ARG E 39 31.50 -50.72 22.10
N ASP E 40 31.58 -49.39 21.96
CA ASP E 40 30.57 -48.53 22.55
C ASP E 40 29.26 -48.58 21.77
N SER E 41 29.33 -48.57 20.43
CA SER E 41 28.14 -48.47 19.61
C SER E 41 27.58 -49.82 19.18
N GLY E 42 28.37 -50.90 19.28
CA GLY E 42 27.92 -52.19 18.83
C GLY E 42 27.93 -52.28 17.30
N ALA E 43 27.33 -53.36 16.82
CA ALA E 43 27.28 -53.66 15.39
C ALA E 43 25.83 -53.62 14.92
N ALA E 44 25.58 -52.90 13.83
CA ALA E 44 24.26 -52.81 13.25
C ALA E 44 24.38 -52.54 11.77
N LEU E 45 23.31 -52.87 11.03
CA LEU E 45 23.30 -52.73 9.58
C LEU E 45 21.94 -52.21 9.15
N TYR E 46 21.94 -51.32 8.15
CA TYR E 46 20.72 -50.68 7.66
C TYR E 46 20.59 -50.92 6.17
N VAL E 47 19.40 -51.35 5.74
CA VAL E 47 19.09 -51.60 4.34
C VAL E 47 18.08 -50.56 3.88
N PHE E 48 18.34 -49.94 2.74
CA PHE E 48 17.45 -48.95 2.16
C PHE E 48 16.92 -49.46 0.83
N SER E 49 15.63 -49.20 0.59
CA SER E 49 15.01 -49.54 -0.68
C SER E 49 13.88 -48.54 -0.95
N GLU E 50 13.45 -48.49 -2.21
CA GLU E 50 12.43 -47.52 -2.59
C GLU E 50 11.13 -47.76 -1.83
N PHE E 51 10.72 -49.01 -1.70
CA PHE E 51 9.45 -49.35 -1.09
C PHE E 51 9.57 -49.85 0.34
N ASN E 52 10.72 -50.37 0.75
CA ASN E 52 10.89 -50.96 2.06
C ASN E 52 12.23 -50.54 2.67
N ARG E 53 12.32 -50.67 3.99
CA ARG E 53 13.55 -50.41 4.72
C ARG E 53 13.67 -51.44 5.83
N TYR E 54 14.89 -51.93 6.04
CA TYR E 54 15.15 -53.00 6.99
C TYR E 54 16.32 -52.63 7.89
N LEU E 55 16.30 -53.18 9.11
CA LEU E 55 17.34 -52.95 10.10
C LEU E 55 17.82 -54.30 10.63
N PHE E 56 19.12 -54.42 10.84
CA PHE E 56 19.75 -55.65 11.29
C PHE E 56 20.49 -55.41 12.60
N ASN E 57 20.32 -56.32 13.55
CA ASN E 57 21.07 -56.32 14.81
C ASN E 57 20.92 -54.96 15.51
N CYS E 58 19.68 -54.66 15.90
CA CYS E 58 19.38 -53.42 16.60
C CYS E 58 19.97 -53.51 18.00
N GLY E 59 21.19 -52.99 18.16
CA GLY E 59 21.89 -53.01 19.42
C GLY E 59 21.57 -51.79 20.26
N GLU E 60 22.35 -51.64 21.34
CA GLU E 60 22.15 -50.55 22.27
C GLU E 60 22.65 -49.25 21.65
N GLY E 61 21.80 -48.23 21.67
CA GLY E 61 22.14 -46.94 21.12
C GLY E 61 21.99 -46.82 19.62
N VAL E 62 21.53 -47.87 18.94
CA VAL E 62 21.38 -47.81 17.49
C VAL E 62 20.33 -46.78 17.11
N GLN E 63 19.23 -46.72 17.84
CA GLN E 63 18.19 -45.75 17.54
C GLN E 63 18.72 -44.33 17.61
N ARG E 64 19.60 -44.05 18.58
CA ARG E 64 20.18 -42.72 18.69
C ARG E 64 20.99 -42.37 17.44
N LEU E 65 21.77 -43.33 16.93
CA LEU E 65 22.54 -43.08 15.72
C LEU E 65 21.66 -42.81 14.50
N MET E 66 20.59 -43.59 14.34
CA MET E 66 19.70 -43.38 13.21
C MET E 66 18.98 -42.02 13.31
N GLN E 67 18.59 -41.64 14.52
CA GLN E 67 17.93 -40.35 14.72
C GLN E 67 18.91 -39.22 14.47
N GLU E 68 20.21 -39.46 14.64
CA GLU E 68 21.22 -38.43 14.47
C GLU E 68 21.69 -38.28 13.04
N HIS E 69 21.67 -39.35 12.25
CA HIS E 69 22.19 -39.34 10.89
C HIS E 69 21.07 -39.34 9.85
N LYS E 70 19.91 -38.81 10.20
CA LYS E 70 18.80 -38.65 9.27
C LYS E 70 18.36 -39.98 8.66
N LEU E 71 18.47 -41.06 9.42
CA LEU E 71 17.94 -42.37 9.00
C LEU E 71 16.53 -42.49 9.54
N LYS E 72 15.54 -42.32 8.65
CA LYS E 72 14.15 -42.25 9.08
C LYS E 72 13.74 -43.56 9.74
N VAL E 73 12.93 -43.44 10.80
CA VAL E 73 12.52 -44.58 11.60
C VAL E 73 11.08 -44.96 11.30
N ALA E 74 10.27 -43.97 10.91
CA ALA E 74 8.85 -44.19 10.67
C ALA E 74 8.58 -45.02 9.42
N ARG E 75 9.61 -45.46 8.69
CA ARG E 75 9.42 -46.24 7.48
C ARG E 75 9.94 -47.67 7.59
N LEU E 76 10.53 -48.05 8.72
CA LEU E 76 11.05 -49.41 8.87
C LEU E 76 9.90 -50.42 8.80
N ASP E 77 10.19 -51.56 8.18
CA ASP E 77 9.24 -52.66 8.06
C ASP E 77 9.61 -53.86 8.90
N ASN E 78 10.84 -54.39 8.74
CA ASN E 78 11.31 -55.53 9.50
C ASN E 78 12.60 -55.17 10.21
N ILE E 79 12.80 -55.77 11.38
CA ILE E 79 14.05 -55.68 12.13
C ILE E 79 14.57 -57.10 12.31
N PHE E 80 15.76 -57.36 11.76
CA PHE E 80 16.35 -58.69 11.77
C PHE E 80 17.42 -58.76 12.84
N LEU E 81 17.38 -59.82 13.65
CA LEU E 81 18.33 -60.03 14.73
C LEU E 81 19.06 -61.34 14.47
N THR E 82 20.40 -61.27 14.39
CA THR E 82 21.20 -62.46 14.11
C THR E 82 21.40 -63.34 15.33
N ARG E 83 21.18 -62.81 16.53
CA ARG E 83 21.41 -63.57 17.74
C ARG E 83 20.55 -62.89 18.79
N MET E 84 20.15 -63.66 19.80
CA MET E 84 19.38 -63.13 20.93
C MET E 84 20.41 -62.87 22.05
N HIS E 85 21.02 -61.71 21.99
CA HIS E 85 22.08 -61.35 22.92
C HIS E 85 21.93 -59.84 23.04
N TRP E 86 22.14 -59.31 24.26
CA TRP E 86 21.84 -57.91 24.51
C TRP E 86 22.58 -56.99 23.54
N SER E 87 23.78 -57.37 23.11
CA SER E 87 24.48 -56.60 22.10
C SER E 87 23.70 -56.54 20.79
N ASN E 88 22.77 -57.46 20.58
CA ASN E 88 21.95 -57.49 19.37
C ASN E 88 20.48 -57.18 19.62
N VAL E 89 19.93 -57.57 20.76
CA VAL E 89 18.53 -57.32 21.06
C VAL E 89 18.42 -56.16 22.06
N GLY E 90 19.49 -55.93 22.82
CA GLY E 90 19.48 -54.82 23.75
C GLY E 90 19.30 -53.49 23.03
N GLY E 91 18.55 -52.59 23.67
CA GLY E 91 18.17 -51.35 23.04
C GLY E 91 17.02 -51.47 22.07
N LEU E 92 16.48 -52.68 21.89
CA LEU E 92 15.34 -52.86 21.00
C LEU E 92 14.06 -52.32 21.62
N SER E 93 13.94 -52.42 22.95
CA SER E 93 12.73 -51.92 23.61
C SER E 93 12.49 -50.45 23.28
N GLY E 94 13.53 -49.61 23.42
CA GLY E 94 13.39 -48.22 23.03
C GLY E 94 13.08 -48.05 21.56
N MET E 95 13.57 -48.95 20.72
CA MET E 95 13.28 -48.88 19.30
C MET E 95 11.79 -49.06 19.05
N ILE E 96 11.15 -49.99 19.76
CA ILE E 96 9.73 -50.24 19.55
C ILE E 96 8.91 -49.02 19.93
N LEU E 97 9.25 -48.37 21.05
CA LEU E 97 8.52 -47.18 21.45
C LEU E 97 8.63 -46.09 20.39
N THR E 98 9.82 -45.89 19.83
CA THR E 98 10.00 -44.89 18.78
C THR E 98 9.04 -45.13 17.62
N LEU E 99 8.90 -46.39 17.20
CA LEU E 99 7.94 -46.72 16.16
C LEU E 99 6.52 -46.40 16.60
N LYS E 100 6.19 -46.71 17.85
CA LYS E 100 4.84 -46.44 18.35
C LYS E 100 4.54 -44.94 18.34
N GLU E 101 5.51 -44.12 18.75
CA GLU E 101 5.30 -42.68 18.72
C GLU E 101 5.03 -42.18 17.30
N THR E 102 5.79 -42.69 16.33
CA THR E 102 5.58 -42.30 14.94
C THR E 102 4.26 -42.83 14.37
N GLY E 103 3.61 -43.75 15.06
CA GLY E 103 2.33 -44.26 14.60
C GLY E 103 2.41 -45.45 13.67
N LEU E 104 3.54 -46.14 13.62
CA LEU E 104 3.65 -47.30 12.75
C LEU E 104 2.63 -48.36 13.16
N PRO E 105 1.82 -48.88 12.23
CA PRO E 105 0.80 -49.86 12.64
C PRO E 105 1.37 -51.22 13.00
N LYS E 106 2.33 -51.72 12.22
CA LYS E 106 2.89 -53.05 12.44
C LYS E 106 4.38 -53.05 12.11
N CYS E 107 5.15 -53.78 12.92
CA CYS E 107 6.56 -54.00 12.67
C CYS E 107 6.85 -55.48 12.90
N VAL E 108 7.53 -56.11 11.94
CA VAL E 108 7.81 -57.54 11.97
C VAL E 108 9.22 -57.75 12.48
N LEU E 109 9.37 -58.65 13.44
CA LEU E 109 10.66 -59.01 14.00
C LEU E 109 11.04 -60.41 13.56
N SER E 110 12.29 -60.59 13.12
CA SER E 110 12.79 -61.87 12.66
C SER E 110 14.06 -62.21 13.41
N GLY E 111 14.31 -63.51 13.58
CA GLY E 111 15.46 -63.98 14.31
C GLY E 111 15.18 -65.26 15.06
N PRO E 112 15.85 -65.45 16.20
CA PRO E 112 15.68 -66.70 16.95
C PRO E 112 14.28 -66.80 17.53
N PRO E 113 13.80 -68.02 17.79
CA PRO E 113 12.44 -68.18 18.35
C PRO E 113 12.30 -67.70 19.78
N GLN E 114 13.34 -67.11 20.38
CA GLN E 114 13.23 -66.52 21.70
C GLN E 114 12.68 -65.09 21.65
N LEU E 115 12.45 -64.53 20.47
CA LEU E 115 11.96 -63.17 20.37
C LEU E 115 10.58 -63.02 21.02
N GLU E 116 9.71 -64.00 20.82
CA GLU E 116 8.35 -63.90 21.36
C GLU E 116 8.39 -63.78 22.88
N LYS E 117 9.26 -64.55 23.54
CA LYS E 117 9.38 -64.44 24.98
C LYS E 117 9.97 -63.09 25.39
N TYR E 118 10.88 -62.54 24.58
CA TYR E 118 11.49 -61.26 24.93
C TYR E 118 10.45 -60.13 24.91
N LEU E 119 9.52 -60.17 23.96
CA LEU E 119 8.49 -59.13 23.90
C LEU E 119 7.65 -59.11 25.17
N GLU E 120 7.30 -60.27 25.71
CA GLU E 120 6.53 -60.30 26.95
C GLU E 120 7.43 -60.00 28.14
N ALA E 121 8.74 -60.23 28.02
CA ALA E 121 9.66 -59.83 29.07
C ALA E 121 9.68 -58.32 29.22
N ILE E 122 9.69 -57.59 28.11
CA ILE E 122 9.77 -56.13 28.17
C ILE E 122 8.45 -55.51 28.60
N LYS E 123 7.35 -56.26 28.56
CA LYS E 123 6.06 -55.72 29.00
C LYS E 123 6.03 -55.46 30.49
N ILE E 124 6.97 -56.02 31.25
CA ILE E 124 6.96 -55.84 32.71
C ILE E 124 7.16 -54.36 33.04
N PHE E 125 8.11 -53.71 32.38
CA PHE E 125 8.42 -52.32 32.64
C PHE E 125 7.91 -51.39 31.54
N SER E 126 7.95 -51.83 30.29
CA SER E 126 7.49 -51.00 29.18
C SER E 126 5.97 -50.90 29.11
N GLY E 127 5.25 -51.72 29.85
CA GLY E 127 3.81 -51.70 29.83
C GLY E 127 3.27 -52.35 28.56
N PRO E 128 1.96 -52.24 28.34
CA PRO E 128 1.38 -52.83 27.12
C PRO E 128 1.84 -52.08 25.88
N LEU E 129 2.21 -52.83 24.85
CA LEU E 129 2.62 -52.24 23.57
C LEU E 129 1.42 -52.10 22.63
N LYS E 130 0.35 -51.52 23.16
CA LYS E 130 -0.82 -51.19 22.36
C LYS E 130 -0.48 -50.12 21.31
N GLY E 131 -1.16 -50.20 20.18
CA GLY E 131 -1.00 -49.25 19.10
C GLY E 131 -0.02 -49.65 18.01
N ILE E 132 0.79 -50.68 18.25
CA ILE E 132 1.76 -51.14 17.25
C ILE E 132 1.82 -52.66 17.26
N GLU E 133 1.55 -53.26 16.10
CA GLU E 133 1.45 -54.71 16.02
C GLU E 133 2.84 -55.32 15.90
N LEU E 134 3.21 -56.17 16.86
CA LEU E 134 4.52 -56.82 16.90
C LEU E 134 4.35 -58.28 16.52
N ALA E 135 4.75 -58.64 15.30
CA ALA E 135 4.67 -60.00 14.79
C ALA E 135 6.08 -60.56 14.69
N VAL E 136 6.37 -61.57 15.50
CA VAL E 136 7.68 -62.22 15.48
C VAL E 136 7.66 -63.30 14.40
N ARG E 137 8.69 -63.31 13.56
CA ARG E 137 8.83 -64.26 12.46
C ARG E 137 10.09 -65.07 12.69
N PRO E 138 10.00 -66.20 13.39
CA PRO E 138 11.20 -66.99 13.67
C PRO E 138 11.74 -67.65 12.40
N HIS E 139 12.99 -68.11 12.50
CA HIS E 139 13.63 -68.75 11.36
C HIS E 139 12.85 -69.96 10.86
N SER E 140 12.08 -70.61 11.74
CA SER E 140 11.26 -71.73 11.31
C SER E 140 10.12 -71.30 10.40
N ALA E 141 9.77 -70.01 10.41
CA ALA E 141 8.69 -69.52 9.56
C ALA E 141 9.10 -69.58 8.10
N PRO E 142 8.13 -69.64 7.18
CA PRO E 142 8.46 -69.71 5.76
C PRO E 142 9.23 -68.48 5.30
N GLU E 143 9.72 -68.56 4.07
CA GLU E 143 10.50 -67.46 3.50
C GLU E 143 9.65 -66.20 3.42
N TYR E 144 10.24 -65.08 3.79
CA TYR E 144 9.55 -63.79 3.78
C TYR E 144 9.73 -63.14 2.42
N GLU E 145 8.62 -62.79 1.78
CA GLU E 145 8.62 -62.14 0.47
C GLU E 145 8.09 -60.72 0.62
N ASP E 146 8.81 -59.77 0.04
CA ASP E 146 8.46 -58.36 0.09
C ASP E 146 8.39 -57.81 -1.33
N GLU E 147 8.06 -56.52 -1.43
CA GLU E 147 8.05 -55.84 -2.72
C GLU E 147 9.46 -55.58 -3.25
N THR E 148 10.49 -55.78 -2.44
CA THR E 148 11.87 -55.50 -2.82
C THR E 148 12.74 -56.73 -2.87
N MET E 149 12.70 -57.58 -1.84
CA MET E 149 13.64 -58.69 -1.76
C MET E 149 13.05 -59.80 -0.89
N THR E 150 13.67 -60.97 -0.98
CA THR E 150 13.31 -62.12 -0.16
C THR E 150 14.43 -62.40 0.84
N VAL E 151 14.06 -62.77 2.05
CA VAL E 151 15.00 -63.00 3.14
C VAL E 151 14.97 -64.47 3.52
N TYR E 152 16.15 -65.08 3.59
CA TYR E 152 16.31 -66.48 3.96
C TYR E 152 16.98 -66.54 5.32
N GLN E 153 16.24 -67.01 6.33
CA GLN E 153 16.75 -67.11 7.69
C GLN E 153 17.39 -68.48 7.90
N ILE E 154 18.67 -68.50 8.22
CA ILE E 154 19.43 -69.73 8.40
C ILE E 154 19.76 -69.88 9.89
N PRO E 155 19.24 -70.89 10.58
CA PRO E 155 19.61 -71.09 11.99
C PRO E 155 20.89 -71.89 12.12
N ILE E 156 21.86 -71.36 12.87
CA ILE E 156 23.15 -72.01 13.09
C ILE E 156 23.28 -72.33 14.58
N HIS E 157 23.65 -73.57 14.89
CA HIS E 157 23.81 -74.02 16.25
C HIS E 157 25.27 -74.36 16.50
N SER E 158 25.84 -73.80 17.58
CA SER E 158 27.21 -74.08 17.94
C SER E 158 27.36 -75.49 18.50
N GLU E 159 28.56 -76.05 18.35
CA GLU E 159 28.83 -77.38 18.85
C GLU E 159 28.73 -77.44 20.37
N ARG E 206 15.04 -71.28 26.67
CA ARG E 206 16.01 -70.47 25.95
C ARG E 206 17.06 -71.35 25.28
N ASP E 207 17.93 -70.71 24.49
CA ASP E 207 19.01 -71.42 23.80
C ASP E 207 20.10 -70.40 23.48
N SER E 208 21.25 -70.54 24.13
CA SER E 208 22.35 -69.61 23.97
C SER E 208 23.32 -70.02 22.87
N SER E 209 23.09 -71.15 22.21
CA SER E 209 23.98 -71.65 21.17
C SER E 209 23.44 -71.41 19.77
N LEU E 210 22.41 -70.58 19.62
CA LEU E 210 21.76 -70.35 18.35
C LEU E 210 22.20 -69.02 17.76
N VAL E 211 22.61 -69.04 16.49
CA VAL E 211 22.94 -67.84 15.74
C VAL E 211 22.21 -67.90 14.41
N VAL E 212 21.54 -66.81 14.03
CA VAL E 212 20.72 -66.75 12.83
C VAL E 212 21.48 -65.94 11.78
N ALA E 213 21.63 -66.52 10.59
CA ALA E 213 22.24 -65.85 9.45
C ALA E 213 21.20 -65.61 8.37
N PHE E 214 21.27 -64.45 7.73
CA PHE E 214 20.28 -64.04 6.75
C PHE E 214 20.90 -64.00 5.37
N ILE E 215 20.29 -64.69 4.41
CA ILE E 215 20.72 -64.67 3.02
C ILE E 215 19.66 -63.96 2.20
N CYS E 216 19.84 -62.66 1.98
CA CYS E 216 18.86 -61.86 1.27
C CYS E 216 19.07 -61.97 -0.25
N LYS E 217 18.00 -61.71 -0.99
CA LYS E 217 18.03 -61.84 -2.45
C LYS E 217 17.08 -60.80 -3.03
N LEU E 218 17.64 -59.81 -3.73
CA LEU E 218 16.81 -58.81 -4.39
C LEU E 218 16.02 -59.44 -5.53
N HIS E 219 14.77 -59.02 -5.67
CA HIS E 219 13.94 -59.50 -6.75
C HIS E 219 14.40 -58.93 -8.08
N LEU E 220 14.11 -59.67 -9.15
CA LEU E 220 14.47 -59.22 -10.49
C LEU E 220 13.68 -57.97 -10.87
N LYS E 221 14.37 -56.96 -11.36
CA LYS E 221 13.75 -55.71 -11.77
C LYS E 221 13.57 -55.70 -13.28
N ARG E 222 12.36 -55.36 -13.72
CA ARG E 222 12.07 -55.32 -15.15
C ARG E 222 12.90 -54.23 -15.82
N GLY E 223 13.36 -54.51 -17.03
CA GLY E 223 14.19 -53.58 -17.76
C GLY E 223 13.40 -52.43 -18.36
N ASN E 224 14.15 -51.42 -18.80
CA ASN E 224 13.54 -50.26 -19.44
C ASN E 224 12.94 -50.64 -20.79
N PHE E 225 11.85 -49.96 -21.14
CA PHE E 225 11.15 -50.21 -22.40
C PHE E 225 11.53 -49.11 -23.39
N LEU E 226 12.04 -49.51 -24.55
CA LEU E 226 12.49 -48.56 -25.57
C LEU E 226 11.31 -48.22 -26.46
N VAL E 227 10.73 -47.02 -26.23
CA VAL E 227 9.57 -46.60 -27.01
C VAL E 227 9.94 -46.40 -28.47
N LEU E 228 11.09 -45.79 -28.74
CA LEU E 228 11.44 -45.45 -30.12
C LEU E 228 11.56 -46.68 -30.99
N LYS E 229 12.16 -47.75 -30.49
CA LYS E 229 12.32 -48.96 -31.30
C LYS E 229 10.97 -49.58 -31.63
N ALA E 230 10.06 -49.64 -30.65
CA ALA E 230 8.79 -50.32 -30.88
C ALA E 230 7.98 -49.65 -32.00
N LYS E 231 7.98 -48.32 -32.03
CA LYS E 231 7.23 -47.62 -33.07
C LYS E 231 7.79 -47.93 -34.46
N GLU E 232 9.12 -48.01 -34.57
CA GLU E 232 9.74 -48.23 -35.88
C GLU E 232 9.32 -49.63 -36.32
N MET E 233 9.35 -50.60 -35.40
CA MET E 233 8.91 -51.95 -35.75
C MET E 233 7.46 -52.05 -36.29
N GLY E 234 6.63 -51.12 -35.85
CA GLY E 234 5.27 -51.01 -36.33
C GLY E 234 4.33 -51.25 -35.15
N LEU E 235 4.72 -50.87 -33.94
CA LEU E 235 3.87 -51.05 -32.77
C LEU E 235 3.31 -49.70 -32.37
N PRO E 236 2.02 -49.43 -32.56
CA PRO E 236 1.48 -48.10 -32.23
C PRO E 236 1.67 -47.76 -30.77
N VAL E 237 2.00 -46.50 -30.51
CA VAL E 237 2.23 -45.98 -29.17
C VAL E 237 1.33 -44.78 -28.96
N GLY E 238 0.62 -44.75 -27.83
CA GLY E 238 -0.28 -43.67 -27.52
C GLY E 238 -1.69 -44.12 -27.18
N THR E 239 -2.27 -43.53 -26.14
CA THR E 239 -3.65 -43.81 -25.73
C THR E 239 -3.76 -45.31 -25.40
N ALA E 240 -4.94 -45.89 -25.60
CA ALA E 240 -5.17 -47.29 -25.26
C ALA E 240 -4.43 -48.25 -26.17
N ALA E 241 -3.82 -47.77 -27.26
CA ALA E 241 -3.08 -48.65 -28.15
C ALA E 241 -1.76 -49.12 -27.56
N ILE E 242 -1.34 -48.56 -26.42
CA ILE E 242 -0.07 -48.91 -25.80
C ILE E 242 -0.29 -49.47 -24.40
N ALA E 243 -1.38 -49.04 -23.74
CA ALA E 243 -1.57 -49.39 -22.34
C ALA E 243 -1.62 -50.89 -22.11
N PRO E 244 -2.38 -51.69 -22.88
CA PRO E 244 -2.50 -53.11 -22.57
C PRO E 244 -1.21 -53.89 -22.77
N ILE E 245 -0.56 -53.71 -23.92
CA ILE E 245 0.56 -54.57 -24.26
C ILE E 245 1.91 -54.01 -23.81
N ILE E 246 1.94 -52.81 -23.23
CA ILE E 246 3.19 -52.30 -22.68
C ILE E 246 3.62 -53.13 -21.48
N ALA E 247 2.65 -53.56 -20.67
CA ALA E 247 2.97 -54.41 -19.54
C ALA E 247 3.52 -55.76 -19.99
N ALA E 248 2.93 -56.34 -21.05
CA ALA E 248 3.39 -57.64 -21.52
C ALA E 248 4.84 -57.58 -21.97
N VAL E 249 5.21 -56.55 -22.72
CA VAL E 249 6.60 -56.39 -23.13
C VAL E 249 7.48 -56.03 -21.95
N LYS E 250 6.90 -55.47 -20.88
CA LYS E 250 7.66 -55.13 -19.68
C LYS E 250 7.79 -56.29 -18.71
N ASP E 251 6.90 -57.28 -18.78
CA ASP E 251 6.92 -58.41 -17.87
C ASP E 251 7.65 -59.62 -18.44
N GLY E 252 8.28 -59.48 -19.61
CA GLY E 252 8.99 -60.59 -20.21
C GLY E 252 8.11 -61.61 -20.87
N LYS E 253 6.88 -61.26 -21.23
CA LYS E 253 5.93 -62.18 -21.84
C LYS E 253 5.88 -61.93 -23.35
N SER E 254 5.91 -63.02 -24.11
CA SER E 254 5.77 -62.92 -25.56
C SER E 254 4.40 -62.38 -25.93
N ILE E 255 4.36 -61.45 -26.88
CA ILE E 255 3.13 -60.78 -27.28
C ILE E 255 2.95 -60.93 -28.78
N THR E 256 1.71 -61.18 -29.19
CA THR E 256 1.34 -61.29 -30.59
C THR E 256 0.61 -60.03 -31.02
N HIS E 257 1.06 -59.43 -32.13
CA HIS E 257 0.48 -58.18 -32.62
C HIS E 257 0.37 -58.28 -34.13
N GLU E 258 -0.88 -58.29 -34.64
CA GLU E 258 -1.13 -58.34 -36.07
C GLU E 258 -0.41 -59.50 -36.74
N GLY E 259 -0.43 -60.65 -36.06
CA GLY E 259 0.20 -61.84 -36.57
C GLY E 259 1.69 -61.93 -36.36
N ARG E 260 2.30 -60.94 -35.72
CA ARG E 260 3.73 -60.92 -35.47
C ARG E 260 4.00 -61.30 -34.02
N GLU E 261 4.88 -62.28 -33.82
CA GLU E 261 5.27 -62.73 -32.49
C GLU E 261 6.56 -62.02 -32.10
N ILE E 262 6.51 -61.26 -31.00
CA ILE E 262 7.63 -60.44 -30.55
C ILE E 262 8.01 -60.88 -29.15
N LEU E 263 9.30 -61.13 -28.94
CA LEU E 263 9.80 -61.48 -27.62
C LEU E 263 10.02 -60.22 -26.80
N ALA E 264 9.49 -60.22 -25.57
CA ALA E 264 9.55 -59.02 -24.74
C ALA E 264 11.00 -58.64 -24.42
N GLU E 265 11.83 -59.63 -24.08
CA GLU E 265 13.20 -59.34 -23.68
C GLU E 265 14.00 -58.67 -24.78
N GLU E 266 13.62 -58.86 -26.05
CA GLU E 266 14.37 -58.26 -27.15
C GLU E 266 14.25 -56.74 -27.11
N LEU E 267 13.05 -56.22 -26.91
CA LEU E 267 12.78 -54.78 -26.99
C LEU E 267 13.00 -54.07 -25.66
N CYS E 268 13.61 -54.72 -24.68
CA CYS E 268 13.87 -54.13 -23.37
C CYS E 268 15.31 -54.39 -22.97
N THR E 269 15.84 -53.51 -22.12
CA THR E 269 17.20 -53.65 -21.66
C THR E 269 17.33 -54.91 -20.80
N PRO E 270 18.53 -55.49 -20.72
CA PRO E 270 18.71 -56.71 -19.94
C PRO E 270 18.27 -56.52 -18.50
N PRO E 271 17.26 -57.26 -18.04
CA PRO E 271 16.80 -57.10 -16.66
C PRO E 271 17.87 -57.51 -15.66
N ASP E 272 17.85 -56.85 -14.52
CA ASP E 272 18.79 -57.18 -13.45
C ASP E 272 18.41 -58.49 -12.80
N PRO E 273 19.29 -59.50 -12.77
CA PRO E 273 18.90 -60.78 -12.15
C PRO E 273 18.59 -60.66 -10.67
N GLY E 274 19.07 -59.63 -10.00
CA GLY E 274 18.81 -59.45 -8.58
C GLY E 274 20.00 -59.82 -7.73
N ALA E 275 20.73 -58.82 -7.26
CA ALA E 275 21.89 -59.06 -6.41
C ALA E 275 21.47 -59.64 -5.07
N ALA E 276 22.33 -60.48 -4.51
CA ALA E 276 22.10 -61.11 -3.22
C ALA E 276 23.25 -60.79 -2.28
N PHE E 277 22.90 -60.50 -1.02
CA PHE E 277 23.89 -60.20 0.01
C PHE E 277 23.55 -60.99 1.25
N VAL E 278 24.57 -61.25 2.07
CA VAL E 278 24.47 -62.12 3.24
C VAL E 278 24.92 -61.35 4.46
N VAL E 279 24.16 -61.46 5.54
CA VAL E 279 24.52 -60.90 6.85
C VAL E 279 24.71 -62.08 7.79
N VAL E 280 25.94 -62.30 8.25
CA VAL E 280 26.29 -63.43 9.10
C VAL E 280 27.13 -62.93 10.26
N GLU E 281 26.86 -63.47 11.45
CA GLU E 281 27.59 -63.12 12.65
C GLU E 281 28.23 -64.38 13.23
N CYS E 282 29.48 -64.24 13.68
CA CYS E 282 30.25 -65.33 14.26
C CYS E 282 30.73 -64.87 15.64
N PRO E 283 29.93 -65.05 16.68
CA PRO E 283 30.31 -64.47 17.99
C PRO E 283 31.66 -64.93 18.50
N ASP E 284 32.04 -66.19 18.30
CA ASP E 284 33.27 -66.72 18.88
C ASP E 284 33.76 -67.88 18.03
N GLU E 285 34.77 -68.58 18.54
CA GLU E 285 35.41 -69.66 17.79
C GLU E 285 34.47 -70.84 17.58
N SER E 286 33.56 -71.08 18.52
CA SER E 286 32.71 -72.27 18.46
C SER E 286 31.68 -72.22 17.34
N PHE E 287 31.59 -71.11 16.61
CA PHE E 287 30.61 -70.96 15.54
C PHE E 287 31.20 -71.08 14.14
N ILE E 288 32.52 -71.24 14.02
CA ILE E 288 33.13 -71.30 12.70
C ILE E 288 32.74 -72.60 11.99
N GLN E 289 32.87 -73.73 12.68
CA GLN E 289 32.63 -75.02 12.02
C GLN E 289 31.20 -75.17 11.53
N PRO E 290 30.17 -74.90 12.35
CA PRO E 290 28.80 -75.03 11.81
C PRO E 290 28.54 -74.13 10.61
N ILE E 291 29.11 -72.92 10.61
CA ILE E 291 28.89 -72.02 9.48
C ILE E 291 29.53 -72.57 8.22
N CYS E 292 30.76 -73.09 8.33
CA CYS E 292 31.47 -73.57 7.15
C CYS E 292 30.76 -74.74 6.49
N GLU E 293 30.24 -75.66 7.29
CA GLU E 293 29.62 -76.88 6.78
C GLU E 293 28.11 -76.73 6.56
N ASN E 294 27.55 -75.55 6.76
CA ASN E 294 26.12 -75.35 6.57
C ASN E 294 25.74 -75.64 5.12
N ALA E 295 24.66 -76.41 4.94
CA ALA E 295 24.25 -76.81 3.60
C ALA E 295 23.70 -75.64 2.81
N THR E 296 22.90 -74.78 3.44
CA THR E 296 22.26 -73.68 2.71
C THR E 296 23.28 -72.73 2.13
N PHE E 297 24.33 -72.41 2.88
CA PHE E 297 25.33 -71.46 2.39
C PHE E 297 25.99 -71.96 1.12
N GLN E 298 26.24 -73.27 1.03
CA GLN E 298 26.92 -73.81 -0.15
C GLN E 298 26.15 -73.52 -1.43
N ARG E 299 24.83 -73.36 -1.33
CA ARG E 299 24.02 -73.13 -2.53
C ARG E 299 24.23 -71.75 -3.14
N TYR E 300 24.94 -70.85 -2.45
CA TYR E 300 25.10 -69.48 -2.91
C TYR E 300 26.54 -69.08 -3.20
N GLN E 301 27.53 -69.88 -2.82
CA GLN E 301 28.93 -69.49 -2.94
C GLN E 301 29.63 -70.19 -4.09
N GLY E 302 29.60 -71.51 -4.16
CA GLY E 302 30.31 -72.21 -5.22
C GLY E 302 29.63 -72.14 -6.58
N LYS E 303 28.33 -71.88 -6.60
CA LYS E 303 27.60 -71.83 -7.86
C LYS E 303 27.92 -70.56 -8.63
N ALA E 304 27.72 -70.63 -9.95
CA ALA E 304 28.00 -69.50 -10.83
C ALA E 304 26.75 -68.73 -11.23
N ASP E 305 25.57 -69.32 -11.11
CA ASP E 305 24.33 -68.66 -11.47
C ASP E 305 23.66 -67.96 -10.29
N ALA E 306 24.24 -68.07 -9.09
CA ALA E 306 23.71 -67.44 -7.88
C ALA E 306 24.84 -66.70 -7.17
N PRO E 307 25.35 -65.64 -7.78
CA PRO E 307 26.43 -64.88 -7.15
C PRO E 307 25.93 -64.10 -5.94
N VAL E 308 26.87 -63.81 -5.04
CA VAL E 308 26.60 -63.03 -3.83
C VAL E 308 27.31 -61.70 -3.98
N ALA E 309 26.55 -60.60 -3.89
CA ALA E 309 27.14 -59.28 -4.08
C ALA E 309 27.98 -58.85 -2.89
N LEU E 310 27.51 -59.13 -1.68
CA LEU E 310 28.21 -58.69 -0.48
C LEU E 310 27.93 -59.67 0.65
N VAL E 311 28.85 -59.70 1.61
CA VAL E 311 28.72 -60.56 2.79
C VAL E 311 29.17 -59.79 4.02
N VAL E 312 28.22 -59.42 4.88
CA VAL E 312 28.57 -58.72 6.11
C VAL E 312 29.11 -59.72 7.13
N HIS E 313 30.21 -59.36 7.79
CA HIS E 313 30.87 -60.22 8.76
C HIS E 313 30.89 -59.51 10.11
N MET E 314 29.98 -59.89 11.01
CA MET E 314 29.95 -59.35 12.35
C MET E 314 30.67 -60.31 13.30
N ALA E 315 31.98 -60.44 13.11
CA ALA E 315 32.79 -61.37 13.85
C ALA E 315 34.02 -60.68 14.42
N PRO E 316 34.57 -61.18 15.52
CA PRO E 316 35.78 -60.58 16.09
C PRO E 316 36.99 -60.81 15.19
N ALA E 317 38.09 -60.16 15.58
CA ALA E 317 39.33 -60.31 14.82
C ALA E 317 39.85 -61.75 14.86
N SER E 318 39.77 -62.38 16.03
CA SER E 318 40.29 -63.74 16.18
C SER E 318 39.56 -64.72 15.27
N VAL E 319 38.25 -64.54 15.09
CA VAL E 319 37.49 -65.45 14.25
C VAL E 319 37.94 -65.34 12.79
N LEU E 320 38.15 -64.11 12.31
CA LEU E 320 38.48 -63.93 10.91
C LEU E 320 39.81 -64.59 10.55
N VAL E 321 40.81 -64.47 11.43
CA VAL E 321 42.12 -65.05 11.16
C VAL E 321 42.10 -66.56 11.17
N ASP E 322 41.02 -67.18 11.63
CA ASP E 322 40.94 -68.63 11.64
C ASP E 322 41.05 -69.19 10.23
N SER E 323 41.81 -70.27 10.08
CA SER E 323 42.01 -70.86 8.75
C SER E 323 40.69 -71.33 8.15
N ARG E 324 39.85 -72.01 8.94
CA ARG E 324 38.59 -72.50 8.41
C ARG E 324 37.70 -71.36 7.93
N TYR E 325 37.63 -70.27 8.70
CA TYR E 325 36.83 -69.12 8.30
C TYR E 325 37.37 -68.50 7.02
N GLN E 326 38.70 -68.43 6.88
CA GLN E 326 39.28 -67.81 5.70
C GLN E 326 38.90 -68.56 4.43
N GLN E 327 38.94 -69.90 4.47
CA GLN E 327 38.56 -70.67 3.30
C GLN E 327 37.10 -70.45 2.94
N TRP E 328 36.22 -70.40 3.95
CA TRP E 328 34.81 -70.17 3.68
C TRP E 328 34.58 -68.82 3.03
N MET E 329 35.27 -67.79 3.51
CA MET E 329 35.11 -66.46 2.92
C MET E 329 35.54 -66.45 1.46
N GLU E 330 36.65 -67.13 1.13
CA GLU E 330 37.10 -67.19 -0.25
C GLU E 330 36.15 -68.00 -1.12
N ARG E 331 35.43 -68.95 -0.53
CA ARG E 331 34.55 -69.81 -1.31
C ARG E 331 33.44 -69.04 -2.00
N PHE E 332 33.11 -67.84 -1.51
CA PHE E 332 32.07 -67.03 -2.14
C PHE E 332 32.48 -66.51 -3.51
N GLY E 333 33.76 -66.60 -3.87
CA GLY E 333 34.23 -66.15 -5.16
C GLY E 333 34.87 -64.79 -5.09
N PRO E 334 35.80 -64.51 -6.01
CA PRO E 334 36.48 -63.20 -5.98
C PRO E 334 35.56 -62.02 -6.25
N ASP E 335 34.40 -62.24 -6.86
CA ASP E 335 33.49 -61.16 -7.21
C ASP E 335 32.63 -60.71 -6.04
N THR E 336 32.70 -61.38 -4.90
CA THR E 336 31.88 -61.06 -3.73
C THR E 336 32.69 -60.15 -2.80
N GLN E 337 32.17 -58.94 -2.58
CA GLN E 337 32.80 -58.02 -1.65
C GLN E 337 32.48 -58.43 -0.21
N HIS E 338 33.44 -58.22 0.68
CA HIS E 338 33.31 -58.58 2.08
C HIS E 338 33.40 -57.34 2.95
N LEU E 339 32.45 -57.19 3.86
CA LEU E 339 32.41 -56.08 4.81
C LEU E 339 32.50 -56.64 6.22
N VAL E 340 33.36 -56.04 7.04
CA VAL E 340 33.63 -56.53 8.39
C VAL E 340 33.26 -55.44 9.38
N LEU E 341 32.47 -55.82 10.39
CA LEU E 341 32.13 -54.94 11.50
C LEU E 341 32.64 -55.58 12.78
N ASN E 342 33.53 -54.89 13.48
CA ASN E 342 34.11 -55.41 14.72
C ASN E 342 34.71 -54.24 15.49
N GLU E 343 35.45 -54.55 16.56
CA GLU E 343 36.07 -53.52 17.37
C GLU E 343 37.28 -52.88 16.71
N ASN E 344 37.83 -53.49 15.65
CA ASN E 344 38.97 -52.91 14.97
C ASN E 344 38.62 -51.62 14.23
N CYS E 345 37.34 -51.37 13.98
CA CYS E 345 36.92 -50.18 13.24
C CYS E 345 36.99 -48.96 14.15
N ALA E 346 37.91 -48.05 13.85
CA ALA E 346 38.07 -46.81 14.61
C ALA E 346 37.36 -45.70 13.85
N SER E 347 36.22 -45.26 14.38
CA SER E 347 35.43 -44.23 13.74
C SER E 347 34.59 -43.53 14.80
N VAL E 348 34.08 -42.36 14.43
CA VAL E 348 33.25 -41.55 15.32
C VAL E 348 31.81 -41.67 14.86
N HIS E 349 30.93 -42.10 15.76
CA HIS E 349 29.51 -42.25 15.49
C HIS E 349 28.69 -41.05 15.96
N ASN E 350 28.81 -40.69 17.23
CA ASN E 350 28.11 -39.53 17.79
C ASN E 350 28.94 -38.29 17.51
N LEU E 351 28.87 -37.84 16.26
CA LEU E 351 29.66 -36.67 15.86
C LEU E 351 29.22 -35.43 16.63
N ARG E 352 27.91 -35.25 16.82
CA ARG E 352 27.42 -34.06 17.51
C ARG E 352 27.93 -34.02 18.95
N SER E 353 27.94 -35.17 19.63
CA SER E 353 28.44 -35.20 21.00
C SER E 353 29.90 -34.76 21.07
N HIS E 354 30.72 -35.24 20.13
CA HIS E 354 32.11 -34.82 20.08
C HIS E 354 32.22 -33.33 19.78
N LYS E 355 31.40 -32.82 18.86
CA LYS E 355 31.46 -31.42 18.49
C LYS E 355 31.14 -30.51 19.67
N ILE E 356 30.05 -30.82 20.39
CA ILE E 356 29.63 -29.95 21.49
C ILE E 356 30.64 -30.02 22.64
N GLN E 357 31.19 -31.20 22.90
CA GLN E 357 32.16 -31.33 23.98
C GLN E 357 33.41 -30.51 23.69
N THR E 358 33.88 -30.53 22.45
CA THR E 358 35.06 -29.74 22.09
C THR E 358 34.80 -28.25 22.27
N GLN E 359 33.62 -27.78 21.85
CA GLN E 359 33.26 -26.38 22.06
C GLN E 359 33.18 -26.05 23.55
N LEU E 360 32.56 -26.95 24.34
CA LEU E 360 32.48 -26.72 25.77
C LEU E 360 33.85 -26.84 26.43
N ASN E 361 34.74 -27.67 25.89
CA ASN E 361 36.06 -27.86 26.47
C ASN E 361 36.84 -26.55 26.54
N LEU E 362 36.54 -25.59 25.66
CA LEU E 362 37.23 -24.31 25.70
C LEU E 362 36.95 -23.57 27.00
N ILE E 363 35.72 -23.64 27.49
CA ILE E 363 35.35 -22.94 28.71
C ILE E 363 36.16 -23.47 29.89
N HIS E 364 36.18 -24.79 30.06
CA HIS E 364 36.87 -25.41 31.18
C HIS E 364 37.30 -26.82 30.81
N PRO E 365 38.60 -27.05 30.55
CA PRO E 365 39.00 -28.40 30.12
C PRO E 365 38.70 -29.49 31.15
N ASP E 366 38.84 -29.17 32.44
CA ASP E 366 38.63 -30.19 33.46
C ASP E 366 37.15 -30.52 33.64
N ILE E 367 36.30 -29.50 33.66
CA ILE E 367 34.86 -29.73 33.82
C ILE E 367 34.25 -30.31 32.57
N PHE E 368 34.86 -30.09 31.40
CA PHE E 368 34.35 -30.57 30.12
C PHE E 368 35.46 -31.33 29.41
N PRO E 369 35.80 -32.53 29.89
CA PRO E 369 36.89 -33.28 29.28
C PRO E 369 36.58 -33.68 27.84
N LEU E 370 37.63 -33.76 27.03
CA LEU E 370 37.48 -34.17 25.64
C LEU E 370 37.19 -35.67 25.56
N LEU E 371 36.30 -36.03 24.65
CA LEU E 371 35.98 -37.44 24.44
C LEU E 371 37.15 -38.15 23.77
N THR E 372 37.38 -39.39 24.17
CA THR E 372 38.48 -40.20 23.66
C THR E 372 37.91 -41.46 23.01
N SER E 373 38.32 -41.71 21.77
CA SER E 373 37.91 -42.93 21.08
C SER E 373 38.56 -44.14 21.71
N PHE E 374 37.79 -45.22 21.84
CA PHE E 374 38.28 -46.45 22.45
C PHE E 374 39.40 -47.06 21.60
N PRO E 381 47.38 -56.82 10.50
CA PRO E 381 47.22 -58.24 10.15
C PRO E 381 46.84 -58.45 8.70
N THR E 382 47.67 -59.18 7.96
CA THR E 382 47.40 -59.47 6.55
C THR E 382 46.63 -60.79 6.43
N LEU E 383 45.50 -60.73 5.73
CA LEU E 383 44.65 -61.89 5.51
C LEU E 383 44.58 -62.19 4.02
N SER E 384 44.41 -63.47 3.70
CA SER E 384 44.36 -63.89 2.30
C SER E 384 43.20 -63.25 1.57
N VAL E 385 42.03 -63.24 2.18
CA VAL E 385 40.82 -62.69 1.55
C VAL E 385 40.75 -61.20 1.84
N PRO E 386 40.70 -60.33 0.83
CA PRO E 386 40.56 -58.90 1.11
C PRO E 386 39.18 -58.58 1.66
N MET E 387 39.13 -57.52 2.48
CA MET E 387 37.88 -57.10 3.09
C MET E 387 37.95 -55.60 3.35
N VAL E 388 36.78 -55.00 3.51
CA VAL E 388 36.64 -53.57 3.78
C VAL E 388 36.18 -53.40 5.22
N GLN E 389 36.91 -52.61 5.99
CA GLN E 389 36.54 -52.36 7.38
C GLN E 389 35.32 -51.45 7.44
N GLY E 390 34.37 -51.81 8.28
CA GLY E 390 33.15 -51.04 8.39
C GLY E 390 33.40 -49.66 8.94
N GLU E 391 32.61 -48.70 8.45
CA GLU E 391 32.66 -47.32 8.90
C GLU E 391 31.25 -46.77 8.99
N CYS E 392 31.05 -45.82 9.90
CA CYS E 392 29.74 -45.23 10.09
C CYS E 392 29.27 -44.57 8.79
N LEU E 393 28.02 -44.85 8.41
CA LEU E 393 27.38 -44.32 7.21
C LEU E 393 28.02 -44.82 5.92
N LEU E 394 28.90 -45.81 6.00
CA LEU E 394 29.47 -46.38 4.78
C LEU E 394 28.37 -47.11 4.00
N LYS E 395 28.33 -46.86 2.70
CA LYS E 395 27.27 -47.37 1.84
C LYS E 395 27.84 -48.32 0.81
N TYR E 396 27.06 -49.33 0.46
CA TYR E 396 27.38 -50.26 -0.62
C TYR E 396 26.12 -50.42 -1.47
N GLN E 397 26.09 -49.76 -2.62
CA GLN E 397 24.94 -49.85 -3.51
C GLN E 397 24.82 -51.25 -4.10
N LEU E 398 23.59 -51.74 -4.18
CA LEU E 398 23.31 -53.02 -4.82
C LEU E 398 22.57 -52.89 -6.14
N ARG E 399 21.91 -51.75 -6.38
CA ARG E 399 21.17 -51.53 -7.61
C ARG E 399 21.11 -50.03 -7.85
N PRO E 400 21.27 -49.57 -9.10
CA PRO E 400 21.52 -50.33 -10.34
C PRO E 400 23.01 -50.60 -10.51
N ARG E 401 23.87 -50.02 -9.66
CA ARG E 401 25.31 -50.24 -9.72
C ARG E 401 25.90 -50.84 -8.46
N ARG E 402 26.77 -51.81 -8.61
CA ARG E 402 27.46 -52.44 -7.48
C ARG E 402 28.77 -51.72 -7.19
N GLU E 403 28.76 -50.87 -6.16
CA GLU E 403 29.92 -50.05 -5.84
C GLU E 403 29.92 -49.62 -4.37
N TRP E 404 31.09 -49.18 -3.91
CA TRP E 404 31.25 -48.66 -2.57
C TRP E 404 31.01 -47.15 -2.58
N GLN E 405 29.94 -46.71 -1.93
CA GLN E 405 29.61 -45.29 -1.84
C GLN E 405 30.16 -44.77 -0.52
N ARG E 406 31.29 -44.08 -0.59
CA ARG E 406 31.95 -43.53 0.59
C ARG E 406 31.72 -42.03 0.75
N ASP E 407 30.82 -41.45 -0.03
CA ASP E 407 30.60 -40.01 0.03
C ASP E 407 29.94 -39.59 1.33
N ALA E 408 29.08 -40.43 1.90
CA ALA E 408 28.29 -40.07 3.07
C ALA E 408 29.04 -40.29 4.38
N ILE E 409 30.27 -40.80 4.34
CA ILE E 409 31.02 -41.02 5.58
C ILE E 409 31.29 -39.68 6.25
N ILE E 410 31.04 -39.62 7.55
CA ILE E 410 31.27 -38.39 8.29
C ILE E 410 32.76 -38.27 8.63
N THR E 411 33.18 -37.04 8.93
CA THR E 411 34.55 -36.75 9.32
C THR E 411 34.54 -36.01 10.65
N CYS E 412 35.47 -36.37 11.53
CA CYS E 412 35.58 -35.78 12.86
C CYS E 412 36.92 -35.04 12.93
N ASN E 413 36.92 -33.78 12.51
CA ASN E 413 38.09 -32.92 12.63
C ASN E 413 37.77 -31.83 13.65
N PRO E 414 38.38 -31.87 14.85
CA PRO E 414 38.02 -30.87 15.87
C PRO E 414 38.25 -29.45 15.43
N GLU E 415 39.26 -29.19 14.59
CA GLU E 415 39.66 -27.82 14.29
C GLU E 415 38.49 -26.98 13.82
N GLU E 416 37.57 -27.57 13.06
CA GLU E 416 36.38 -26.83 12.64
C GLU E 416 35.53 -26.44 13.85
N PHE E 417 35.38 -27.35 14.81
CA PHE E 417 34.52 -27.07 15.95
C PHE E 417 35.04 -25.91 16.79
N ILE E 418 36.36 -25.88 17.05
CA ILE E 418 36.92 -24.78 17.83
C ILE E 418 36.74 -23.46 17.07
N VAL E 419 37.01 -23.46 15.77
CA VAL E 419 36.87 -22.23 14.98
C VAL E 419 35.43 -21.75 15.01
N GLU E 420 34.49 -22.67 14.84
CA GLU E 420 33.07 -22.30 14.83
C GLU E 420 32.67 -21.65 16.14
N ALA E 421 33.18 -22.16 17.26
CA ALA E 421 32.86 -21.57 18.55
C ALA E 421 33.46 -20.18 18.69
N LEU E 422 34.68 -19.99 18.19
CA LEU E 422 35.36 -18.70 18.37
C LEU E 422 34.74 -17.60 17.52
N GLN E 423 34.24 -17.92 16.33
CA GLN E 423 33.67 -16.89 15.47
C GLN E 423 32.32 -16.39 15.99
N LEU E 424 31.77 -17.01 17.03
CA LEU E 424 30.51 -16.57 17.59
C LEU E 424 30.64 -15.16 18.14
N PRO E 425 29.54 -14.40 18.22
CA PRO E 425 29.64 -12.98 18.59
C PRO E 425 30.36 -12.73 19.91
N ASN E 426 29.88 -13.32 21.00
CA ASN E 426 30.36 -13.01 22.33
C ASN E 426 30.96 -14.20 23.06
N PHE E 427 31.32 -15.27 22.35
CA PHE E 427 31.87 -16.44 23.02
C PHE E 427 33.31 -16.21 23.46
N GLN E 428 34.19 -15.85 22.52
CA GLN E 428 35.60 -15.73 22.86
C GLN E 428 35.84 -14.67 23.92
N GLN E 429 35.15 -13.53 23.81
CA GLN E 429 35.32 -12.46 24.80
C GLN E 429 34.89 -12.94 26.18
N SER E 430 33.74 -13.64 26.26
CA SER E 430 33.28 -14.15 27.54
C SER E 430 34.25 -15.18 28.12
N VAL E 431 34.73 -16.09 27.27
CA VAL E 431 35.67 -17.11 27.75
C VAL E 431 36.95 -16.47 28.25
N GLN E 432 37.48 -15.50 27.49
CA GLN E 432 38.69 -14.81 27.93
C GLN E 432 38.46 -14.06 29.23
N GLU E 433 37.31 -13.40 29.36
CA GLU E 433 36.99 -12.68 30.60
C GLU E 433 36.93 -13.63 31.78
N TYR E 434 36.25 -14.76 31.61
CA TYR E 434 36.14 -15.72 32.70
C TYR E 434 37.49 -16.32 33.04
N ARG E 435 38.31 -16.62 32.04
CA ARG E 435 39.57 -17.30 32.29
C ARG E 435 40.49 -16.47 33.17
N ARG E 436 40.58 -15.16 32.91
CA ARG E 436 41.43 -14.31 33.73
C ARG E 436 40.85 -14.12 35.12
N SER E 437 39.52 -14.09 35.24
CA SER E 437 38.91 -13.89 36.55
C SER E 437 39.05 -15.13 37.44
N ALA E 438 39.10 -16.32 36.82
CA ALA E 438 39.17 -17.58 37.56
C ALA E 438 40.61 -18.08 37.68
N GLN E 439 41.29 -18.25 36.53
CA GLN E 439 42.64 -18.80 36.57
C GLN E 439 43.58 -17.91 37.36
N ASP E 440 43.50 -16.59 37.15
CA ASP E 440 44.34 -15.64 37.86
C ASP E 440 43.67 -15.07 39.11
N GLY E 441 42.46 -15.52 39.44
CA GLY E 441 41.78 -15.05 40.62
C GLY E 441 42.29 -15.71 41.88
N PRO E 442 41.77 -15.24 43.01
CA PRO E 442 42.22 -15.80 44.30
C PRO E 442 41.80 -17.25 44.44
N ALA E 443 42.71 -18.07 44.97
CA ALA E 443 42.41 -19.48 45.18
C ALA E 443 41.55 -19.65 46.43
N PRO E 444 40.69 -20.67 46.46
CA PRO E 444 39.85 -20.89 47.64
C PRO E 444 40.69 -21.23 48.86
N ALA E 445 40.23 -20.78 50.02
CA ALA E 445 40.93 -21.06 51.27
C ALA E 445 40.92 -22.56 51.57
N GLU E 446 39.77 -23.21 51.38
CA GLU E 446 39.63 -24.64 51.64
C GLU E 446 39.94 -25.41 50.36
N LYS E 447 41.00 -26.22 50.41
CA LYS E 447 41.41 -27.03 49.25
C LYS E 447 40.74 -28.40 49.39
N ARG E 448 39.60 -28.55 48.73
CA ARG E 448 38.85 -29.80 48.81
C ARG E 448 39.54 -30.91 48.03
N SER E 449 39.25 -32.14 48.39
CA SER E 449 39.86 -33.29 47.75
C SER E 449 39.37 -33.44 46.31
N GLN E 450 40.10 -34.22 45.53
CA GLN E 450 39.74 -34.46 44.14
C GLN E 450 38.54 -35.40 44.01
N TYR E 451 38.11 -36.02 45.09
CA TYR E 451 36.96 -36.92 45.08
C TYR E 451 36.00 -36.52 46.19
N PRO E 452 34.71 -36.83 46.02
CA PRO E 452 34.07 -37.53 44.90
C PRO E 452 33.90 -36.63 43.68
N GLU E 453 33.97 -37.21 42.47
CA GLU E 453 33.75 -36.49 41.24
C GLU E 453 32.56 -37.12 40.52
N ILE E 454 31.62 -36.27 40.09
CA ILE E 454 30.38 -36.73 39.48
C ILE E 454 30.51 -36.56 37.97
N ILE E 455 30.32 -37.64 37.23
CA ILE E 455 30.34 -37.63 35.78
C ILE E 455 28.90 -37.80 35.29
N PHE E 456 28.38 -36.77 34.62
CA PHE E 456 27.01 -36.79 34.11
C PHE E 456 27.03 -37.38 32.72
N LEU E 457 26.93 -38.71 32.65
CA LEU E 457 26.98 -39.41 31.36
C LEU E 457 25.71 -39.19 30.55
N GLY E 458 24.62 -38.77 31.18
CA GLY E 458 23.37 -38.56 30.47
C GLY E 458 22.41 -37.67 31.22
N THR E 459 21.74 -36.78 30.51
CA THR E 459 20.76 -35.85 31.08
C THR E 459 19.48 -35.85 30.25
N GLY E 460 19.13 -37.00 29.68
CA GLY E 460 17.91 -37.10 28.90
C GLY E 460 16.71 -37.44 29.75
N SER E 461 15.52 -37.22 29.18
CA SER E 461 14.27 -37.46 29.87
C SER E 461 13.62 -38.78 29.47
N ALA E 462 13.30 -38.94 28.18
CA ALA E 462 12.60 -40.12 27.70
C ALA E 462 13.41 -40.93 26.70
N ILE E 463 13.99 -40.28 25.69
CA ILE E 463 14.68 -40.99 24.61
C ILE E 463 16.02 -40.33 24.35
N PRO E 464 17.06 -41.08 23.95
CA PRO E 464 18.33 -40.44 23.60
C PRO E 464 18.20 -39.57 22.36
N MET E 465 19.04 -38.53 22.31
CA MET E 465 19.09 -37.62 21.18
C MET E 465 20.55 -37.36 20.83
N LYS E 466 20.77 -36.41 19.92
CA LYS E 466 22.13 -36.12 19.46
C LYS E 466 23.01 -35.63 20.60
N ILE E 467 22.50 -34.73 21.43
CA ILE E 467 23.28 -34.09 22.47
C ILE E 467 23.08 -34.76 23.82
N ARG E 468 21.84 -34.97 24.24
CA ARG E 468 21.52 -35.48 25.56
C ARG E 468 21.11 -36.94 25.48
N ASN E 469 21.77 -37.79 26.27
CA ASN E 469 21.41 -39.18 26.41
C ASN E 469 20.52 -39.36 27.63
N VAL E 470 19.86 -40.53 27.70
CA VAL E 470 18.98 -40.80 28.82
C VAL E 470 19.76 -40.71 30.13
N SER E 471 19.03 -40.49 31.22
CA SER E 471 19.66 -40.18 32.50
C SER E 471 20.62 -41.28 32.92
N ALA E 472 21.83 -40.87 33.30
CA ALA E 472 22.82 -41.78 33.86
C ALA E 472 23.95 -40.98 34.49
N THR E 473 24.22 -41.21 35.77
CA THR E 473 25.24 -40.46 36.50
C THR E 473 26.19 -41.42 37.21
N LEU E 474 27.48 -41.18 37.04
CA LEU E 474 28.53 -41.98 37.66
C LEU E 474 29.15 -41.17 38.78
N VAL E 475 29.25 -41.78 39.96
CA VAL E 475 29.84 -41.15 41.14
C VAL E 475 31.10 -41.93 41.51
N ASN E 476 32.23 -41.23 41.52
CA ASN E 476 33.52 -41.83 41.87
C ASN E 476 33.80 -41.53 43.33
N ILE E 477 33.43 -42.46 44.21
CA ILE E 477 33.65 -42.27 45.65
C ILE E 477 35.13 -42.15 45.95
N SER E 478 35.95 -42.99 45.32
CA SER E 478 37.39 -42.96 45.52
C SER E 478 38.05 -43.46 44.24
N PRO E 479 39.39 -43.40 44.15
CA PRO E 479 40.05 -43.83 42.92
C PRO E 479 39.80 -45.30 42.58
N ASP E 480 39.46 -46.14 43.56
CA ASP E 480 39.31 -47.57 43.33
C ASP E 480 37.88 -48.05 43.58
N THR E 481 36.91 -47.14 43.64
CA THR E 481 35.51 -47.53 43.82
C THR E 481 34.61 -46.45 43.25
N SER E 482 33.50 -46.89 42.64
CA SER E 482 32.52 -45.99 42.07
C SER E 482 31.17 -46.70 42.02
N LEU E 483 30.11 -45.90 41.87
CA LEU E 483 28.77 -46.45 41.75
C LEU E 483 27.99 -45.64 40.71
N LEU E 484 27.02 -46.29 40.08
CA LEU E 484 26.19 -45.68 39.06
C LEU E 484 24.82 -45.36 39.66
N LEU E 485 24.44 -44.08 39.62
CA LEU E 485 23.15 -43.67 40.18
C LEU E 485 21.98 -44.00 39.27
N ASP E 486 22.23 -44.19 37.98
CA ASP E 486 21.18 -44.58 37.04
C ASP E 486 21.83 -45.20 35.82
N CYS E 487 21.09 -46.07 35.15
CA CYS E 487 21.60 -46.80 33.98
C CYS E 487 20.52 -46.83 32.90
N GLY E 488 20.55 -45.83 32.02
CA GLY E 488 19.66 -45.79 30.88
C GLY E 488 20.27 -46.45 29.66
N GLU E 489 19.48 -46.53 28.60
CA GLU E 489 19.95 -47.10 27.35
C GLU E 489 21.19 -46.36 26.86
N GLY E 490 22.21 -47.11 26.47
CA GLY E 490 23.44 -46.53 25.99
C GLY E 490 24.36 -45.99 27.07
N THR E 491 24.12 -46.35 28.34
CA THR E 491 24.96 -45.85 29.42
C THR E 491 26.41 -46.31 29.25
N PHE E 492 26.60 -47.58 28.87
CA PHE E 492 27.96 -48.08 28.67
C PHE E 492 28.67 -47.33 27.56
N GLY E 493 27.95 -47.01 26.48
CA GLY E 493 28.55 -46.25 25.40
C GLY E 493 29.09 -44.91 25.88
N GLN E 494 28.34 -44.23 26.74
CA GLN E 494 28.85 -42.99 27.34
C GLN E 494 30.08 -43.25 28.18
N LEU E 495 30.06 -44.33 28.97
CA LEU E 495 31.22 -44.68 29.78
C LEU E 495 32.44 -44.95 28.90
N CYS E 496 32.25 -45.74 27.84
CA CYS E 496 33.36 -46.06 26.95
C CYS E 496 33.88 -44.81 26.25
N ARG E 497 32.98 -43.96 25.77
CA ARG E 497 33.41 -42.74 25.10
C ARG E 497 34.14 -41.80 26.06
N HIS E 498 33.63 -41.68 27.30
CA HIS E 498 34.22 -40.75 28.25
C HIS E 498 35.61 -41.19 28.72
N TYR E 499 35.92 -42.49 28.64
CA TYR E 499 37.17 -43.01 29.17
C TYR E 499 38.03 -43.73 28.15
N GLY E 500 37.45 -44.24 27.07
CA GLY E 500 38.25 -44.92 26.07
C GLY E 500 38.91 -46.16 26.65
N ASP E 501 40.24 -46.20 26.57
CA ASP E 501 40.98 -47.37 27.05
C ASP E 501 40.83 -47.57 28.56
N GLN E 502 40.39 -46.55 29.30
CA GLN E 502 40.23 -46.64 30.74
C GLN E 502 38.86 -47.14 31.15
N VAL E 503 38.00 -47.50 30.19
CA VAL E 503 36.66 -47.97 30.53
C VAL E 503 36.73 -49.24 31.38
N ASP E 504 37.63 -50.16 31.02
CA ASP E 504 37.75 -51.40 31.78
C ASP E 504 38.17 -51.12 33.23
N ARG E 505 39.09 -50.18 33.42
CA ARG E 505 39.49 -49.82 34.78
C ARG E 505 38.31 -49.23 35.55
N VAL E 506 37.53 -48.35 34.91
CA VAL E 506 36.38 -47.77 35.58
C VAL E 506 35.34 -48.84 35.91
N LEU E 507 35.07 -49.74 34.96
CA LEU E 507 34.11 -50.80 35.21
C LEU E 507 34.56 -51.71 36.35
N GLY E 508 35.87 -51.85 36.55
CA GLY E 508 36.37 -52.65 37.64
C GLY E 508 36.15 -52.03 39.01
N THR E 509 35.99 -50.71 39.07
CA THR E 509 35.72 -50.01 40.31
C THR E 509 34.23 -49.81 40.58
N LEU E 510 33.37 -50.30 39.70
CA LEU E 510 31.93 -50.16 39.89
C LEU E 510 31.50 -51.03 41.05
N ALA E 511 31.06 -50.38 42.14
CA ALA E 511 30.68 -51.09 43.35
C ALA E 511 29.19 -51.41 43.40
N ALA E 512 28.34 -50.46 43.02
CA ALA E 512 26.90 -50.67 43.08
C ALA E 512 26.23 -49.82 42.02
N VAL E 513 24.99 -50.19 41.70
CA VAL E 513 24.18 -49.48 40.72
C VAL E 513 22.82 -49.21 41.34
N PHE E 514 22.32 -47.99 41.20
CA PHE E 514 21.03 -47.58 41.73
C PHE E 514 20.08 -47.29 40.58
N VAL E 515 18.84 -47.75 40.72
CA VAL E 515 17.78 -47.52 39.74
C VAL E 515 16.66 -46.78 40.45
N SER E 516 16.31 -45.59 39.94
CA SER E 516 15.28 -44.78 40.58
C SER E 516 13.92 -45.48 40.49
N HIS E 517 13.54 -45.90 39.30
CA HIS E 517 12.27 -46.59 39.09
C HIS E 517 12.37 -47.42 37.82
N LEU E 518 11.23 -47.93 37.36
CA LEU E 518 11.20 -48.89 36.26
C LEU E 518 11.00 -48.26 34.90
N HIS E 519 11.03 -46.92 34.82
CA HIS E 519 10.93 -46.27 33.52
C HIS E 519 12.07 -46.72 32.62
N ALA E 520 11.76 -46.91 31.33
CA ALA E 520 12.75 -47.44 30.40
C ALA E 520 13.99 -46.55 30.33
N ASP E 521 13.85 -45.26 30.61
CA ASP E 521 14.96 -44.32 30.52
C ASP E 521 15.83 -44.32 31.79
N HIS E 522 15.72 -45.34 32.64
CA HIS E 522 16.50 -45.41 33.87
C HIS E 522 17.14 -46.76 34.13
N HIS E 523 16.66 -47.84 33.51
CA HIS E 523 17.19 -49.18 33.80
C HIS E 523 17.38 -50.05 32.57
N THR E 524 17.15 -49.53 31.36
CA THR E 524 17.27 -50.36 30.16
C THR E 524 18.72 -50.62 29.77
N GLY E 525 19.68 -49.89 30.33
CA GLY E 525 21.08 -50.09 30.04
C GLY E 525 21.83 -50.93 31.04
N LEU E 526 21.18 -51.40 32.10
CA LEU E 526 21.87 -52.21 33.11
C LEU E 526 22.49 -53.47 32.52
N PRO E 527 21.78 -54.26 31.71
CA PRO E 527 22.41 -55.48 31.17
C PRO E 527 23.70 -55.21 30.42
N SER E 528 23.77 -54.13 29.64
CA SER E 528 24.98 -53.85 28.88
C SER E 528 26.18 -53.70 29.81
N ILE E 529 25.98 -53.07 30.96
CA ILE E 529 27.05 -52.93 31.95
C ILE E 529 27.50 -54.30 32.44
N LEU E 530 26.53 -55.18 32.72
CA LEU E 530 26.87 -56.49 33.30
C LEU E 530 27.77 -57.29 32.37
N LEU E 531 27.37 -57.46 31.11
CA LEU E 531 28.19 -58.23 30.19
C LEU E 531 29.55 -57.56 29.97
N GLN E 532 29.56 -56.25 29.79
CA GLN E 532 30.83 -55.54 29.62
C GLN E 532 31.67 -55.58 30.89
N ARG E 533 31.01 -55.46 32.05
CA ARG E 533 31.74 -55.57 33.31
C ARG E 533 32.36 -56.95 33.47
N GLU E 534 31.65 -58.00 33.05
CA GLU E 534 32.20 -59.33 33.08
C GLU E 534 33.44 -59.42 32.21
N ARG E 535 33.39 -58.85 31.01
CA ARG E 535 34.55 -58.83 30.14
C ARG E 535 35.67 -57.99 30.73
N ALA E 536 35.34 -56.84 31.31
CA ALA E 536 36.36 -55.97 31.90
C ALA E 536 37.04 -56.66 33.07
N LEU E 537 36.26 -57.33 33.94
CA LEU E 537 36.85 -57.99 35.10
C LEU E 537 37.80 -59.11 34.66
N ALA E 538 37.42 -59.86 33.63
CA ALA E 538 38.29 -60.94 33.16
C ALA E 538 39.62 -60.39 32.66
N SER E 539 39.59 -59.25 31.97
CA SER E 539 40.83 -58.66 31.46
C SER E 539 41.79 -58.33 32.60
N LEU E 540 41.26 -57.74 33.68
CA LEU E 540 42.10 -57.43 34.83
C LEU E 540 42.48 -58.66 35.63
N GLY E 541 41.78 -59.78 35.43
CA GLY E 541 42.05 -60.99 36.18
C GLY E 541 41.37 -61.08 37.52
N LYS E 542 40.61 -60.05 37.92
CA LYS E 542 39.93 -60.09 39.19
C LYS E 542 38.83 -61.15 39.18
N PRO E 543 38.54 -61.77 40.33
CA PRO E 543 37.48 -62.78 40.37
C PRO E 543 36.13 -62.16 40.02
N LEU E 544 35.29 -62.96 39.36
CA LEU E 544 33.97 -62.51 38.96
C LEU E 544 33.00 -62.68 40.12
N HIS E 545 32.42 -61.57 40.58
CA HIS E 545 31.45 -61.58 41.65
C HIS E 545 30.23 -60.78 41.25
N PRO E 546 29.05 -61.12 41.78
CA PRO E 546 27.84 -60.41 41.39
C PRO E 546 27.89 -58.95 41.78
N LEU E 547 27.24 -58.11 40.97
CA LEU E 547 27.18 -56.68 41.24
C LEU E 547 26.01 -56.36 42.16
N LEU E 548 26.17 -55.29 42.93
CA LEU E 548 25.15 -54.84 43.86
C LEU E 548 24.24 -53.84 43.14
N VAL E 549 22.96 -54.17 43.04
CA VAL E 549 21.98 -53.31 42.38
C VAL E 549 20.88 -52.97 43.38
N VAL E 550 20.61 -51.68 43.53
CA VAL E 550 19.52 -51.19 44.36
C VAL E 550 18.43 -50.70 43.43
N ALA E 551 17.29 -51.37 43.45
CA ALA E 551 16.20 -51.08 42.52
C ALA E 551 14.90 -51.60 43.12
N PRO E 552 13.75 -51.14 42.62
CA PRO E 552 12.47 -51.66 43.12
C PRO E 552 12.36 -53.17 42.98
N ASN E 553 11.42 -53.77 43.72
CA ASN E 553 11.29 -55.22 43.71
C ASN E 553 10.88 -55.75 42.34
N GLN E 554 9.98 -55.03 41.65
CA GLN E 554 9.46 -55.51 40.38
C GLN E 554 10.52 -55.58 39.30
N LEU E 555 11.69 -54.96 39.49
CA LEU E 555 12.76 -55.07 38.51
C LEU E 555 13.18 -56.53 38.33
N LYS E 556 13.03 -57.34 39.37
CA LYS E 556 13.41 -58.75 39.26
C LYS E 556 12.63 -59.46 38.16
N ALA E 557 11.35 -59.14 38.02
CA ALA E 557 10.52 -59.83 37.04
C ALA E 557 11.07 -59.65 35.62
N TRP E 558 11.45 -58.42 35.27
CA TRP E 558 11.98 -58.18 33.93
C TRP E 558 13.30 -58.93 33.72
N LEU E 559 14.17 -58.91 34.72
CA LEU E 559 15.41 -59.67 34.63
C LEU E 559 15.15 -61.17 34.70
N GLN E 560 14.23 -61.59 35.57
CA GLN E 560 13.91 -63.01 35.67
C GLN E 560 13.34 -63.53 34.37
N GLN E 561 12.43 -62.76 33.75
CA GLN E 561 11.88 -63.16 32.46
C GLN E 561 12.96 -63.24 31.40
N TYR E 562 13.87 -62.26 31.37
CA TYR E 562 14.98 -62.29 30.43
C TYR E 562 15.93 -63.44 30.73
N HIS E 563 16.19 -63.70 32.01
CA HIS E 563 17.13 -64.76 32.38
C HIS E 563 16.62 -66.13 31.93
N ASN E 564 15.35 -66.40 32.12
CA ASN E 564 14.79 -67.73 31.88
C ASN E 564 14.37 -67.95 30.42
N GLN E 565 14.40 -66.92 29.58
CA GLN E 565 13.87 -67.06 28.23
C GLN E 565 14.84 -66.54 27.17
N CYS E 566 15.67 -65.57 27.51
CA CYS E 566 16.52 -64.89 26.55
C CYS E 566 18.01 -65.18 26.75
N GLN E 567 18.54 -64.90 27.95
CA GLN E 567 19.97 -65.06 28.18
C GLN E 567 20.23 -64.93 29.68
N GLU E 568 21.20 -65.70 30.17
CA GLU E 568 21.52 -65.71 31.59
C GLU E 568 22.22 -64.41 31.97
N VAL E 569 21.59 -63.63 32.84
CA VAL E 569 22.17 -62.38 33.31
C VAL E 569 22.12 -62.21 34.82
N LEU E 570 21.34 -63.00 35.55
CA LEU E 570 21.19 -62.77 36.99
C LEU E 570 22.42 -63.19 37.78
N HIS E 571 23.29 -64.03 37.22
CA HIS E 571 24.50 -64.42 37.95
C HIS E 571 25.47 -63.25 38.13
N HIS E 572 25.28 -62.15 37.42
CA HIS E 572 26.04 -60.94 37.63
C HIS E 572 25.36 -59.96 38.58
N ILE E 573 24.21 -60.33 39.15
CA ILE E 573 23.38 -59.42 39.92
C ILE E 573 23.22 -59.94 41.33
N SER E 574 23.46 -59.07 42.30
CA SER E 574 23.11 -59.30 43.70
C SER E 574 22.22 -58.12 44.09
N MET E 575 20.93 -58.24 43.80
CA MET E 575 20.03 -57.10 43.88
C MET E 575 19.56 -56.87 45.31
N ILE E 576 19.63 -55.63 45.75
CA ILE E 576 19.11 -55.21 47.05
C ILE E 576 17.79 -54.45 46.79
N PRO E 577 16.65 -54.95 47.27
CA PRO E 577 15.41 -54.20 47.06
C PRO E 577 15.51 -52.80 47.66
N ALA E 578 14.92 -51.83 46.95
CA ALA E 578 14.97 -50.44 47.41
C ALA E 578 14.05 -50.19 48.60
N LYS E 579 13.16 -51.13 48.93
CA LYS E 579 12.23 -50.92 50.03
C LYS E 579 12.89 -51.07 51.39
N CYS E 580 13.83 -52.01 51.53
CA CYS E 580 14.47 -52.25 52.82
C CYS E 580 15.58 -51.26 53.14
N LEU E 581 15.94 -50.39 52.20
CA LEU E 581 16.96 -49.38 52.44
C LEU E 581 16.38 -48.07 52.98
N GLN E 582 15.07 -47.98 53.13
CA GLN E 582 14.44 -46.77 53.62
C GLN E 582 14.65 -46.62 55.12
N GLU E 583 14.51 -45.39 55.61
CA GLU E 583 14.64 -45.12 57.03
C GLU E 583 13.53 -45.83 57.80
N GLY E 584 13.90 -46.42 58.93
CA GLY E 584 12.93 -47.13 59.76
C GLY E 584 12.22 -48.24 59.03
N ALA E 585 12.94 -48.97 58.17
CA ALA E 585 12.36 -50.05 57.40
C ALA E 585 12.49 -51.37 58.17
N GLU E 586 11.59 -52.30 57.86
CA GLU E 586 11.61 -53.61 58.50
C GLU E 586 12.89 -54.34 58.16
N ILE E 587 13.42 -55.09 59.13
CA ILE E 587 14.63 -55.86 58.91
C ILE E 587 14.30 -57.06 58.03
N SER E 588 14.95 -57.12 56.87
CA SER E 588 14.66 -58.13 55.87
C SER E 588 15.42 -59.41 56.21
N SER E 589 15.42 -60.38 55.30
CA SER E 589 16.08 -61.64 55.53
C SER E 589 17.58 -61.42 55.74
N PRO E 590 18.24 -62.29 56.52
CA PRO E 590 19.68 -62.10 56.74
C PRO E 590 20.49 -62.07 55.45
N ALA E 591 20.07 -62.78 54.41
CA ALA E 591 20.77 -62.73 53.14
C ALA E 591 20.76 -61.31 52.59
N VAL E 592 19.61 -60.63 52.66
CA VAL E 592 19.54 -59.24 52.21
C VAL E 592 20.35 -58.34 53.13
N GLU E 593 20.29 -58.61 54.45
CA GLU E 593 21.01 -57.77 55.39
C GLU E 593 22.51 -57.78 55.16
N ARG E 594 23.09 -58.96 54.92
CA ARG E 594 24.51 -59.02 54.60
C ARG E 594 24.83 -58.32 53.30
N LEU E 595 23.90 -58.32 52.34
CA LEU E 595 24.10 -57.56 51.11
C LEU E 595 24.11 -56.08 51.43
N ILE E 596 23.23 -55.64 52.35
CA ILE E 596 23.23 -54.23 52.74
C ILE E 596 24.56 -53.85 53.36
N SER E 597 25.08 -54.69 54.26
CA SER E 597 26.37 -54.43 54.87
C SER E 597 27.47 -54.37 53.83
N SER E 598 27.39 -55.22 52.81
CA SER E 598 28.37 -55.20 51.74
C SER E 598 28.35 -53.86 50.99
N LEU E 599 27.14 -53.33 50.75
CA LEU E 599 27.03 -52.08 50.02
C LEU E 599 27.77 -50.95 50.73
N LEU E 600 27.55 -50.82 52.05
CA LEU E 600 28.22 -49.76 52.80
C LEU E 600 29.73 -49.97 52.82
N ARG E 601 30.18 -51.21 53.00
CA ARG E 601 31.61 -51.48 53.09
C ARG E 601 32.29 -51.28 51.75
N THR E 602 31.72 -51.85 50.68
CA THR E 602 32.37 -51.75 49.37
C THR E 602 32.43 -50.32 48.89
N CYS E 603 31.35 -49.56 49.08
CA CYS E 603 31.28 -48.18 48.62
C CYS E 603 31.88 -47.20 49.62
N ASP E 604 32.36 -47.66 50.77
CA ASP E 604 32.94 -46.79 51.78
C ASP E 604 31.96 -45.68 52.18
N LEU E 605 30.69 -46.04 52.28
CA LEU E 605 29.62 -45.11 52.60
C LEU E 605 29.16 -45.33 54.04
N GLU E 606 29.07 -44.25 54.80
CA GLU E 606 28.55 -44.35 56.17
C GLU E 606 27.09 -44.78 56.16
N GLU E 607 26.29 -44.23 55.24
CA GLU E 607 24.88 -44.54 55.16
C GLU E 607 24.43 -44.48 53.71
N PHE E 608 23.47 -45.33 53.36
CA PHE E 608 22.85 -45.36 52.04
C PHE E 608 21.35 -45.38 52.25
N GLN E 609 20.73 -44.20 52.19
CA GLN E 609 19.32 -44.04 52.50
C GLN E 609 18.47 -44.06 51.23
N THR E 610 17.17 -44.21 51.43
CA THR E 610 16.21 -44.25 50.33
C THR E 610 14.86 -43.80 50.85
N CYS E 611 14.02 -43.33 49.92
CA CYS E 611 12.67 -42.89 50.26
C CYS E 611 11.79 -43.09 49.04
N LEU E 612 10.51 -42.78 49.20
CA LEU E 612 9.54 -42.84 48.11
C LEU E 612 9.27 -41.41 47.63
N VAL E 613 9.45 -41.19 46.34
CA VAL E 613 9.30 -39.87 45.77
C VAL E 613 7.95 -39.78 45.06
N ARG E 614 7.53 -38.56 44.74
CA ARG E 614 6.25 -38.31 44.08
C ARG E 614 6.42 -38.61 42.59
N HIS E 615 6.27 -39.88 42.23
CA HIS E 615 6.36 -40.32 40.85
C HIS E 615 5.49 -41.55 40.69
N CYS E 616 5.70 -42.31 39.62
CA CYS E 616 4.96 -43.55 39.41
C CYS E 616 5.18 -44.50 40.58
N LYS E 617 4.37 -45.55 40.66
CA LYS E 617 4.38 -46.42 41.83
C LYS E 617 5.71 -47.20 41.90
N HIS E 618 6.21 -47.36 43.11
CA HIS E 618 7.53 -47.95 43.36
C HIS E 618 8.65 -47.10 42.75
N ALA E 619 8.61 -45.80 43.04
CA ALA E 619 9.66 -44.88 42.64
C ALA E 619 10.44 -44.44 43.89
N PHE E 620 11.77 -44.51 43.81
CA PHE E 620 12.63 -44.27 44.96
C PHE E 620 13.67 -43.21 44.65
N GLY E 621 14.05 -42.46 45.68
CA GLY E 621 15.16 -41.54 45.61
C GLY E 621 16.43 -42.15 46.16
N CYS E 622 17.39 -41.29 46.50
CA CYS E 622 18.66 -41.77 47.02
C CYS E 622 19.30 -40.66 47.86
N ALA E 623 20.23 -41.08 48.73
CA ALA E 623 20.99 -40.16 49.56
C ALA E 623 22.24 -40.88 50.04
N LEU E 624 23.40 -40.39 49.64
CA LEU E 624 24.68 -41.02 49.98
C LEU E 624 25.36 -40.24 51.10
N VAL E 625 25.84 -40.95 52.10
CA VAL E 625 26.59 -40.37 53.21
C VAL E 625 27.93 -41.07 53.28
N HIS E 626 29.00 -40.28 53.32
CA HIS E 626 30.36 -40.78 53.34
C HIS E 626 30.97 -40.61 54.71
N THR E 627 31.92 -41.51 55.04
CA THR E 627 32.58 -41.45 56.34
C THR E 627 33.25 -40.10 56.56
N SER E 628 33.73 -39.48 55.48
CA SER E 628 34.35 -38.15 55.62
C SER E 628 33.35 -37.14 56.14
N GLY E 629 32.12 -37.17 55.62
CA GLY E 629 31.09 -36.26 56.08
C GLY E 629 30.23 -35.71 54.96
N TRP E 630 30.78 -35.64 53.75
CA TRP E 630 30.03 -35.09 52.63
C TRP E 630 28.86 -35.99 52.27
N LYS E 631 27.72 -35.37 51.98
CA LYS E 631 26.49 -36.08 51.65
C LYS E 631 26.04 -35.70 50.25
N VAL E 632 25.79 -36.70 49.42
CA VAL E 632 25.32 -36.51 48.05
C VAL E 632 23.91 -37.07 47.97
N VAL E 633 22.96 -36.24 47.52
CA VAL E 633 21.55 -36.60 47.44
C VAL E 633 21.15 -36.61 45.97
N TYR E 634 20.61 -37.73 45.51
CA TYR E 634 20.13 -37.88 44.15
C TYR E 634 18.64 -38.18 44.17
N SER E 635 17.89 -37.46 43.34
CA SER E 635 16.46 -37.68 43.17
C SER E 635 16.18 -38.00 41.71
N GLY E 636 15.50 -39.11 41.47
CA GLY E 636 15.12 -39.47 40.11
C GLY E 636 13.97 -38.62 39.63
N ASP E 637 13.15 -39.16 38.73
CA ASP E 637 11.96 -38.46 38.28
C ASP E 637 11.01 -38.27 39.45
N THR E 638 10.73 -37.01 39.80
CA THR E 638 9.90 -36.73 40.96
C THR E 638 9.36 -35.31 40.90
N MET E 639 8.20 -35.10 41.50
CA MET E 639 7.71 -33.77 41.80
C MET E 639 8.31 -33.29 43.12
N PRO E 640 8.19 -32.00 43.43
CA PRO E 640 8.65 -31.51 44.74
C PRO E 640 8.07 -32.34 45.88
N CYS E 641 8.93 -33.06 46.60
CA CYS E 641 8.52 -33.98 47.63
C CYS E 641 9.11 -33.57 48.97
N GLU E 642 8.32 -33.77 50.03
CA GLU E 642 8.76 -33.47 51.39
C GLU E 642 9.62 -34.59 51.98
N ALA E 643 9.37 -35.84 51.60
CA ALA E 643 10.18 -36.94 52.11
C ALA E 643 11.62 -36.79 51.69
N LEU E 644 11.86 -36.39 50.44
CA LEU E 644 13.22 -36.17 49.98
C LEU E 644 13.91 -35.07 50.76
N VAL E 645 13.17 -34.00 51.07
CA VAL E 645 13.76 -32.88 51.80
C VAL E 645 14.26 -33.32 53.16
N ARG E 646 13.45 -34.11 53.87
CA ARG E 646 13.85 -34.55 55.21
C ARG E 646 15.11 -35.41 55.17
N MET E 647 15.18 -36.35 54.22
CA MET E 647 16.32 -37.26 54.17
C MET E 647 17.59 -36.51 53.79
N GLY E 648 17.52 -35.61 52.82
CA GLY E 648 18.71 -34.98 52.27
C GLY E 648 19.09 -33.68 52.92
N LYS E 649 18.58 -33.42 54.12
CA LYS E 649 18.87 -32.16 54.79
C LYS E 649 20.38 -31.98 54.98
N ASP E 650 20.84 -30.76 54.72
CA ASP E 650 22.25 -30.42 54.86
C ASP E 650 23.14 -31.26 53.95
N ALA E 651 22.64 -31.55 52.75
CA ALA E 651 23.41 -32.30 51.77
C ALA E 651 24.49 -31.43 51.15
N THR E 652 25.59 -32.07 50.72
CA THR E 652 26.67 -31.35 50.07
C THR E 652 26.34 -31.05 48.61
N LEU E 653 25.88 -32.05 47.87
CA LEU E 653 25.48 -31.90 46.48
C LEU E 653 24.12 -32.52 46.28
N LEU E 654 23.27 -31.83 45.51
CA LEU E 654 21.92 -32.29 45.20
C LEU E 654 21.77 -32.42 43.70
N ILE E 655 21.31 -33.59 43.25
CA ILE E 655 21.00 -33.83 41.85
C ILE E 655 19.49 -33.98 41.75
N HIS E 656 18.84 -32.97 41.18
CA HIS E 656 17.38 -32.92 41.13
C HIS E 656 16.91 -32.77 39.68
N GLU E 657 15.75 -33.36 39.40
CA GLU E 657 15.18 -33.30 38.07
C GLU E 657 14.71 -31.88 37.75
N ALA E 658 14.95 -31.46 36.51
CA ALA E 658 14.51 -30.16 36.01
C ALA E 658 13.92 -30.35 34.61
N THR E 659 13.03 -31.33 34.46
CA THR E 659 12.56 -31.72 33.14
C THR E 659 11.92 -30.55 32.41
N LEU E 660 11.00 -29.84 33.06
CA LEU E 660 10.22 -28.79 32.41
C LEU E 660 10.68 -27.40 32.87
N GLU E 661 10.24 -26.39 32.14
CA GLU E 661 10.58 -25.01 32.39
C GLU E 661 9.51 -24.34 33.24
N ASP E 662 9.70 -23.05 33.50
CA ASP E 662 8.69 -22.27 34.20
C ASP E 662 7.47 -22.08 33.33
N GLY E 663 6.29 -22.06 33.95
CA GLY E 663 5.04 -21.95 33.24
C GLY E 663 4.46 -23.26 32.77
N LEU E 664 5.18 -24.37 32.92
CA LEU E 664 4.68 -25.70 32.58
C LEU E 664 4.25 -26.47 33.82
N GLU E 665 3.78 -25.77 34.85
CA GLU E 665 3.41 -26.43 36.10
C GLU E 665 2.30 -27.45 35.88
N GLU E 666 1.27 -27.08 35.11
CA GLU E 666 0.18 -28.01 34.85
C GLU E 666 0.67 -29.23 34.09
N GLU E 667 1.54 -29.03 33.09
CA GLU E 667 2.11 -30.17 32.38
C GLU E 667 2.97 -31.03 33.29
N ALA E 668 3.48 -30.48 34.38
CA ALA E 668 4.35 -31.26 35.27
C ALA E 668 3.54 -32.26 36.09
N VAL E 669 2.38 -31.84 36.60
CA VAL E 669 1.60 -32.71 37.47
C VAL E 669 1.07 -33.90 36.68
N GLU E 670 0.58 -33.68 35.46
CA GLU E 670 0.15 -34.80 34.63
C GLU E 670 1.32 -35.70 34.27
N LYS E 671 2.48 -35.11 33.97
CA LYS E 671 3.67 -35.89 33.65
C LYS E 671 4.44 -36.31 34.89
N THR E 672 4.03 -35.88 36.08
CA THR E 672 4.69 -36.24 37.34
C THR E 672 6.18 -35.90 37.29
N HIS E 673 6.47 -34.61 37.16
CA HIS E 673 7.83 -34.11 37.14
C HIS E 673 7.87 -32.76 37.83
N SER E 674 9.03 -32.12 37.79
CA SER E 674 9.25 -30.82 38.42
C SER E 674 9.81 -29.83 37.41
N THR E 675 9.50 -28.55 37.62
CA THR E 675 9.98 -27.49 36.75
C THR E 675 11.33 -26.99 37.25
N THR E 676 11.93 -26.08 36.48
CA THR E 676 13.24 -25.55 36.86
C THR E 676 13.17 -24.80 38.18
N SER E 677 12.14 -23.96 38.36
CA SER E 677 12.01 -23.22 39.61
C SER E 677 11.62 -24.15 40.76
N GLN E 678 10.74 -25.11 40.49
CA GLN E 678 10.32 -26.04 41.54
C GLN E 678 11.50 -26.85 42.06
N ALA E 679 12.36 -27.34 41.15
CA ALA E 679 13.52 -28.11 41.59
C ALA E 679 14.46 -27.28 42.43
N ILE E 680 14.70 -26.03 42.02
CA ILE E 680 15.61 -25.16 42.78
C ILE E 680 15.05 -24.89 44.17
N SER E 681 13.74 -24.61 44.25
CA SER E 681 13.14 -24.35 45.55
C SER E 681 13.28 -25.55 46.48
N VAL E 682 13.24 -26.76 45.94
CA VAL E 682 13.40 -27.95 46.77
C VAL E 682 14.79 -27.97 47.40
N GLY E 683 15.81 -27.61 46.62
CA GLY E 683 17.16 -27.59 47.17
C GLY E 683 17.31 -26.63 48.33
N MET E 684 16.77 -25.41 48.18
CA MET E 684 16.82 -24.45 49.27
C MET E 684 16.07 -24.95 50.49
N ARG E 685 14.91 -25.57 50.29
CA ARG E 685 14.19 -26.17 51.41
C ARG E 685 15.03 -27.26 52.06
N MET E 686 15.70 -28.07 51.25
CA MET E 686 16.59 -29.10 51.78
C MET E 686 17.89 -28.52 52.34
N ASN E 687 18.23 -27.27 52.01
CA ASN E 687 19.45 -26.63 52.49
C ASN E 687 20.68 -27.40 52.01
N ALA E 688 20.81 -27.49 50.69
CA ALA E 688 21.93 -28.16 50.05
C ALA E 688 23.02 -27.15 49.69
N GLU E 689 24.27 -27.55 49.91
CA GLU E 689 25.38 -26.65 49.62
C GLU E 689 25.45 -26.31 48.13
N PHE E 690 24.97 -27.22 47.28
CA PHE E 690 24.95 -26.97 45.84
C PHE E 690 23.89 -27.85 45.20
N ILE E 691 23.37 -27.39 44.06
CA ILE E 691 22.28 -28.06 43.36
C ILE E 691 22.68 -28.29 41.91
N MET E 692 22.51 -29.51 41.44
CA MET E 692 22.75 -29.90 40.06
C MET E 692 21.43 -30.32 39.42
N LEU E 693 21.13 -29.78 38.25
CA LEU E 693 19.90 -30.08 37.54
C LEU E 693 20.21 -30.98 36.34
N ASN E 694 19.43 -32.06 36.20
CA ASN E 694 19.60 -33.00 35.10
C ASN E 694 18.23 -33.54 34.73
N HIS E 695 18.22 -34.61 33.94
CA HIS E 695 16.98 -35.21 33.45
C HIS E 695 16.13 -34.18 32.71
N PHE E 696 16.78 -33.33 31.93
CA PHE E 696 16.08 -32.29 31.19
C PHE E 696 15.23 -32.89 30.08
N SER E 697 14.11 -32.22 29.79
CA SER E 697 13.27 -32.64 28.69
C SER E 697 14.01 -32.44 27.37
N GLN E 698 13.59 -33.20 26.36
CA GLN E 698 14.23 -33.12 25.05
C GLN E 698 13.95 -31.81 24.34
N ARG E 699 13.03 -31.00 24.86
CA ARG E 699 12.81 -29.68 24.28
C ARG E 699 14.08 -28.84 24.35
N TYR E 700 14.77 -28.89 25.49
CA TYR E 700 16.00 -28.13 25.69
C TYR E 700 17.20 -29.04 25.44
N ALA E 701 17.41 -29.33 24.16
CA ALA E 701 18.45 -30.28 23.78
C ALA E 701 19.83 -29.81 24.20
N LYS E 702 20.12 -28.52 24.02
CA LYS E 702 21.44 -27.99 24.32
C LYS E 702 21.50 -27.42 25.74
N VAL E 703 20.68 -26.41 26.03
CA VAL E 703 20.69 -25.77 27.35
C VAL E 703 19.26 -25.48 27.78
N PRO E 704 18.97 -25.65 29.06
CA PRO E 704 17.65 -25.29 29.57
C PRO E 704 17.49 -23.79 29.74
N LEU E 705 16.24 -23.36 29.83
CA LEU E 705 15.95 -21.94 30.07
C LEU E 705 16.53 -21.51 31.42
N PHE E 706 17.20 -20.37 31.42
CA PHE E 706 17.84 -19.84 32.63
C PHE E 706 16.84 -18.92 33.33
N SER E 707 16.23 -19.43 34.40
CA SER E 707 15.31 -18.62 35.17
C SER E 707 16.07 -17.58 36.00
N PRO E 708 15.40 -16.49 36.39
CA PRO E 708 16.09 -15.47 37.22
C PRO E 708 16.44 -15.97 38.62
N ASN E 709 15.85 -17.07 39.07
CA ASN E 709 16.15 -17.60 40.40
C ASN E 709 17.52 -18.28 40.46
N PHE E 710 18.20 -18.45 39.33
CA PHE E 710 19.48 -19.12 39.32
C PHE E 710 20.48 -18.37 40.18
N SER E 711 20.86 -18.96 41.32
CA SER E 711 21.79 -18.37 42.26
C SER E 711 23.17 -19.03 42.11
N GLU E 712 24.10 -18.68 43.00
CA GLU E 712 25.43 -19.25 42.98
C GLU E 712 25.46 -20.70 43.42
N LYS E 713 24.36 -21.22 43.97
CA LYS E 713 24.30 -22.57 44.50
C LYS E 713 23.61 -23.55 43.55
N VAL E 714 23.39 -23.15 42.30
CA VAL E 714 22.70 -23.98 41.32
C VAL E 714 23.50 -23.98 40.02
N GLY E 715 23.28 -25.02 39.22
CA GLY E 715 23.91 -25.13 37.93
C GLY E 715 23.22 -26.17 37.09
N VAL E 716 23.50 -26.14 35.79
CA VAL E 716 22.94 -27.10 34.86
C VAL E 716 23.97 -28.19 34.59
N ALA E 717 23.51 -29.31 34.05
CA ALA E 717 24.35 -30.46 33.78
C ALA E 717 24.44 -30.71 32.28
N PHE E 718 25.58 -31.26 31.86
CA PHE E 718 25.83 -31.58 30.46
C PHE E 718 26.39 -32.98 30.36
N ASP E 719 26.22 -33.59 29.19
CA ASP E 719 26.75 -34.93 28.95
C ASP E 719 28.27 -34.93 29.08
N HIS E 720 28.80 -35.99 29.69
CA HIS E 720 30.25 -36.14 29.86
C HIS E 720 30.83 -34.94 30.63
N MET E 721 30.11 -34.49 31.64
CA MET E 721 30.51 -33.34 32.45
C MET E 721 31.00 -33.83 33.81
N LYS E 722 32.20 -33.40 34.19
CA LYS E 722 32.81 -33.80 35.45
C LYS E 722 32.69 -32.64 36.44
N VAL E 723 32.12 -32.90 37.60
CA VAL E 723 31.91 -31.90 38.64
C VAL E 723 32.46 -32.44 39.95
N CYS E 724 33.25 -31.63 40.64
CA CYS E 724 33.80 -31.96 41.94
C CYS E 724 33.40 -30.90 42.96
N PHE E 725 33.47 -31.27 44.25
CA PHE E 725 33.08 -30.35 45.29
C PHE E 725 33.93 -29.09 45.29
N GLY E 726 35.17 -29.18 44.79
CA GLY E 726 36.03 -28.02 44.69
C GLY E 726 35.69 -27.08 43.55
N ASP E 727 34.82 -27.50 42.64
CA ASP E 727 34.43 -26.68 41.51
C ASP E 727 33.19 -25.83 41.77
N PHE E 728 32.57 -25.96 42.94
CA PHE E 728 31.35 -25.22 43.23
C PHE E 728 31.52 -23.72 43.03
N PRO E 729 32.55 -23.06 43.55
CA PRO E 729 32.68 -21.61 43.32
C PRO E 729 32.82 -21.26 41.85
N THR E 730 33.33 -22.17 41.01
CA THR E 730 33.48 -21.90 39.59
C THR E 730 32.15 -22.01 38.84
N MET E 731 31.23 -22.83 39.31
CA MET E 731 30.01 -23.11 38.55
C MET E 731 29.24 -21.83 38.21
N PRO E 732 29.00 -20.90 39.13
CA PRO E 732 28.25 -19.70 38.75
C PRO E 732 28.92 -18.89 37.65
N LYS E 733 30.24 -18.88 37.60
CA LYS E 733 30.96 -18.08 36.61
C LYS E 733 30.97 -18.72 35.22
N LEU E 734 30.51 -19.97 35.08
CA LEU E 734 30.46 -20.62 33.78
C LEU E 734 29.20 -20.29 33.00
N ILE E 735 28.21 -19.64 33.63
CA ILE E 735 26.96 -19.35 32.92
C ILE E 735 27.17 -18.38 31.76
N PRO E 736 27.84 -17.23 31.94
CA PRO E 736 27.91 -16.25 30.84
C PRO E 736 28.56 -16.83 29.60
N PRO E 737 29.66 -17.58 29.74
CA PRO E 737 30.19 -18.27 28.55
C PRO E 737 29.20 -19.22 27.92
N LEU E 738 28.40 -19.92 28.73
CA LEU E 738 27.42 -20.86 28.19
C LEU E 738 26.37 -20.14 27.36
N LYS E 739 25.91 -18.98 27.82
CA LYS E 739 24.91 -18.23 27.08
C LYS E 739 25.44 -17.82 25.71
N ALA E 740 26.68 -17.34 25.66
CA ALA E 740 27.27 -16.97 24.37
C ALA E 740 27.39 -18.17 23.45
N LEU E 741 27.84 -19.31 23.98
CA LEU E 741 27.96 -20.51 23.16
C LEU E 741 26.60 -20.97 22.64
N PHE E 742 25.59 -20.94 23.49
CA PHE E 742 24.24 -21.36 23.14
C PHE E 742 23.33 -20.16 22.91
N ALA E 743 23.89 -19.07 22.38
CA ALA E 743 23.09 -17.89 22.11
C ALA E 743 21.97 -18.19 21.13
N GLY E 744 22.27 -18.93 20.06
CA GLY E 744 21.25 -19.24 19.08
C GLY E 744 20.12 -20.09 19.67
N ASP E 745 20.49 -21.13 20.42
CA ASP E 745 19.46 -21.95 21.05
C ASP E 745 18.75 -21.18 22.14
N ILE E 746 19.45 -20.26 22.81
CA ILE E 746 18.84 -19.49 23.88
C ILE E 746 17.78 -18.54 23.32
N GLU E 747 18.04 -17.96 22.13
CA GLU E 747 17.08 -17.01 21.58
C GLU E 747 15.93 -17.70 20.85
N GLU E 748 15.96 -19.03 20.76
CA GLU E 748 14.89 -19.78 20.11
C GLU E 748 13.95 -20.44 21.11
N MET E 749 14.41 -20.68 22.34
CA MET E 749 13.60 -21.41 23.31
C MET E 749 12.47 -20.55 23.85
N GLU E 750 12.75 -19.28 24.16
CA GLU E 750 11.74 -18.42 24.76
C GLU E 750 10.71 -17.93 23.75
N GLU E 751 11.00 -18.01 22.44
CA GLU E 751 9.97 -17.71 21.45
C GLU E 751 8.82 -18.72 21.54
N ARG E 752 9.15 -20.00 21.76
CA ARG E 752 8.11 -20.98 22.00
C ARG E 752 7.31 -20.63 23.25
N ARG E 753 8.01 -20.19 24.30
CA ARG E 753 7.31 -19.73 25.49
C ARG E 753 6.41 -18.54 25.18
N GLU E 754 6.93 -17.58 24.42
CA GLU E 754 6.09 -16.45 24.01
C GLU E 754 4.92 -16.91 23.16
N LYS E 755 5.18 -17.83 22.22
CA LYS E 755 4.09 -18.42 21.44
C LYS E 755 3.16 -19.22 22.34
N ARG E 756 3.71 -19.95 23.31
CA ARG E 756 2.89 -20.78 24.18
C ARG E 756 1.85 -19.94 24.91
N GLU E 757 2.28 -18.82 25.51
CA GLU E 757 1.34 -18.02 26.28
C GLU E 757 0.20 -17.50 25.41
N LEU E 758 0.53 -17.00 24.22
CA LEU E 758 -0.50 -16.47 23.34
C LEU E 758 -1.45 -17.58 22.89
N ARG E 759 -0.90 -18.75 22.52
CA ARG E 759 -1.75 -19.83 22.03
C ARG E 759 -2.71 -20.33 23.10
N GLN E 760 -2.21 -20.51 24.33
CA GLN E 760 -3.08 -20.93 25.42
C GLN E 760 -4.09 -19.84 25.77
N VAL E 761 -3.66 -18.58 25.68
CA VAL E 761 -4.59 -17.47 25.96
C VAL E 761 -5.72 -17.47 24.95
N ARG E 762 -5.41 -17.70 23.68
CA ARG E 762 -6.41 -17.73 22.62
C ARG E 762 -7.55 -18.69 22.97
N ALA G 23 19.99 -28.08 -34.36
CA ALA G 23 20.66 -28.33 -33.10
C ALA G 23 20.20 -29.67 -32.51
N ALA G 24 21.05 -30.25 -31.66
CA ALA G 24 20.73 -31.54 -31.04
C ALA G 24 19.54 -31.43 -30.11
N THR G 25 19.22 -30.22 -29.63
CA THR G 25 18.12 -30.07 -28.69
C THR G 25 16.77 -30.17 -29.39
N ARG G 26 16.70 -29.77 -30.66
CA ARG G 26 15.41 -29.76 -31.35
C ARG G 26 14.82 -31.15 -31.46
N GLU G 27 15.65 -32.15 -31.77
CA GLU G 27 15.12 -33.50 -31.97
C GLU G 27 14.93 -33.98 -30.54
N PHE G 28 15.78 -33.52 -29.61
CA PHE G 28 15.59 -33.93 -28.21
C PHE G 28 14.11 -33.81 -27.58
N ILE G 29 13.55 -32.63 -27.90
CA ILE G 29 12.11 -32.45 -27.81
C ILE G 29 11.10 -33.21 -28.64
N GLU G 30 11.39 -33.40 -29.94
CA GLU G 30 10.49 -34.17 -30.80
C GLU G 30 10.29 -35.61 -30.34
N MET G 31 11.38 -36.28 -29.96
CA MET G 31 11.27 -37.64 -29.44
C MET G 31 10.49 -37.66 -28.12
N TRP G 32 10.71 -36.65 -27.28
CA TRP G 32 9.96 -36.55 -26.03
C TRP G 32 8.49 -36.42 -26.37
N ARG G 33 8.15 -35.79 -27.50
CA ARG G 33 6.77 -35.75 -27.93
C ARG G 33 6.24 -37.14 -28.22
N LEU G 34 7.06 -37.99 -28.86
CA LEU G 34 6.65 -39.37 -29.08
C LEU G 34 6.45 -40.10 -27.77
N LEU G 35 7.31 -39.84 -26.78
CA LEU G 35 7.13 -40.39 -25.44
C LEU G 35 5.94 -39.78 -24.71
N GLY G 36 5.36 -38.70 -25.23
CA GLY G 36 4.28 -38.03 -24.54
C GLY G 36 4.72 -37.38 -23.24
N ARG G 37 5.86 -36.68 -23.24
CA ARG G 37 6.36 -36.05 -22.04
C ARG G 37 5.70 -34.70 -21.80
N GLU G 38 4.36 -34.67 -21.87
CA GLU G 38 3.60 -33.45 -21.64
C GLU G 38 4.23 -32.25 -22.36
N VAL G 39 4.73 -32.48 -23.57
CA VAL G 39 5.39 -31.42 -24.34
C VAL G 39 4.34 -30.71 -25.20
N PRO G 40 4.36 -29.39 -25.29
CA PRO G 40 3.38 -28.70 -26.13
C PRO G 40 3.58 -29.00 -27.60
N GLU G 41 2.60 -28.58 -28.40
CA GLU G 41 2.64 -28.83 -29.84
C GLU G 41 3.57 -27.85 -30.54
N HIS G 42 3.35 -26.56 -30.36
CA HIS G 42 4.13 -25.51 -30.99
C HIS G 42 4.93 -24.76 -29.94
N ILE G 43 6.24 -24.63 -30.17
CA ILE G 43 7.14 -23.94 -29.25
C ILE G 43 8.06 -23.05 -30.08
N THR G 44 8.20 -21.80 -29.65
CA THR G 44 9.07 -20.87 -30.35
C THR G 44 10.53 -21.12 -30.00
N GLU G 45 11.42 -20.68 -30.90
CA GLU G 45 12.86 -20.85 -30.67
C GLU G 45 13.31 -20.14 -29.40
N GLU G 46 12.62 -19.05 -29.02
CA GLU G 46 12.98 -18.34 -27.80
C GLU G 46 12.80 -19.24 -26.59
N GLU G 47 11.72 -20.01 -26.56
CA GLU G 47 11.50 -20.94 -25.45
C GLU G 47 12.50 -22.10 -25.50
N LEU G 48 13.00 -22.44 -26.69
CA LEU G 48 13.92 -23.57 -26.81
C LEU G 48 15.23 -23.29 -26.08
N LYS G 49 15.78 -22.08 -26.24
CA LYS G 49 17.04 -21.75 -25.56
C LYS G 49 16.85 -21.69 -24.05
N THR G 50 15.67 -21.29 -23.59
CA THR G 50 15.38 -21.36 -22.16
C THR G 50 15.43 -22.81 -21.68
N LEU G 51 14.88 -23.73 -22.47
CA LEU G 51 15.02 -25.15 -22.15
C LEU G 51 16.47 -25.59 -22.23
N MET G 52 17.26 -24.96 -23.09
CA MET G 52 18.68 -25.29 -23.19
C MET G 52 19.39 -25.01 -21.87
N GLU G 53 19.04 -23.89 -21.22
CA GLU G 53 19.71 -23.52 -19.97
C GLU G 53 19.46 -24.56 -18.88
N CYS G 54 18.34 -25.28 -18.95
CA CYS G 54 18.04 -26.30 -17.96
C CYS G 54 19.15 -27.35 -17.94
N VAL G 55 19.87 -27.42 -16.83
CA VAL G 55 21.00 -28.35 -16.73
C VAL G 55 20.54 -29.76 -16.45
N SER G 56 19.35 -29.93 -15.87
CA SER G 56 18.86 -31.24 -15.44
C SER G 56 17.63 -31.63 -16.24
N ASN G 57 17.42 -32.94 -16.37
CA ASN G 57 16.25 -33.44 -17.08
C ASN G 57 14.96 -33.02 -16.36
N THR G 58 14.95 -33.10 -15.03
CA THR G 58 13.78 -32.67 -14.29
C THR G 58 13.47 -31.20 -14.53
N ALA G 59 14.51 -30.37 -14.66
CA ALA G 59 14.28 -28.97 -15.02
C ALA G 59 13.63 -28.86 -16.39
N LYS G 60 14.11 -29.65 -17.36
CA LYS G 60 13.45 -29.70 -18.66
C LYS G 60 12.04 -30.23 -18.52
N LYS G 61 11.85 -31.27 -17.70
CA LYS G 61 10.52 -31.83 -17.49
C LYS G 61 9.59 -30.79 -16.87
N LYS G 62 10.08 -30.06 -15.87
CA LYS G 62 9.27 -29.04 -15.22
C LYS G 62 8.95 -27.90 -16.18
N TYR G 63 9.96 -27.43 -16.92
CA TYR G 63 9.74 -26.30 -17.82
C TYR G 63 8.76 -26.65 -18.93
N LEU G 64 8.87 -27.86 -19.49
CA LEU G 64 7.96 -28.26 -20.56
C LEU G 64 6.53 -28.33 -20.08
N LYS G 65 6.32 -28.82 -18.86
CA LYS G 65 4.96 -28.87 -18.31
C LYS G 65 4.37 -27.47 -18.20
N TYR G 66 5.18 -26.49 -17.80
CA TYR G 66 4.69 -25.12 -17.72
C TYR G 66 4.23 -24.63 -19.09
N LEU G 67 5.01 -24.93 -20.13
CA LEU G 67 4.59 -24.56 -21.49
C LEU G 67 3.32 -25.30 -21.89
N TYR G 68 3.22 -26.58 -21.54
CA TYR G 68 2.05 -27.37 -21.91
C TYR G 68 0.78 -26.76 -21.32
N THR G 69 0.78 -26.50 -20.01
CA THR G 69 -0.39 -25.89 -19.39
C THR G 69 -0.63 -24.48 -19.93
N LYS G 70 0.43 -23.81 -20.39
CA LYS G 70 0.25 -22.49 -21.00
C LYS G 70 -0.62 -22.59 -22.24
N GLU G 71 -0.37 -23.59 -23.09
CA GLU G 71 -1.20 -23.77 -24.27
C GLU G 71 -2.60 -24.26 -23.90
N LYS G 72 -2.69 -25.16 -22.92
CA LYS G 72 -3.98 -25.72 -22.55
C LYS G 72 -4.94 -24.62 -22.09
N VAL G 73 -4.45 -23.69 -21.26
CA VAL G 73 -5.28 -22.57 -20.83
C VAL G 73 -5.66 -21.70 -22.01
N LYS G 74 -4.71 -21.42 -22.91
CA LYS G 74 -4.98 -20.56 -24.05
C LYS G 74 -6.03 -21.17 -24.97
N LYS G 75 -5.85 -22.44 -25.34
CA LYS G 75 -6.82 -23.10 -26.21
C LYS G 75 -8.19 -23.18 -25.54
N ALA G 76 -8.22 -23.55 -24.26
CA ALA G 76 -9.49 -23.59 -23.54
C ALA G 76 -10.03 -22.18 -23.49
N ARG G 77 -9.15 -21.19 -23.25
CA ARG G 77 -9.57 -19.80 -23.31
C ARG G 77 -10.20 -19.46 -24.66
N GLN G 78 -9.50 -19.78 -25.74
CA GLN G 78 -10.02 -19.52 -27.08
C GLN G 78 -11.33 -20.21 -27.44
N ILE G 79 -11.47 -21.49 -27.08
CA ILE G 79 -12.73 -22.19 -27.32
C ILE G 79 -13.87 -21.52 -26.57
N LYS G 80 -13.64 -21.19 -25.30
CA LYS G 80 -14.62 -20.45 -24.54
C LYS G 80 -14.75 -19.00 -24.98
N LYS G 81 -13.79 -18.48 -25.75
CA LYS G 81 -13.84 -17.11 -26.23
C LYS G 81 -14.69 -16.98 -27.49
N GLU G 82 -14.44 -17.84 -28.48
CA GLU G 82 -15.27 -17.83 -29.68
C GLU G 82 -16.71 -18.16 -29.35
N MET G 83 -16.93 -18.89 -28.25
CA MET G 83 -18.29 -19.15 -27.80
C MET G 83 -18.98 -17.85 -27.39
N LYS G 84 -18.23 -16.96 -26.73
CA LYS G 84 -18.80 -15.67 -26.32
C LYS G 84 -19.21 -14.85 -27.53
N ALA G 85 -18.35 -14.79 -28.55
CA ALA G 85 -18.70 -14.04 -29.76
C ALA G 85 -19.91 -14.64 -30.46
N ALA G 86 -19.95 -15.97 -30.56
CA ALA G 86 -21.08 -16.62 -31.23
C ALA G 86 -22.39 -16.36 -30.48
N ALA G 87 -22.35 -16.44 -29.15
CA ALA G 87 -23.56 -16.22 -28.37
C ALA G 87 -24.04 -14.78 -28.48
N ARG G 88 -23.12 -13.82 -28.41
CA ARG G 88 -23.51 -12.41 -28.39
C ARG G 88 -24.14 -12.00 -29.72
N GLU G 89 -23.55 -12.41 -30.84
CA GLU G 89 -24.09 -12.03 -32.14
C GLU G 89 -25.48 -12.65 -32.35
N GLU G 90 -25.68 -13.88 -31.89
CA GLU G 90 -26.99 -14.51 -32.03
C GLU G 90 -28.06 -13.75 -31.26
N ALA G 91 -27.75 -13.31 -30.05
CA ALA G 91 -28.73 -12.56 -29.25
C ALA G 91 -29.10 -11.25 -29.92
N LYS G 92 -28.10 -10.56 -30.50
CA LYS G 92 -28.39 -9.30 -31.18
C LYS G 92 -29.36 -9.50 -32.34
N ASN G 93 -29.16 -10.57 -33.11
CA ASN G 93 -30.05 -10.83 -34.24
C ASN G 93 -31.49 -11.02 -33.78
N ILE G 94 -31.69 -11.76 -32.68
CA ILE G 94 -33.04 -11.95 -32.16
C ILE G 94 -33.63 -10.62 -31.72
N LYS G 95 -32.85 -9.80 -31.03
CA LYS G 95 -33.31 -8.50 -30.57
C LYS G 95 -33.48 -7.54 -31.73
N LYS G 106 -33.67 9.20 -24.95
CA LYS G 106 -33.79 9.39 -23.51
C LYS G 106 -32.91 10.54 -23.04
N ASN G 107 -32.90 10.78 -21.74
CA ASN G 107 -32.14 11.87 -21.13
C ASN G 107 -30.97 11.30 -20.34
N PHE G 108 -29.77 11.79 -20.63
CA PHE G 108 -28.57 11.38 -19.93
C PHE G 108 -27.77 12.62 -19.52
N LEU G 109 -27.14 12.54 -18.36
CA LEU G 109 -26.28 13.61 -17.86
C LEU G 109 -24.82 13.40 -18.21
N PHE G 110 -24.35 12.16 -18.22
CA PHE G 110 -22.96 11.84 -18.55
C PHE G 110 -22.91 10.87 -19.72
N LEU G 111 -21.91 11.04 -20.58
CA LEU G 111 -21.60 10.04 -21.58
C LEU G 111 -20.88 8.86 -20.92
N ARG G 112 -20.99 7.69 -21.54
CA ARG G 112 -20.38 6.47 -21.01
C ARG G 112 -18.89 6.47 -21.38
N LEU G 113 -18.15 7.37 -20.74
CA LEU G 113 -16.70 7.49 -20.88
C LEU G 113 -16.04 7.36 -19.52
N TRP G 114 -16.57 6.45 -18.69
CA TRP G 114 -16.11 6.35 -17.30
C TRP G 114 -14.68 5.84 -17.23
N ASP G 115 -14.38 4.75 -17.94
CA ASP G 115 -13.05 4.14 -17.82
C ASP G 115 -11.95 5.15 -18.09
N ARG G 116 -12.14 6.01 -19.09
CA ARG G 116 -11.20 7.09 -19.33
C ARG G 116 -11.15 8.06 -18.15
N ASN G 117 -12.32 8.40 -17.59
CA ASN G 117 -12.38 9.38 -16.51
C ASN G 117 -11.62 8.90 -15.28
N MET G 118 -11.78 7.63 -14.92
CA MET G 118 -11.09 7.11 -13.74
C MET G 118 -9.58 7.14 -13.94
N ASP G 119 -9.12 6.79 -15.15
CA ASP G 119 -7.68 6.80 -15.42
C ASP G 119 -7.11 8.21 -15.23
N ILE G 120 -7.81 9.22 -15.73
CA ILE G 120 -7.37 10.60 -15.54
C ILE G 120 -7.40 10.97 -14.07
N ALA G 121 -8.47 10.58 -13.37
CA ALA G 121 -8.59 10.92 -11.94
C ALA G 121 -7.46 10.28 -11.14
N MET G 122 -7.15 9.02 -11.40
CA MET G 122 -6.03 8.38 -10.72
C MET G 122 -4.71 9.06 -11.07
N GLY G 123 -4.54 9.48 -12.32
CA GLY G 123 -3.32 10.17 -12.70
C GLY G 123 -3.11 11.44 -11.92
N TRP G 124 -4.17 12.23 -11.73
CA TRP G 124 -4.05 13.46 -10.95
C TRP G 124 -3.65 13.16 -9.52
N LYS G 125 -4.26 12.14 -8.91
CA LYS G 125 -3.87 11.74 -7.56
C LYS G 125 -2.43 11.26 -7.53
N GLY G 126 -2.03 10.48 -8.55
CA GLY G 126 -0.66 10.00 -8.60
C GLY G 126 0.35 11.12 -8.69
N ALA G 127 0.05 12.14 -9.50
CA ALA G 127 0.94 13.29 -9.60
C ALA G 127 1.09 14.00 -8.27
N GLN G 128 -0.03 14.15 -7.54
CA GLN G 128 0.03 14.74 -6.21
C GLN G 128 0.82 13.86 -5.26
N ALA G 129 0.76 12.55 -5.44
CA ALA G 129 1.44 11.63 -4.54
C ALA G 129 2.94 11.83 -4.56
N MET G 130 3.52 12.01 -5.76
CA MET G 130 4.97 12.14 -5.86
C MET G 130 5.48 13.50 -5.39
N GLN G 131 4.59 14.44 -5.08
CA GLN G 131 4.98 15.71 -4.49
C GLN G 131 4.78 15.75 -2.98
N PHE G 132 3.79 15.03 -2.46
CA PHE G 132 3.51 15.06 -1.03
C PHE G 132 3.25 13.69 -0.41
N GLY G 133 3.08 12.64 -1.21
CA GLY G 133 2.77 11.34 -0.64
C GLY G 133 3.94 10.73 0.11
N GLN G 134 3.62 9.83 1.02
CA GLN G 134 4.65 9.14 1.80
C GLN G 134 5.47 8.25 0.88
N PRO G 135 6.80 8.29 0.96
CA PRO G 135 7.61 7.42 0.09
C PRO G 135 7.54 5.97 0.51
N LEU G 136 7.18 5.10 -0.44
CA LEU G 136 7.28 3.66 -0.28
C LEU G 136 8.29 3.14 -1.28
N VAL G 137 9.28 2.39 -0.78
CA VAL G 137 10.44 1.99 -1.58
C VAL G 137 10.36 0.50 -1.87
N PHE G 138 10.50 0.15 -3.14
CA PHE G 138 10.68 -1.24 -3.56
C PHE G 138 12.15 -1.45 -3.90
N ASP G 139 12.82 -2.33 -3.15
CA ASP G 139 14.24 -2.58 -3.34
C ASP G 139 14.42 -3.64 -4.43
N MET G 140 15.21 -3.32 -5.44
CA MET G 140 15.46 -4.21 -6.58
C MET G 140 16.90 -4.70 -6.59
N ALA G 141 17.47 -4.94 -5.42
CA ALA G 141 18.84 -5.43 -5.29
C ALA G 141 18.91 -6.95 -5.18
N TYR G 142 17.80 -7.65 -5.34
CA TYR G 142 17.75 -9.10 -5.19
C TYR G 142 17.78 -9.83 -6.52
N GLU G 143 18.09 -9.13 -7.61
CA GLU G 143 18.08 -9.76 -8.93
C GLU G 143 19.05 -10.93 -9.01
N ASN G 144 20.10 -10.95 -8.19
CA ASN G 144 21.08 -12.02 -8.23
C ASN G 144 20.61 -13.29 -7.52
N TYR G 145 19.55 -13.21 -6.70
CA TYR G 145 19.04 -14.36 -5.97
C TYR G 145 17.77 -14.92 -6.58
N MET G 146 17.41 -14.51 -7.80
CA MET G 146 16.17 -14.92 -8.44
C MET G 146 16.46 -15.68 -9.72
N LYS G 147 15.69 -16.76 -9.93
CA LYS G 147 15.71 -17.46 -11.21
C LYS G 147 14.79 -16.72 -12.18
N ARG G 148 14.67 -17.23 -13.41
CA ARG G 148 13.77 -16.61 -14.36
C ARG G 148 12.31 -16.82 -13.98
N LYS G 149 11.98 -17.97 -13.39
CA LYS G 149 10.61 -18.23 -12.97
C LYS G 149 10.17 -17.23 -11.91
N GLU G 150 11.02 -16.97 -10.91
CA GLU G 150 10.68 -16.05 -9.84
C GLU G 150 10.83 -14.59 -10.26
N LEU G 151 11.78 -14.28 -11.14
CA LEU G 151 11.90 -12.91 -11.63
C LEU G 151 10.63 -12.49 -12.39
N GLN G 152 10.07 -13.39 -13.19
CA GLN G 152 8.82 -13.09 -13.89
C GLN G 152 7.70 -12.82 -12.88
N ASN G 153 7.61 -13.65 -11.83
CA ASN G 153 6.55 -13.47 -10.85
C ASN G 153 6.69 -12.15 -10.11
N THR G 154 7.92 -11.75 -9.80
CA THR G 154 8.14 -10.50 -9.09
C THR G 154 7.53 -9.33 -9.85
N VAL G 155 7.72 -9.32 -11.17
CA VAL G 155 7.13 -8.26 -11.99
C VAL G 155 5.61 -8.34 -11.96
N SER G 156 5.06 -9.56 -11.95
CA SER G 156 3.60 -9.70 -11.92
C SER G 156 3.03 -9.09 -10.64
N GLN G 157 3.66 -9.35 -9.50
CA GLN G 157 3.21 -8.74 -8.26
C GLN G 157 3.50 -7.25 -8.22
N LEU G 158 4.62 -6.83 -8.81
CA LEU G 158 4.91 -5.39 -8.88
C LEU G 158 3.85 -4.66 -9.67
N LEU G 159 3.38 -5.25 -10.78
CA LEU G 159 2.31 -4.64 -11.54
C LEU G 159 1.04 -4.53 -10.71
N GLU G 160 0.71 -5.59 -9.96
CA GLU G 160 -0.48 -5.56 -9.11
C GLU G 160 -0.27 -4.63 -7.92
N SER G 161 0.93 -4.62 -7.34
CA SER G 161 1.20 -3.74 -6.20
C SER G 161 1.03 -2.28 -6.58
N GLU G 162 1.57 -1.89 -7.74
CA GLU G 162 1.39 -0.52 -8.21
C GLU G 162 -0.06 -0.26 -8.62
N GLY G 163 -0.75 -1.28 -9.13
CA GLY G 163 -2.14 -1.09 -9.51
C GLY G 163 -3.03 -0.74 -8.34
N TRP G 164 -2.85 -1.44 -7.22
CA TRP G 164 -3.64 -1.14 -6.02
C TRP G 164 -3.29 0.24 -5.46
N ASN G 165 -2.03 0.66 -5.58
CA ASN G 165 -1.64 1.98 -5.13
C ASN G 165 -2.37 3.06 -5.91
N ARG G 166 -2.49 2.89 -7.23
CA ARG G 166 -3.15 3.89 -8.06
C ARG G 166 -4.61 4.07 -7.66
N ARG G 167 -5.30 2.97 -7.38
CA ARG G 167 -6.72 3.03 -7.05
C ARG G 167 -6.99 3.45 -5.61
N ASN G 168 -5.95 3.54 -4.77
CA ASN G 168 -6.16 3.89 -3.37
C ASN G 168 -6.54 5.35 -3.22
N VAL G 169 -7.21 5.65 -2.12
CA VAL G 169 -7.61 7.03 -1.83
C VAL G 169 -6.39 7.91 -1.64
N ASP G 170 -5.38 7.40 -0.93
CA ASP G 170 -4.15 8.15 -0.66
C ASP G 170 -2.98 7.29 -1.10
N PRO G 171 -2.63 7.33 -2.39
CA PRO G 171 -1.54 6.48 -2.89
C PRO G 171 -0.20 6.82 -2.28
N PHE G 172 0.65 5.80 -2.17
CA PHE G 172 2.03 6.01 -1.76
C PHE G 172 2.82 6.65 -2.89
N HIS G 173 3.99 7.18 -2.54
CA HIS G 173 4.96 7.63 -3.53
C HIS G 173 5.94 6.49 -3.76
N ILE G 174 5.57 5.59 -4.68
CA ILE G 174 6.34 4.37 -4.87
C ILE G 174 7.70 4.70 -5.46
N TYR G 175 8.74 4.13 -4.86
CA TYR G 175 10.12 4.29 -5.33
C TYR G 175 10.65 2.94 -5.78
N PHE G 176 11.25 2.90 -6.96
CA PHE G 176 11.93 1.71 -7.48
C PHE G 176 13.43 1.98 -7.40
N CYS G 177 14.05 1.49 -6.33
CA CYS G 177 15.46 1.73 -6.07
C CYS G 177 16.30 0.54 -6.49
N ASN G 178 17.57 0.79 -6.80
CA ASN G 178 18.51 -0.24 -7.22
C ASN G 178 18.02 -0.97 -8.47
N LEU G 179 17.32 -0.26 -9.34
CA LEU G 179 16.77 -0.83 -10.57
C LEU G 179 17.73 -0.52 -11.71
N LYS G 180 18.61 -1.48 -12.00
CA LYS G 180 19.56 -1.31 -13.09
C LYS G 180 18.83 -1.21 -14.43
N ILE G 181 19.28 -0.29 -15.28
CA ILE G 181 18.62 -0.07 -16.56
C ILE G 181 18.70 -1.32 -17.42
N ASP G 182 19.88 -1.95 -17.46
CA ASP G 182 20.10 -3.13 -18.28
C ASP G 182 19.76 -4.42 -17.55
N GLY G 183 19.31 -4.35 -16.30
CA GLY G 183 18.99 -5.55 -15.56
C GLY G 183 17.76 -6.26 -16.10
N ALA G 184 17.63 -7.52 -15.72
CA ALA G 184 16.49 -8.32 -16.18
C ALA G 184 15.18 -7.73 -15.68
N LEU G 185 15.15 -7.27 -14.42
CA LEU G 185 13.92 -6.73 -13.86
C LEU G 185 13.44 -5.52 -14.64
N HIS G 186 14.35 -4.60 -14.96
CA HIS G 186 13.97 -3.43 -15.75
C HIS G 186 13.47 -3.81 -17.12
N ARG G 187 14.16 -4.74 -17.79
CA ARG G 187 13.73 -5.18 -19.12
C ARG G 187 12.37 -5.86 -19.06
N GLU G 188 12.13 -6.70 -18.06
CA GLU G 188 10.83 -7.37 -17.95
C GLU G 188 9.72 -6.36 -17.68
N LEU G 189 9.99 -5.36 -16.84
CA LEU G 189 8.96 -4.36 -16.55
C LEU G 189 8.57 -3.60 -17.80
N VAL G 190 9.54 -3.28 -18.66
CA VAL G 190 9.25 -2.56 -19.90
C VAL G 190 8.31 -3.34 -20.81
N LYS G 191 8.54 -4.65 -20.96
CA LYS G 191 7.70 -5.45 -21.83
C LYS G 191 6.26 -5.55 -21.31
N ARG G 192 6.09 -5.66 -19.99
CA ARG G 192 4.76 -5.79 -19.42
C ARG G 192 4.04 -4.46 -19.44
N TYR G 193 4.78 -3.34 -19.41
CA TYR G 193 4.18 -2.01 -19.48
C TYR G 193 4.23 -1.40 -20.87
N GLN G 194 5.18 -1.84 -21.71
CA GLN G 194 5.34 -1.33 -23.08
C GLN G 194 5.52 0.18 -23.00
N GLU G 195 4.68 0.99 -23.66
CA GLU G 195 4.85 2.44 -23.65
C GLU G 195 4.42 3.07 -22.33
N LYS G 196 3.65 2.35 -21.50
CA LYS G 196 3.19 2.92 -20.24
C LYS G 196 4.32 3.05 -19.21
N TRP G 197 5.45 2.39 -19.44
CA TRP G 197 6.52 2.40 -18.44
C TRP G 197 7.02 3.81 -18.19
N ASP G 198 7.21 4.60 -19.25
CA ASP G 198 7.70 5.96 -19.11
C ASP G 198 6.65 6.93 -18.58
N LYS G 199 5.38 6.53 -18.56
CA LYS G 199 4.30 7.39 -18.10
C LYS G 199 3.82 7.03 -16.70
N LEU G 200 4.34 5.96 -16.09
CA LEU G 200 3.92 5.59 -14.75
C LEU G 200 4.32 6.69 -13.76
N LEU G 201 3.45 6.92 -12.78
CA LEU G 201 3.70 7.95 -11.77
C LEU G 201 4.40 7.32 -10.57
N LEU G 202 5.67 6.97 -10.80
CA LEU G 202 6.53 6.45 -9.74
C LEU G 202 7.96 6.82 -10.07
N THR G 203 8.80 6.85 -9.04
CA THR G 203 10.21 7.20 -9.18
C THR G 203 11.02 5.92 -9.31
N SER G 204 11.66 5.73 -10.46
CA SER G 204 12.50 4.57 -10.73
C SER G 204 13.93 5.07 -10.93
N THR G 205 14.87 4.51 -10.17
CA THR G 205 16.24 5.00 -10.19
C THR G 205 17.21 3.88 -9.87
N GLU G 206 18.48 4.14 -10.17
CA GLU G 206 19.57 3.20 -9.91
C GLU G 206 20.24 3.43 -8.56
N LYS G 207 19.87 4.48 -7.82
CA LYS G 207 20.53 4.76 -6.55
C LYS G 207 19.83 4.04 -5.41
N SER G 208 20.61 3.65 -4.40
CA SER G 208 20.08 2.94 -3.26
C SER G 208 19.20 3.85 -2.40
N HIS G 209 18.28 3.23 -1.66
CA HIS G 209 17.36 4.00 -0.83
C HIS G 209 18.09 4.83 0.21
N VAL G 210 19.24 4.35 0.71
CA VAL G 210 20.00 5.11 1.69
C VAL G 210 20.47 6.43 1.09
N ASP G 211 20.68 6.47 -0.22
CA ASP G 211 21.13 7.68 -0.89
C ASP G 211 20.00 8.67 -1.14
N LEU G 212 18.75 8.29 -0.90
CA LEU G 212 17.60 9.15 -1.16
C LEU G 212 16.94 9.69 0.09
N PHE G 213 16.98 8.96 1.20
CA PHE G 213 16.30 9.34 2.43
C PHE G 213 17.26 9.20 3.61
N PRO G 214 17.01 9.91 4.70
CA PRO G 214 17.85 9.75 5.89
C PRO G 214 17.82 8.31 6.39
N LYS G 215 18.97 7.84 6.88
CA LYS G 215 19.05 6.47 7.38
C LYS G 215 18.25 6.26 8.65
N ASP G 216 17.93 7.33 9.38
CA ASP G 216 17.14 7.23 10.60
C ASP G 216 15.64 7.18 10.34
N SER G 217 15.19 7.47 9.12
CA SER G 217 13.79 7.44 8.77
C SER G 217 13.43 6.25 7.88
N ILE G 218 14.34 5.28 7.74
CA ILE G 218 14.14 4.12 6.88
C ILE G 218 13.91 2.90 7.76
N ILE G 219 12.84 2.16 7.47
CA ILE G 219 12.54 0.91 8.14
C ILE G 219 12.46 -0.17 7.08
N TYR G 220 13.35 -1.16 7.16
CA TYR G 220 13.40 -2.25 6.19
C TYR G 220 12.50 -3.37 6.69
N LEU G 221 11.28 -3.42 6.16
CA LEU G 221 10.34 -4.45 6.56
C LEU G 221 10.84 -5.83 6.16
N THR G 222 10.69 -6.80 7.05
CA THR G 222 11.09 -8.17 6.77
C THR G 222 10.50 -9.08 7.83
N ALA G 223 10.08 -10.28 7.41
CA ALA G 223 9.47 -11.22 8.34
C ALA G 223 10.45 -11.74 9.37
N ASP G 224 11.75 -11.63 9.11
CA ASP G 224 12.78 -12.11 10.03
C ASP G 224 13.23 -11.03 11.01
N SER G 225 12.65 -9.83 10.97
CA SER G 225 13.06 -8.76 11.85
C SER G 225 12.72 -9.11 13.29
N PRO G 226 13.67 -9.01 14.23
CA PRO G 226 13.35 -9.29 15.64
C PRO G 226 12.35 -8.31 16.23
N ASN G 227 12.19 -7.13 15.64
CA ASN G 227 11.29 -6.12 16.15
C ASN G 227 9.93 -6.24 15.47
N VAL G 228 8.86 -6.22 16.27
CA VAL G 228 7.51 -6.31 15.75
C VAL G 228 6.92 -4.91 15.64
N MET G 229 6.37 -4.59 14.48
CA MET G 229 5.77 -3.28 14.24
C MET G 229 4.36 -3.25 14.81
N THR G 230 4.08 -2.26 15.66
CA THR G 230 2.79 -2.10 16.30
C THR G 230 1.96 -0.97 15.72
N THR G 231 2.59 0.16 15.38
CA THR G 231 1.88 1.32 14.84
C THR G 231 2.53 1.75 13.53
N PHE G 232 1.70 2.12 12.57
CA PHE G 232 2.18 2.60 11.28
C PHE G 232 2.52 4.08 11.42
N ARG G 233 3.81 4.39 11.42
CA ARG G 233 4.25 5.78 11.55
C ARG G 233 4.28 6.42 10.16
N HIS G 234 3.69 7.61 10.07
CA HIS G 234 3.63 8.32 8.79
C HIS G 234 4.86 9.14 8.47
N ASP G 235 5.79 9.27 9.42
CA ASP G 235 7.03 10.01 9.21
C ASP G 235 8.19 9.11 8.82
N LYS G 236 7.96 7.82 8.65
CA LYS G 236 9.01 6.85 8.30
C LYS G 236 8.86 6.41 6.85
N VAL G 237 9.95 5.89 6.30
CA VAL G 237 9.99 5.35 4.95
C VAL G 237 10.15 3.84 5.06
N TYR G 238 9.22 3.09 4.48
CA TYR G 238 9.22 1.64 4.54
C TYR G 238 9.80 1.07 3.26
N VAL G 239 10.72 0.13 3.40
CA VAL G 239 11.39 -0.51 2.28
C VAL G 239 10.90 -1.94 2.17
N ILE G 240 10.40 -2.30 0.99
CA ILE G 240 9.92 -3.65 0.70
C ILE G 240 10.82 -4.24 -0.38
N GLY G 241 11.46 -5.36 -0.07
CA GLY G 241 12.32 -6.02 -1.02
C GLY G 241 11.55 -6.69 -2.14
N SER G 242 11.72 -6.22 -3.37
CA SER G 242 11.03 -6.83 -4.50
C SER G 242 11.67 -8.17 -4.82
N PHE G 243 11.46 -9.15 -3.93
CA PHE G 243 12.09 -10.45 -4.01
C PHE G 243 11.03 -11.51 -3.83
N VAL G 244 10.96 -12.45 -4.77
CA VAL G 244 10.02 -13.57 -4.71
C VAL G 244 10.87 -14.83 -4.59
N ASP G 245 10.97 -15.37 -3.37
CA ASP G 245 11.82 -16.52 -3.09
C ASP G 245 10.95 -17.77 -3.02
N LYS G 246 10.62 -18.31 -4.20
CA LYS G 246 9.97 -19.62 -4.24
C LYS G 246 10.88 -20.68 -3.63
N SER G 247 12.18 -20.62 -3.95
CA SER G 247 13.19 -21.37 -3.23
C SER G 247 13.58 -20.54 -2.00
N MET G 248 13.13 -20.99 -0.83
CA MET G 248 13.24 -20.17 0.36
C MET G 248 14.68 -19.79 0.64
N GLN G 249 14.90 -18.49 0.91
CA GLN G 249 16.21 -17.95 1.25
C GLN G 249 16.06 -17.04 2.45
N PRO G 250 15.85 -17.61 3.64
CA PRO G 250 15.61 -16.77 4.82
C PRO G 250 16.80 -15.86 5.12
N GLY G 251 16.48 -14.66 5.59
CA GLY G 251 17.49 -13.72 6.03
C GLY G 251 18.15 -12.92 4.93
N THR G 252 17.73 -13.10 3.67
CA THR G 252 18.36 -12.35 2.58
C THR G 252 18.14 -10.85 2.75
N SER G 253 16.92 -10.44 3.07
CA SER G 253 16.65 -9.02 3.29
C SER G 253 17.24 -8.53 4.61
N LEU G 254 17.25 -9.38 5.63
CA LEU G 254 17.81 -8.98 6.92
C LEU G 254 19.30 -8.68 6.79
N ALA G 255 20.03 -9.49 6.04
CA ALA G 255 21.45 -9.22 5.83
C ALA G 255 21.65 -7.89 5.12
N LYS G 256 20.83 -7.61 4.11
CA LYS G 256 20.91 -6.32 3.43
C LYS G 256 20.61 -5.17 4.39
N ALA G 257 19.61 -5.34 5.26
CA ALA G 257 19.27 -4.33 6.25
C ALA G 257 20.26 -4.26 7.39
N LYS G 258 21.16 -5.23 7.51
CA LYS G 258 22.20 -5.22 8.54
C LYS G 258 23.55 -4.77 8.01
N ARG G 259 23.82 -4.97 6.72
CA ARG G 259 25.05 -4.44 6.14
C ARG G 259 25.09 -2.92 6.25
N LEU G 260 23.95 -2.28 5.97
CA LEU G 260 23.76 -0.86 6.26
C LEU G 260 22.94 -0.73 7.53
N ASN G 261 23.30 0.23 8.38
CA ASN G 261 22.68 0.37 9.69
C ASN G 261 21.27 0.94 9.50
N LEU G 262 20.35 0.04 9.14
CA LEU G 262 18.96 0.38 8.93
C LEU G 262 18.07 -0.45 9.86
N ALA G 263 17.06 0.19 10.44
CA ALA G 263 16.14 -0.53 11.30
C ALA G 263 15.28 -1.49 10.49
N THR G 264 14.82 -2.55 11.16
CA THR G 264 13.99 -3.57 10.53
C THR G 264 12.76 -3.79 11.38
N GLU G 265 11.70 -4.26 10.73
CA GLU G 265 10.43 -4.51 11.41
C GLU G 265 9.69 -5.64 10.70
N CYS G 266 8.79 -6.28 11.44
CA CYS G 266 7.98 -7.38 10.93
C CYS G 266 6.54 -7.17 11.34
N LEU G 267 5.62 -7.66 10.51
CA LEU G 267 4.21 -7.53 10.79
C LEU G 267 3.82 -8.37 12.01
N PRO G 268 2.87 -7.90 12.82
CA PRO G 268 2.44 -8.67 14.00
C PRO G 268 1.44 -9.78 13.64
N LEU G 269 1.87 -10.69 12.76
CA LEU G 269 1.00 -11.77 12.33
C LEU G 269 0.65 -12.69 13.49
N ASP G 270 1.67 -13.14 14.24
CA ASP G 270 1.43 -14.04 15.36
C ASP G 270 0.65 -13.36 16.47
N LYS G 271 0.84 -12.05 16.66
CA LYS G 271 0.17 -11.34 17.73
C LYS G 271 -1.35 -11.37 17.55
N TYR G 272 -1.82 -11.18 16.33
CA TYR G 272 -3.25 -11.04 16.06
C TYR G 272 -3.86 -12.24 15.36
N LEU G 273 -3.11 -12.99 14.57
CA LEU G 273 -3.65 -14.04 13.72
C LEU G 273 -3.20 -15.40 14.24
N GLN G 274 -4.12 -16.36 14.17
CA GLN G 274 -3.84 -17.75 14.59
C GLN G 274 -3.24 -18.51 13.41
N TRP G 275 -1.97 -18.22 13.14
CA TRP G 275 -1.28 -18.84 12.02
C TRP G 275 -1.25 -20.35 12.18
N GLU G 276 -1.64 -21.05 11.11
CA GLU G 276 -1.64 -22.51 11.12
C GLU G 276 -0.91 -23.13 9.94
N ILE G 277 -0.99 -22.51 8.76
CA ILE G 277 -0.46 -23.12 7.54
C ILE G 277 0.21 -22.04 6.71
N GLY G 278 1.26 -22.43 5.99
CA GLY G 278 1.93 -21.57 5.04
C GLY G 278 3.07 -20.78 5.66
N ASN G 279 3.79 -20.07 4.80
CA ASN G 279 4.93 -19.26 5.21
C ASN G 279 4.47 -17.84 5.51
N LYS G 280 5.19 -17.18 6.41
CA LYS G 280 4.81 -15.85 6.88
C LYS G 280 5.24 -14.74 5.93
N ASN G 281 5.97 -15.05 4.86
CA ASN G 281 6.38 -14.04 3.89
C ASN G 281 5.24 -13.78 2.92
N LEU G 282 4.54 -12.68 3.11
CA LEU G 282 3.39 -12.34 2.27
C LEU G 282 3.83 -11.75 0.94
N THR G 283 2.92 -11.75 -0.01
CA THR G 283 3.22 -11.25 -1.36
C THR G 283 3.33 -9.73 -1.34
N LEU G 284 3.96 -9.20 -2.40
CA LEU G 284 4.13 -7.75 -2.49
C LEU G 284 2.79 -7.04 -2.58
N ASP G 285 1.87 -7.56 -3.38
CA ASP G 285 0.55 -6.94 -3.51
C ASP G 285 -0.18 -6.94 -2.16
N GLN G 286 -0.12 -8.05 -1.43
CA GLN G 286 -0.70 -8.09 -0.10
C GLN G 286 0.03 -7.13 0.85
N MET G 287 1.35 -7.06 0.74
CA MET G 287 2.11 -6.20 1.64
C MET G 287 1.72 -4.75 1.48
N ILE G 288 1.67 -4.25 0.24
CA ILE G 288 1.32 -2.86 0.00
C ILE G 288 -0.13 -2.61 0.40
N ARG G 289 -1.02 -3.58 0.13
CA ARG G 289 -2.41 -3.43 0.53
C ARG G 289 -2.55 -3.35 2.05
N ILE G 290 -1.76 -4.14 2.78
CA ILE G 290 -1.78 -4.06 4.24
C ILE G 290 -1.32 -2.69 4.70
N LEU G 291 -0.23 -2.19 4.13
CA LEU G 291 0.27 -0.87 4.51
C LEU G 291 -0.72 0.22 4.11
N LEU G 292 -1.34 0.08 2.94
CA LEU G 292 -2.29 1.10 2.50
C LEU G 292 -3.45 1.23 3.47
N CYS G 293 -3.99 0.10 3.94
CA CYS G 293 -5.08 0.15 4.92
C CYS G 293 -4.61 0.78 6.22
N LEU G 294 -3.40 0.43 6.67
CA LEU G 294 -2.89 1.01 7.91
C LEU G 294 -2.71 2.52 7.78
N LYS G 295 -2.21 2.98 6.63
CA LYS G 295 -2.01 4.41 6.43
C LYS G 295 -3.32 5.18 6.38
N ASN G 296 -4.44 4.50 6.14
CA ASN G 296 -5.76 5.14 6.08
C ASN G 296 -6.52 5.00 7.39
N ASN G 297 -5.81 5.01 8.51
CA ASN G 297 -6.35 4.93 9.86
C ASN G 297 -6.96 3.57 10.17
N GLY G 298 -6.89 2.61 9.26
CA GLY G 298 -7.43 1.30 9.54
C GLY G 298 -6.64 0.59 10.62
N ASN G 299 -7.35 -0.19 11.42
CA ASN G 299 -6.74 -0.94 12.51
C ASN G 299 -6.28 -2.30 12.00
N TRP G 300 -5.67 -3.09 12.90
CA TRP G 300 -5.13 -4.38 12.50
C TRP G 300 -6.22 -5.34 12.04
N GLN G 301 -7.45 -5.16 12.52
CA GLN G 301 -8.54 -6.01 12.07
C GLN G 301 -8.76 -5.88 10.57
N GLU G 302 -8.85 -4.64 10.08
CA GLU G 302 -9.06 -4.41 8.65
C GLU G 302 -7.77 -4.63 7.86
N ALA G 303 -6.63 -4.18 8.39
CA ALA G 303 -5.39 -4.25 7.64
C ALA G 303 -4.99 -5.69 7.34
N LEU G 304 -5.18 -6.58 8.30
CA LEU G 304 -4.74 -7.97 8.16
C LEU G 304 -5.77 -8.85 7.46
N GLN G 305 -6.86 -8.26 6.95
CA GLN G 305 -7.80 -9.03 6.14
C GLN G 305 -7.14 -9.54 4.87
N PHE G 306 -6.23 -8.76 4.30
CA PHE G 306 -5.60 -9.12 3.03
C PHE G 306 -4.68 -10.34 3.15
N VAL G 307 -4.31 -10.74 4.36
CA VAL G 307 -3.53 -11.97 4.51
C VAL G 307 -4.39 -13.15 4.02
N PRO G 308 -3.84 -14.10 3.27
CA PRO G 308 -4.68 -15.20 2.77
C PRO G 308 -5.37 -15.93 3.90
N LYS G 309 -6.65 -16.24 3.70
CA LYS G 309 -7.43 -16.90 4.73
C LYS G 309 -6.95 -18.32 4.97
N ARG G 310 -6.42 -18.98 3.95
CA ARG G 310 -5.91 -20.33 4.09
C ARG G 310 -4.74 -20.41 5.06
N LYS G 311 -4.05 -19.31 5.31
CA LYS G 311 -2.88 -19.31 6.19
C LYS G 311 -3.27 -19.34 7.68
N HIS G 312 -4.41 -18.76 8.04
CA HIS G 312 -4.77 -18.56 9.44
C HIS G 312 -6.21 -19.03 9.67
N THR G 313 -6.45 -19.58 10.84
CA THR G 313 -7.79 -20.02 11.25
C THR G 313 -8.45 -19.00 12.16
N GLY G 314 -8.71 -17.82 11.61
CA GLY G 314 -9.45 -16.78 12.29
C GLY G 314 -8.55 -15.63 12.74
N PHE G 315 -9.20 -14.68 13.40
CA PHE G 315 -8.54 -13.47 13.87
C PHE G 315 -8.84 -13.27 15.36
N LEU G 316 -7.85 -12.74 16.08
CA LEU G 316 -8.02 -12.43 17.50
C LEU G 316 -6.89 -11.53 17.97
ZN ZN H . 10.20 -41.41 35.65
ZN ZN I . 13.07 -40.44 33.57
PG GTP J . 23.35 -28.99 13.76
O1G GTP J . 24.70 -29.64 13.65
O2G GTP J . 22.65 -29.49 15.05
O3G GTP J . 22.51 -29.34 12.54
O3B GTP J . 23.54 -27.37 13.85
PB GTP J . 23.18 -26.48 15.20
O1B GTP J . 24.14 -26.83 16.29
O2B GTP J . 23.28 -25.00 14.87
O3A GTP J . 21.61 -26.84 15.69
PA GTP J . 20.30 -27.00 14.63
O1A GTP J . 20.83 -27.33 13.22
O2A GTP J . 19.53 -25.70 14.58
O5' GTP J . 19.31 -28.24 15.14
C5' GTP J . 18.81 -28.19 16.45
C4' GTP J . 18.98 -29.50 17.09
O4' GTP J . 18.80 -29.39 18.41
C3' GTP J . 17.84 -30.56 16.51
O3' GTP J . 18.46 -31.46 15.47
C2' GTP J . 17.45 -31.23 17.48
O2' GTP J . 18.30 -32.45 17.64
C1' GTP J . 17.63 -30.25 18.75
N9 GTP J . 16.55 -29.52 18.95
C8 GTP J . 16.46 -28.19 18.79
N7 GTP J . 15.17 -27.82 19.10
C5 GTP J . 14.48 -28.92 19.43
C6 GTP J . 13.04 -29.14 19.85
O6 GTP J . 12.30 -28.22 19.93
N1 GTP J . 12.57 -30.47 20.15
C2 GTP J . 13.48 -31.58 20.05
N2 GTP J . 13.02 -32.92 20.36
N3 GTP J . 14.87 -31.36 19.65
C4 GTP J . 15.34 -29.99 19.34
N SAM K . 12.08 -11.35 3.15
CA SAM K . 12.07 -12.52 2.28
C SAM K . 13.40 -13.25 2.34
O SAM K . 13.51 -14.39 1.90
OXT SAM K . 14.40 -12.72 2.82
CB SAM K . 11.76 -12.12 0.85
CG SAM K . 10.39 -12.56 0.36
SD SAM K . 9.03 -11.54 0.99
CE SAM K . 7.64 -12.40 0.21
C5' SAM K . 9.14 -10.09 -0.09
C4' SAM K . 9.12 -8.76 0.67
O4' SAM K . 7.89 -8.63 1.36
C3' SAM K . 10.24 -8.64 1.68
O3' SAM K . 11.23 -7.73 1.27
C2' SAM K . 9.60 -8.15 2.95
O2' SAM K . 10.07 -6.85 3.27
C1' SAM K . 8.10 -8.16 2.67
N9 SAM K . 7.43 -9.04 3.64
C8 SAM K . 6.96 -10.31 3.37
N7 SAM K . 6.42 -10.79 4.51
C5 SAM K . 6.55 -9.88 5.49
C6 SAM K . 6.17 -9.87 6.82
N6 SAM K . 5.55 -10.94 7.35
N1 SAM K . 6.44 -8.77 7.60
C2 SAM K . 7.08 -7.67 7.05
N3 SAM K . 7.44 -7.68 5.73
C4 SAM K . 7.18 -8.77 4.95
#